data_5LFC
#
_entry.id   5LFC
#
_cell.length_a   105.840
_cell.length_b   128.710
_cell.length_c   229.340
_cell.angle_alpha   90.000
_cell.angle_beta   90.000
_cell.angle_gamma   90.000
#
_symmetry.space_group_name_H-M   'P 21 21 21'
#
loop_
_entity.id
_entity.type
_entity.pdbx_description
1 polymer DsrV
2 non-polymer 'CALCIUM ION'
3 non-polymer GLYCEROL
4 water water
#
_entity_poly.entity_id   1
_entity_poly.type   'polypeptide(L)'
_entity_poly.pdbx_seq_one_letter_code
;MASFEKAPDSVPETITGGRYSLKDGYYVYLDKQGKQVVGPKNIDNHLQYFDETTGKQVKGDFRSVNGKRIYFNANLGYAD
DYTTDVAGKLVGYDSNGNQVKAGYVTNSQGKTYYFNNQGEAIIGLKTDNNKTQYFGPDGAQVKGAFQQVNGKNIYFDAQT
GYARQNVGFLDGTAKGFDEQGNQIKSGIATDLSGNVYYFDASGKMLTGVQNIDGKKYYFDEQGHRRRNYAGVFNNEFIYF
GLDGVGQSAIEYQFEKGLTSQNSVATSHNAAKSYDTKSFTNVDGFLTANSWYRPTDILRNGTKWEPSTETDFRPLLMTWW
PDKEVQANYLNYMSALGLGDQKIYTGASSQLDLNNAALIVQEAIEKKISLEKSTKWLDDSIKSFIKSKRKDIQGNLVDTN
PGWTIDSETGSTNHLQNGAFIFTNSPLVPEANAAEGNRLINRTPSQQTGNHISYASQPYSGDDWGYELLLGNDVDNSNPI
VQAEQLNWIHYLMNFGTITAPQDPDAHLANFDSIRIDAVDNVDADLLQIAGDYFKAAYQVGENDKNANQHIHILEDWSPN
DVWYNQQVNGNSQLTMDATMQNQLLASLTRPITSRDSMKSFTKDALLVHRTADNSYNQAVPNYSFIRAHDSEVQTIIAKI
ISDKHPDLYPTVDKALLAKDSALYDEAFTEYNADMQKISSQKQYTHNNMPSAYAILLTNKDTVPRVYYGDLFTDNGEYMA
NKTPYYDAITSLLTARTKFVSGGQSLSVDKNDVLTSVRYGKGALSATDNGSSDTRNQGIGVIVSNNPNLDLNNDKVTLSM
GISHAHQAYRPLLLTNSQGIVAYATDSEVPQNLYKTTNDKGELTFDASEIKGYDTVQTSGYLAVWVPVGASDEQDARTIA
STEKNNGNSVYHSNAALDSQLIYEGFSNFQTVPSKNASADEYANVIIAKHAADFNKWGVTSFQMAPQYRSSTDGSFLDAV
DTVQNGYAFTDRYDLGFNAADGSKNPTKYGTDEDLRNAIKSLHAQKTYDGSSIQVMADFVPDQLYNMPLEQAVSVIRTDK
YGVNSENPDIQNIIYAANIKSSGTDYQSIYGGKYLAELQKNPLFKSLFDRIQISTKKTIDPNTRITQWSAKYFNGSNIQG
KGINYVLKDWASNKYFNVSSNDDMYSRLPKQLMNQESNTGFIVDDIGVKYYSISGYQAKNTFVEDGNGEWYYFDNDGYMV
KSTEESGPLRTVNASSKKYYILPNGVEIRNSFGQDIQGNTYYFDARGEMVTSQYISDDTQNIYYFNNDGTMAKKGGRADP
AFLYKVVHHHHHH
;
_entity_poly.pdbx_strand_id   A,B
#
# COMPACT_ATOMS: atom_id res chain seq x y z
N ASP A 128 -55.59 64.21 3.42
CA ASP A 128 -54.38 64.29 4.29
C ASP A 128 -53.54 65.54 3.96
N ASN A 129 -52.26 65.49 4.33
CA ASN A 129 -51.32 66.57 4.03
C ASN A 129 -50.15 65.95 3.33
N ASN A 130 -49.80 66.46 2.14
CA ASN A 130 -48.74 65.88 1.29
C ASN A 130 -49.12 64.52 0.71
N LYS A 131 -50.36 64.11 0.94
CA LYS A 131 -50.91 62.87 0.41
C LYS A 131 -52.35 63.15 0.02
N THR A 132 -52.78 62.55 -1.08
CA THR A 132 -54.15 62.69 -1.57
C THR A 132 -54.65 61.30 -1.88
N GLN A 133 -55.77 60.92 -1.26
CA GLN A 133 -56.31 59.57 -1.45
C GLN A 133 -57.79 59.62 -1.78
N TYR A 134 -58.23 58.60 -2.50
CA TYR A 134 -59.60 58.51 -2.99
C TYR A 134 -60.28 57.17 -2.66
N PHE A 135 -61.59 57.25 -2.42
CA PHE A 135 -62.45 56.11 -2.01
C PHE A 135 -63.59 55.95 -3.02
N GLY A 136 -64.07 54.72 -3.20
CA GLY A 136 -65.14 54.44 -4.18
C GLY A 136 -66.47 54.97 -3.68
N PRO A 137 -67.49 55.12 -4.56
CA PRO A 137 -68.87 55.43 -4.09
C PRO A 137 -69.50 54.29 -3.25
N ASP A 138 -68.79 53.93 -2.18
CA ASP A 138 -68.91 52.65 -1.45
C ASP A 138 -67.91 52.65 -0.30
N GLY A 139 -67.98 51.64 0.55
CA GLY A 139 -67.02 51.50 1.65
C GLY A 139 -65.57 51.46 1.24
N ALA A 140 -65.31 50.94 0.03
CA ALA A 140 -63.97 50.54 -0.42
C ALA A 140 -62.99 51.70 -0.65
N GLN A 141 -61.74 51.46 -0.26
CA GLN A 141 -60.66 52.44 -0.41
C GLN A 141 -60.20 52.70 -1.84
N VAL A 142 -60.27 51.69 -2.71
CA VAL A 142 -59.78 51.80 -4.11
C VAL A 142 -58.23 51.79 -4.26
N LYS A 143 -57.60 51.03 -3.40
CA LYS A 143 -56.18 50.79 -3.52
C LYS A 143 -55.82 50.05 -4.82
N GLY A 144 -54.75 50.51 -5.46
CA GLY A 144 -54.08 49.81 -6.59
C GLY A 144 -54.56 49.86 -8.03
N ALA A 145 -55.31 50.89 -8.38
CA ALA A 145 -55.84 51.00 -9.74
C ALA A 145 -55.99 52.47 -10.16
N PHE A 146 -56.17 52.66 -11.45
CA PHE A 146 -56.32 54.01 -12.00
C PHE A 146 -57.74 54.48 -11.78
N GLN A 147 -57.91 55.78 -11.60
CA GLN A 147 -59.24 56.40 -11.60
C GLN A 147 -59.20 57.89 -11.90
N GLN A 148 -60.30 58.38 -12.47
CA GLN A 148 -60.44 59.81 -12.85
C GLN A 148 -61.16 60.59 -11.77
N VAL A 149 -61.06 61.91 -11.91
CA VAL A 149 -61.75 62.85 -11.05
C VAL A 149 -62.31 64.02 -11.88
N ASN A 150 -61.46 64.64 -12.70
CA ASN A 150 -61.86 65.78 -13.53
C ASN A 150 -60.85 66.05 -14.66
N LYS A 152 -58.45 62.80 -13.55
CA LYS A 152 -57.33 62.99 -14.46
C LYS A 152 -56.38 61.76 -14.50
N ASN A 153 -56.96 60.56 -14.43
CA ASN A 153 -56.20 59.31 -14.36
C ASN A 153 -55.09 59.34 -13.31
N ILE A 154 -55.52 59.29 -12.05
CA ILE A 154 -54.61 59.20 -10.92
C ILE A 154 -54.50 57.74 -10.52
N TYR A 155 -53.30 57.18 -10.62
CA TYR A 155 -53.07 55.84 -10.09
C TYR A 155 -53.02 55.98 -8.58
N PHE A 156 -53.56 55.00 -7.88
CA PHE A 156 -53.37 54.87 -6.43
C PHE A 156 -52.67 53.55 -6.14
N ASP A 157 -51.67 53.58 -5.25
CA ASP A 157 -50.85 52.39 -4.94
C ASP A 157 -51.72 51.31 -4.30
N ALA A 158 -51.35 50.05 -4.49
CA ALA A 158 -52.11 48.91 -3.95
C ALA A 158 -52.04 48.76 -2.42
N GLN A 159 -50.92 49.24 -1.84
CA GLN A 159 -50.70 49.22 -0.38
C GLN A 159 -51.02 50.59 0.23
N THR A 160 -50.21 51.60 -0.09
CA THR A 160 -50.51 52.98 0.31
C THR A 160 -51.75 53.46 -0.42
N GLY A 161 -52.57 54.25 0.25
CA GLY A 161 -53.66 54.90 -0.42
C GLY A 161 -53.14 55.83 -1.51
N TYR A 162 -51.91 56.29 -1.31
CA TYR A 162 -51.36 57.45 -2.00
C TYR A 162 -51.33 57.38 -3.51
N ALA A 163 -51.57 58.54 -4.11
CA ALA A 163 -51.54 58.71 -5.54
C ALA A 163 -50.09 58.61 -5.95
N ARG A 164 -49.81 57.73 -6.90
CA ARG A 164 -48.46 57.59 -7.45
C ARG A 164 -48.43 57.98 -8.92
N GLN A 165 -47.22 58.28 -9.39
CA GLN A 165 -46.94 58.38 -10.81
C GLN A 165 -46.92 56.95 -11.37
N ASN A 166 -47.56 56.77 -12.53
CA ASN A 166 -47.56 55.46 -13.19
C ASN A 166 -47.75 55.59 -14.70
N VAL A 167 -47.56 54.48 -15.40
CA VAL A 167 -47.77 54.42 -16.86
C VAL A 167 -48.89 53.43 -17.17
N GLY A 168 -49.99 53.97 -17.69
CA GLY A 168 -51.19 53.17 -18.00
C GLY A 168 -51.25 52.73 -19.46
N PHE A 169 -51.51 51.44 -19.66
CA PHE A 169 -51.67 50.86 -21.00
C PHE A 169 -53.12 50.81 -21.50
N LEU A 170 -54.04 51.15 -20.61
CA LEU A 170 -55.46 51.20 -20.97
C LEU A 170 -55.58 52.22 -22.09
N ASP A 171 -56.61 52.02 -22.94
CA ASP A 171 -56.89 52.90 -24.07
C ASP A 171 -55.69 52.78 -25.05
N GLY A 172 -55.23 53.91 -25.59
CA GLY A 172 -54.07 53.91 -26.46
C GLY A 172 -52.92 53.32 -25.64
N THR A 173 -52.11 52.50 -26.28
CA THR A 173 -51.05 51.84 -25.55
C THR A 173 -50.04 52.89 -25.06
N ALA A 174 -49.47 52.69 -23.87
CA ALA A 174 -48.33 53.46 -23.37
C ALA A 174 -48.61 54.91 -22.91
N LYS A 175 -49.82 55.21 -22.45
CA LYS A 175 -50.05 56.56 -21.90
C LYS A 175 -49.31 56.71 -20.55
N GLY A 176 -48.84 57.92 -20.24
CA GLY A 176 -48.13 58.22 -18.97
C GLY A 176 -48.76 59.32 -18.11
N PHE A 177 -48.73 59.16 -16.78
CA PHE A 177 -49.44 60.06 -15.85
C PHE A 177 -48.64 60.34 -14.57
N ASP A 178 -48.71 61.57 -14.07
CA ASP A 178 -48.01 61.97 -12.83
C ASP A 178 -48.93 61.87 -11.59
N GLU A 179 -48.35 62.15 -10.42
CA GLU A 179 -49.07 62.02 -9.15
C GLU A 179 -50.29 62.94 -9.03
N GLN A 180 -50.11 64.20 -9.42
CA GLN A 180 -51.19 65.18 -9.41
C GLN A 180 -52.27 64.77 -10.39
N GLY A 181 -51.92 63.90 -11.23
CA GLY A 181 -52.83 63.47 -12.26
C GLY A 181 -52.55 64.28 -13.50
N ASN A 182 -53.07 63.77 -14.60
CA ASN A 182 -52.86 64.36 -15.91
C ASN A 182 -51.68 63.74 -16.65
N GLN A 183 -51.78 63.76 -17.98
CA GLN A 183 -50.82 63.06 -18.82
C GLN A 183 -49.46 63.72 -18.76
N ILE A 184 -48.43 62.90 -18.89
CA ILE A 184 -47.05 63.37 -18.95
C ILE A 184 -46.67 63.57 -20.39
N LYS A 185 -46.28 64.80 -20.71
CA LYS A 185 -45.86 65.17 -22.06
C LYS A 185 -44.42 65.65 -22.06
N SER A 186 -43.63 65.16 -23.01
CA SER A 186 -42.23 65.59 -23.20
C SER A 186 -41.31 65.34 -21.98
N GLY A 187 -41.70 64.39 -21.13
CA GLY A 187 -40.90 64.13 -19.93
C GLY A 187 -40.71 62.67 -19.61
N ILE A 188 -39.68 62.40 -18.82
CA ILE A 188 -39.46 61.07 -18.33
C ILE A 188 -40.65 60.68 -17.45
N ALA A 189 -41.01 59.41 -17.45
CA ALA A 189 -42.02 58.88 -16.56
C ALA A 189 -41.63 57.49 -16.08
N THR A 190 -41.80 57.22 -14.79
CA THR A 190 -41.33 55.99 -14.18
C THR A 190 -42.48 55.10 -13.69
N ASP A 191 -42.24 53.81 -13.81
CA ASP A 191 -43.23 52.76 -13.69
C ASP A 191 -43.11 52.14 -12.29
N LEU A 192 -44.14 51.44 -11.84
CA LEU A 192 -44.10 50.74 -10.55
C LEU A 192 -42.96 49.75 -10.46
N SER A 193 -42.69 49.07 -11.56
CA SER A 193 -41.59 48.11 -11.62
C SER A 193 -40.22 48.79 -11.61
N GLY A 194 -40.17 50.02 -12.12
CA GLY A 194 -38.92 50.80 -12.22
C GLY A 194 -38.54 51.15 -13.64
N ASN A 195 -39.32 50.66 -14.61
CA ASN A 195 -39.09 50.92 -16.02
C ASN A 195 -39.22 52.37 -16.31
N VAL A 196 -38.32 52.90 -17.13
CA VAL A 196 -38.28 54.33 -17.39
C VAL A 196 -38.66 54.59 -18.83
N TYR A 197 -39.80 55.23 -19.03
CA TYR A 197 -40.31 55.58 -20.37
C TYR A 197 -40.01 57.03 -20.65
N TYR A 198 -39.84 57.39 -21.91
CA TYR A 198 -39.77 58.80 -22.28
C TYR A 198 -40.78 59.09 -23.36
N PHE A 199 -41.56 60.15 -23.15
CA PHE A 199 -42.63 60.55 -24.06
C PHE A 199 -42.27 61.82 -24.81
N ASP A 200 -42.94 62.04 -25.94
CA ASP A 200 -42.83 63.30 -26.67
C ASP A 200 -44.05 64.15 -26.33
N ALA A 201 -44.05 65.40 -26.79
CA ALA A 201 -45.27 66.23 -26.72
C ALA A 201 -46.34 65.54 -27.57
N SER A 202 -47.56 65.46 -27.04
CA SER A 202 -48.62 64.59 -27.60
C SER A 202 -48.75 63.21 -26.90
N GLY A 203 -47.87 62.93 -25.93
CA GLY A 203 -48.07 61.79 -25.05
C GLY A 203 -47.66 60.43 -25.54
N LYS A 204 -47.25 60.33 -26.80
CA LYS A 204 -46.76 59.05 -27.35
C LYS A 204 -45.32 58.81 -26.90
N MET A 205 -45.00 57.55 -26.61
CA MET A 205 -43.67 57.18 -26.13
C MET A 205 -42.65 57.14 -27.25
N LEU A 206 -41.39 57.18 -26.85
CA LEU A 206 -40.28 57.12 -27.80
C LEU A 206 -39.53 55.79 -27.68
N THR A 207 -39.05 55.33 -28.84
CA THR A 207 -38.27 54.09 -28.98
C THR A 207 -36.99 54.38 -29.75
N GLY A 208 -36.07 53.43 -29.74
CA GLY A 208 -34.80 53.58 -30.43
C GLY A 208 -33.85 54.46 -29.63
N VAL A 209 -32.86 55.01 -30.31
CA VAL A 209 -31.86 55.87 -29.66
C VAL A 209 -32.39 57.30 -29.57
N GLN A 210 -32.22 57.90 -28.40
CA GLN A 210 -32.69 59.24 -28.13
C GLN A 210 -31.63 60.06 -27.41
N ASN A 211 -31.53 61.34 -27.77
CA ASN A 211 -30.67 62.31 -27.07
C ASN A 211 -31.49 63.14 -26.07
N ILE A 212 -31.34 62.84 -24.79
CA ILE A 212 -32.03 63.58 -23.73
C ILE A 212 -30.95 64.30 -22.94
N ASP A 213 -30.92 65.63 -23.08
CA ASP A 213 -29.95 66.48 -22.38
C ASP A 213 -28.52 66.13 -22.76
N GLY A 214 -28.23 66.28 -24.05
CA GLY A 214 -26.91 65.98 -24.61
C GLY A 214 -26.32 64.68 -24.08
N LYS A 215 -27.15 63.63 -24.10
CA LYS A 215 -26.77 62.30 -23.62
C LYS A 215 -27.60 61.30 -24.41
N LYS A 216 -26.96 60.25 -24.92
CA LYS A 216 -27.65 59.24 -25.72
C LYS A 216 -28.23 58.19 -24.78
N TYR A 217 -29.46 57.76 -25.06
CA TYR A 217 -30.15 56.76 -24.26
C TYR A 217 -30.82 55.77 -25.22
N TYR A 218 -30.85 54.49 -24.87
CA TYR A 218 -31.54 53.51 -25.71
C TYR A 218 -32.87 53.07 -25.11
N PHE A 219 -33.92 53.20 -25.92
CA PHE A 219 -35.26 52.70 -25.60
C PHE A 219 -35.65 51.53 -26.49
N ASP A 220 -35.97 50.39 -25.90
CA ASP A 220 -36.36 49.21 -26.67
C ASP A 220 -37.72 49.43 -27.30
N GLU A 221 -38.23 48.41 -27.97
CA GLU A 221 -39.50 48.51 -28.68
C GLU A 221 -40.68 48.49 -27.73
N GLN A 222 -40.37 48.27 -26.45
CA GLN A 222 -41.35 48.32 -25.38
C GLN A 222 -41.39 49.70 -24.73
N GLY A 223 -40.49 50.58 -25.16
CA GLY A 223 -40.36 51.94 -24.63
C GLY A 223 -39.58 52.06 -23.34
N HIS A 224 -38.89 51.01 -22.92
CA HIS A 224 -38.09 51.04 -21.69
C HIS A 224 -36.72 51.55 -21.98
N ARG A 225 -36.20 52.41 -21.11
CA ARG A 225 -34.83 52.86 -21.21
C ARG A 225 -34.00 51.76 -20.64
N ARG A 226 -32.83 51.53 -21.23
CA ARG A 226 -32.04 50.32 -20.95
C ARG A 226 -30.58 50.58 -20.66
N ARG A 227 -30.02 49.76 -19.77
CA ARG A 227 -28.64 49.87 -19.35
C ARG A 227 -27.86 48.60 -19.69
N ASN A 228 -26.54 48.72 -19.77
CA ASN A 228 -25.71 47.60 -20.17
C ASN A 228 -26.21 46.94 -21.45
N TYR A 229 -26.28 47.75 -22.49
CA TYR A 229 -26.76 47.35 -23.81
C TYR A 229 -25.77 47.84 -24.86
N ALA A 230 -25.29 46.94 -25.71
CA ALA A 230 -24.34 47.30 -26.76
C ALA A 230 -24.94 47.08 -28.13
N GLY A 231 -24.51 47.86 -29.12
CA GLY A 231 -24.96 47.64 -30.50
C GLY A 231 -24.64 48.73 -31.50
N VAL A 232 -24.68 48.36 -32.77
CA VAL A 232 -24.53 49.32 -33.85
C VAL A 232 -25.89 49.95 -34.09
N PHE A 233 -25.99 51.25 -33.85
CA PHE A 233 -27.23 52.00 -34.08
C PHE A 233 -26.95 53.17 -35.02
N ASN A 234 -27.75 53.27 -36.09
CA ASN A 234 -27.52 54.27 -37.12
C ASN A 234 -26.02 54.37 -37.41
N ASN A 235 -25.46 53.24 -37.78
CA ASN A 235 -24.03 53.12 -38.05
C ASN A 235 -23.12 53.73 -36.96
N GLU A 236 -23.39 53.42 -35.69
CA GLU A 236 -22.52 53.85 -34.60
C GLU A 236 -22.49 52.87 -33.46
N PHE A 237 -21.30 52.44 -33.08
CA PHE A 237 -21.22 51.42 -32.06
C PHE A 237 -21.27 52.09 -30.71
N ILE A 238 -22.36 51.85 -30.00
CA ILE A 238 -22.62 52.45 -28.70
C ILE A 238 -22.73 51.38 -27.64
N TYR A 239 -22.28 51.69 -26.43
CA TYR A 239 -22.51 50.83 -25.26
C TYR A 239 -23.14 51.66 -24.15
N PHE A 240 -24.38 51.35 -23.81
CA PHE A 240 -25.07 52.05 -22.76
C PHE A 240 -24.74 51.36 -21.45
N GLY A 241 -24.06 52.05 -20.56
CA GLY A 241 -23.65 51.46 -19.28
C GLY A 241 -24.75 51.44 -18.21
N LEU A 242 -24.36 51.19 -16.97
CA LEU A 242 -25.27 51.14 -15.81
C LEU A 242 -26.14 52.39 -15.70
N ASP A 243 -25.57 53.52 -16.08
CA ASP A 243 -26.27 54.79 -16.21
C ASP A 243 -27.52 54.68 -17.08
N GLY A 244 -27.34 54.03 -18.23
CA GLY A 244 -28.27 54.17 -19.35
C GLY A 244 -27.65 55.03 -20.44
N VAL A 245 -26.45 55.53 -20.18
CA VAL A 245 -25.78 56.53 -21.01
C VAL A 245 -24.79 55.92 -22.02
N GLY A 246 -24.92 56.34 -23.28
CA GLY A 246 -24.12 55.81 -24.36
C GLY A 246 -22.67 56.23 -24.29
N GLN A 247 -21.77 55.27 -24.52
CA GLN A 247 -20.35 55.53 -24.65
C GLN A 247 -19.94 55.11 -26.05
N SER A 248 -18.88 55.70 -26.59
CA SER A 248 -18.44 55.31 -27.92
C SER A 248 -17.59 54.07 -27.77
N ALA A 249 -18.02 52.99 -28.41
CA ALA A 249 -17.28 51.73 -28.38
C ALA A 249 -16.06 51.73 -29.30
N ILE A 250 -15.79 52.86 -29.96
CA ILE A 250 -14.56 53.00 -30.72
C ILE A 250 -13.43 53.46 -29.82
N GLU A 251 -13.74 54.40 -28.94
CA GLU A 251 -12.74 55.02 -28.07
C GLU A 251 -12.18 54.10 -27.00
N TYR A 252 -10.85 54.03 -26.94
CA TYR A 252 -10.20 53.24 -25.92
C TYR A 252 -10.61 53.70 -24.53
N GLN A 253 -10.78 52.73 -23.65
CA GLN A 253 -11.29 52.94 -22.31
C GLN A 253 -10.25 52.73 -21.23
N PHE A 254 -8.98 52.64 -21.60
CA PHE A 254 -7.91 52.34 -20.66
C PHE A 254 -6.87 53.43 -20.72
N GLU A 255 -6.04 53.55 -19.69
CA GLU A 255 -4.97 54.51 -19.80
C GLU A 255 -3.94 54.05 -20.82
N LYS A 256 -3.76 54.84 -21.87
CA LYS A 256 -2.67 54.60 -22.82
C LYS A 256 -1.37 54.97 -22.15
N GLY A 257 -0.40 54.08 -22.17
CA GLY A 257 0.90 54.38 -21.63
C GLY A 257 1.43 53.26 -20.76
N LEU A 258 2.74 53.06 -20.81
CA LEU A 258 3.42 52.16 -19.90
C LEU A 258 4.09 52.98 -18.81
N THR A 259 4.53 52.31 -17.75
CA THR A 259 5.19 52.96 -16.60
C THR A 259 6.30 52.06 -16.10
N SER A 260 7.54 52.56 -16.10
CA SER A 260 8.64 51.68 -15.69
C SER A 260 8.57 51.42 -14.19
N GLN A 261 8.83 50.18 -13.84
CA GLN A 261 8.90 49.73 -12.47
C GLN A 261 10.36 49.72 -11.99
N ASN A 262 11.24 50.30 -12.79
CA ASN A 262 12.62 50.49 -12.39
C ASN A 262 12.76 51.82 -11.67
N SER A 263 13.40 51.79 -10.51
CA SER A 263 13.60 52.95 -9.66
C SER A 263 15.08 53.03 -9.36
N VAL A 264 15.53 54.08 -8.68
CA VAL A 264 16.91 54.08 -8.19
C VAL A 264 17.14 52.95 -7.18
N ALA A 265 16.06 52.64 -6.43
CA ALA A 265 16.07 51.62 -5.38
C ALA A 265 15.93 50.19 -5.87
N THR A 266 15.45 49.99 -7.09
CA THR A 266 15.14 48.62 -7.53
C THR A 266 16.37 47.74 -7.58
N SER A 267 17.52 48.33 -7.88
CA SER A 267 18.79 47.63 -7.82
C SER A 267 19.04 47.08 -6.43
N HIS A 268 18.69 47.86 -5.41
CA HIS A 268 18.94 47.50 -4.01
C HIS A 268 17.88 46.55 -3.46
N ASN A 269 16.63 46.78 -3.82
CA ASN A 269 15.52 45.97 -3.28
C ASN A 269 15.34 44.64 -4.00
N ALA A 270 15.93 44.52 -5.19
CA ALA A 270 15.95 43.24 -5.90
C ALA A 270 16.46 42.14 -5.01
N ALA A 271 15.94 40.93 -5.23
CA ALA A 271 16.25 39.78 -4.38
C ALA A 271 17.72 39.40 -4.41
N LYS A 272 18.23 38.91 -3.28
CA LYS A 272 19.63 38.51 -3.16
C LYS A 272 19.93 37.42 -4.14
N SER A 273 19.07 36.42 -4.16
CA SER A 273 19.06 35.39 -5.21
C SER A 273 17.63 35.06 -5.55
N TYR A 274 17.43 34.21 -6.57
CA TYR A 274 16.10 33.88 -7.06
C TYR A 274 15.72 32.43 -6.79
N ASP A 275 16.17 31.89 -5.66
CA ASP A 275 15.87 30.51 -5.28
C ASP A 275 15.43 30.40 -3.81
N THR A 276 15.11 29.18 -3.39
CA THR A 276 14.55 28.92 -2.06
C THR A 276 15.26 29.62 -0.88
N LYS A 277 16.58 29.80 -0.98
CA LYS A 277 17.35 30.45 0.08
C LYS A 277 16.74 31.76 0.48
N SER A 278 16.41 32.56 -0.53
CA SER A 278 16.12 33.99 -0.35
C SER A 278 14.65 34.30 -0.15
N PHE A 279 13.82 33.26 -0.11
CA PHE A 279 12.39 33.43 0.08
C PHE A 279 11.82 32.44 1.08
N THR A 280 10.93 32.93 1.93
CA THR A 280 10.07 32.06 2.70
C THR A 280 8.95 31.64 1.76
N ASN A 281 8.67 30.35 1.73
CA ASN A 281 7.84 29.78 0.71
C ASN A 281 7.04 28.58 1.21
N VAL A 282 5.97 28.28 0.49
CA VAL A 282 5.19 27.05 0.64
C VAL A 282 5.48 26.16 -0.59
N ASP A 283 6.22 25.08 -0.39
CA ASP A 283 6.65 24.18 -1.49
C ASP A 283 7.14 24.92 -2.73
N GLY A 284 7.90 26.01 -2.55
CA GLY A 284 8.34 26.82 -3.66
C GLY A 284 7.46 28.01 -3.98
N PHE A 285 6.18 27.95 -3.60
CA PHE A 285 5.20 29.00 -3.92
C PHE A 285 5.36 30.16 -2.97
N LEU A 286 4.85 31.33 -3.35
CA LEU A 286 4.88 32.52 -2.50
C LEU A 286 3.47 32.89 -2.12
N THR A 287 3.28 33.37 -0.90
CA THR A 287 2.00 33.90 -0.46
C THR A 287 2.14 35.39 -0.15
N ALA A 288 1.03 36.02 0.27
CA ALA A 288 1.03 37.42 0.69
C ALA A 288 1.85 37.61 1.96
N ASN A 289 2.10 36.53 2.68
CA ASN A 289 2.96 36.59 3.86
C ASN A 289 4.37 36.11 3.62
N SER A 290 4.77 36.03 2.35
CA SER A 290 6.15 35.72 2.05
C SER A 290 7.04 36.88 2.44
N TRP A 291 8.18 36.54 3.04
CA TRP A 291 9.27 37.45 3.36
C TRP A 291 10.43 37.04 2.48
N TYR A 292 11.28 37.99 2.11
CA TYR A 292 12.41 37.69 1.23
C TYR A 292 13.65 38.44 1.68
N ARG A 293 14.78 38.08 1.10
CA ARG A 293 16.05 38.74 1.39
C ARG A 293 16.45 39.59 0.21
N PRO A 294 16.47 40.91 0.37
CA PRO A 294 16.89 41.76 -0.74
C PRO A 294 18.39 41.86 -0.74
N THR A 295 18.96 42.44 -1.80
CA THR A 295 20.42 42.54 -1.88
C THR A 295 20.95 43.58 -0.89
N ASP A 296 20.21 44.67 -0.68
CA ASP A 296 20.59 45.69 0.31
C ASP A 296 19.44 46.07 1.26
N ILE A 297 19.84 46.50 2.45
CA ILE A 297 18.92 47.01 3.44
C ILE A 297 19.12 48.50 3.59
N LEU A 298 18.02 49.26 3.52
CA LEU A 298 18.09 50.69 3.76
C LEU A 298 18.14 50.91 5.27
N ARG A 299 19.35 50.83 5.82
CA ARG A 299 19.50 50.63 7.27
C ARG A 299 19.26 51.89 8.04
N ASN A 300 18.34 51.80 9.00
CA ASN A 300 17.81 52.96 9.70
C ASN A 300 17.39 54.06 8.71
N GLY A 301 16.88 53.61 7.58
CA GLY A 301 16.41 54.47 6.50
C GLY A 301 17.38 55.49 5.96
N THR A 302 18.69 55.28 6.11
CA THR A 302 19.68 56.29 5.71
C THR A 302 20.94 55.79 5.01
N LYS A 303 21.11 54.47 4.86
CA LYS A 303 22.40 53.90 4.43
C LYS A 303 22.20 52.52 3.84
N TRP A 304 22.38 52.39 2.53
CA TRP A 304 22.26 51.08 1.86
C TRP A 304 23.44 50.19 2.25
N GLU A 305 23.16 49.20 3.10
CA GLU A 305 24.15 48.20 3.47
C GLU A 305 23.83 46.85 2.84
N PRO A 306 24.87 46.10 2.45
CA PRO A 306 24.74 44.73 2.06
C PRO A 306 24.00 43.95 3.12
N SER A 307 23.10 43.07 2.70
CA SER A 307 22.23 42.36 3.61
C SER A 307 22.93 41.14 4.20
N THR A 308 22.69 40.92 5.50
CA THR A 308 23.16 39.72 6.18
C THR A 308 22.20 38.58 5.89
N GLU A 309 22.45 37.43 6.50
CA GLU A 309 21.57 36.28 6.34
C GLU A 309 20.19 36.50 6.91
N THR A 310 20.10 37.14 8.08
CA THR A 310 18.81 37.38 8.75
C THR A 310 18.04 38.63 8.31
N ASP A 311 18.52 39.35 7.31
CA ASP A 311 17.82 40.53 6.81
C ASP A 311 16.65 40.23 5.86
N PHE A 312 15.62 39.57 6.36
CA PHE A 312 14.42 39.28 5.58
C PHE A 312 13.40 40.37 5.79
N ARG A 313 12.63 40.66 4.75
CA ARG A 313 11.64 41.72 4.76
C ARG A 313 10.37 41.22 4.06
N PRO A 314 9.20 41.72 4.49
CA PRO A 314 7.98 41.21 3.88
C PRO A 314 7.88 41.63 2.43
N LEU A 315 7.61 40.68 1.55
CA LEU A 315 7.53 40.90 0.12
C LEU A 315 6.64 42.08 -0.20
N LEU A 316 5.54 42.20 0.54
CA LEU A 316 4.59 43.31 0.36
C LEU A 316 5.18 44.72 0.60
N MET A 317 6.35 44.79 1.23
CA MET A 317 7.09 46.06 1.35
C MET A 317 7.53 46.63 0.02
N THR A 318 7.91 45.77 -0.92
CA THR A 318 8.47 46.21 -2.18
C THR A 318 7.71 45.74 -3.41
N TRP A 319 6.70 44.88 -3.25
CA TRP A 319 5.95 44.34 -4.42
C TRP A 319 4.51 44.08 -4.08
N TRP A 320 3.64 44.32 -5.05
CA TRP A 320 2.20 44.14 -4.91
C TRP A 320 1.62 43.52 -6.18
N PRO A 321 0.54 42.73 -6.06
CA PRO A 321 -0.02 41.99 -7.21
C PRO A 321 -0.91 42.80 -8.14
N ASP A 322 -1.26 44.03 -7.72
CA ASP A 322 -1.91 45.04 -8.55
C ASP A 322 -1.89 46.39 -7.83
N LYS A 323 -2.26 47.46 -8.54
CA LYS A 323 -2.21 48.80 -7.94
C LYS A 323 -3.19 48.98 -6.76
N GLU A 324 -4.36 48.36 -6.82
CA GLU A 324 -5.37 48.56 -5.76
C GLU A 324 -4.84 48.13 -4.39
N VAL A 325 -4.19 46.97 -4.36
CA VAL A 325 -3.62 46.45 -3.11
C VAL A 325 -2.47 47.33 -2.65
N GLN A 326 -1.64 47.75 -3.61
CA GLN A 326 -0.54 48.69 -3.33
C GLN A 326 -1.10 49.91 -2.63
N ALA A 327 -2.09 50.52 -3.28
CA ALA A 327 -2.78 51.70 -2.72
C ALA A 327 -3.26 51.48 -1.27
N ASN A 328 -3.93 50.36 -1.04
CA ASN A 328 -4.47 50.05 0.29
C ASN A 328 -3.36 49.81 1.32
N TYR A 329 -2.34 49.04 0.95
CA TYR A 329 -1.15 48.91 1.80
C TYR A 329 -0.54 50.28 2.24
N LEU A 330 -0.51 51.24 1.32
CA LEU A 330 0.06 52.54 1.62
C LEU A 330 -0.75 53.30 2.67
N ASN A 331 -2.05 53.30 2.50
CA ASN A 331 -2.94 54.00 3.42
C ASN A 331 -2.88 53.38 4.81
N TYR A 332 -2.77 52.04 4.82
CA TYR A 332 -2.72 51.27 6.06
C TYR A 332 -1.49 51.58 6.88
N MET A 333 -0.33 51.54 6.23
CA MET A 333 0.93 51.75 6.93
C MET A 333 1.06 53.19 7.39
N SER A 334 0.50 54.09 6.59
CA SER A 334 0.46 55.51 6.94
C SER A 334 -0.42 55.77 8.14
N ALA A 335 -1.48 54.98 8.22
CA ALA A 335 -2.32 54.96 9.40
C ALA A 335 -1.59 54.43 10.67
N LEU A 336 -0.46 53.73 10.50
CA LEU A 336 0.37 53.31 11.65
C LEU A 336 1.54 54.24 11.89
N GLY A 337 1.52 55.40 11.24
CA GLY A 337 2.58 56.38 11.40
C GLY A 337 3.82 56.08 10.61
N LEU A 338 3.73 55.07 9.75
CA LEU A 338 4.87 54.70 8.93
C LEU A 338 4.63 55.15 7.51
N GLY A 339 3.64 55.99 7.33
CA GLY A 339 3.29 56.39 5.99
C GLY A 339 3.02 57.87 5.78
N ASP A 340 2.71 58.13 4.52
CA ASP A 340 2.29 59.43 4.04
C ASP A 340 0.88 59.84 4.49
N GLN A 341 0.74 61.07 4.94
CA GLN A 341 -0.56 61.60 5.33
C GLN A 341 -1.53 61.78 4.13
N LYS A 342 -1.29 61.08 3.02
CA LYS A 342 -2.10 61.25 1.80
C LYS A 342 -2.81 59.97 1.36
N ILE A 343 -4.10 60.08 1.03
CA ILE A 343 -4.89 58.93 0.57
C ILE A 343 -4.70 58.60 -0.93
N TYR A 344 -4.45 57.30 -1.18
CA TYR A 344 -4.24 56.77 -2.54
C TYR A 344 -5.36 55.80 -2.86
N THR A 345 -5.49 55.50 -4.14
CA THR A 345 -6.45 54.53 -4.62
C THR A 345 -5.88 53.91 -5.87
N GLY A 346 -6.52 52.86 -6.36
CA GLY A 346 -6.15 52.26 -7.65
C GLY A 346 -6.26 53.28 -8.78
N ALA A 347 -7.16 54.24 -8.59
CA ALA A 347 -7.31 55.34 -9.53
C ALA A 347 -6.04 56.20 -9.57
N SER A 348 -5.35 56.30 -8.43
CA SER A 348 -4.10 57.06 -8.31
C SER A 348 -3.02 56.49 -9.22
N SER A 349 -2.08 57.35 -9.61
CA SER A 349 -1.07 57.00 -10.65
C SER A 349 -0.05 55.98 -10.15
N GLN A 350 0.51 55.22 -11.09
CA GLN A 350 1.45 54.13 -10.77
C GLN A 350 2.76 54.63 -10.16
N LEU A 351 3.26 55.72 -10.74
CA LEU A 351 4.51 56.32 -10.34
C LEU A 351 4.43 56.97 -8.94
N ASP A 352 3.25 57.50 -8.59
CA ASP A 352 3.04 58.06 -7.25
C ASP A 352 3.08 56.95 -6.21
N LEU A 353 2.36 55.87 -6.51
CA LEU A 353 2.28 54.74 -5.60
C LEU A 353 3.66 54.15 -5.30
N ASN A 354 4.49 54.01 -6.33
CA ASN A 354 5.86 53.51 -6.18
C ASN A 354 6.74 54.42 -5.30
N ASN A 355 6.70 55.72 -5.56
CA ASN A 355 7.47 56.70 -4.78
C ASN A 355 7.06 56.73 -3.31
N ALA A 356 5.76 56.61 -3.07
CA ALA A 356 5.20 56.61 -1.70
C ALA A 356 5.60 55.39 -0.90
N ALA A 357 5.73 54.27 -1.60
CA ALA A 357 6.18 53.03 -0.97
C ALA A 357 7.58 53.16 -0.43
N LEU A 358 8.41 53.95 -1.10
CA LEU A 358 9.78 54.19 -0.66
C LEU A 358 9.84 55.01 0.62
N ILE A 359 8.90 55.92 0.75
CA ILE A 359 8.79 56.73 1.96
C ILE A 359 8.38 55.84 3.13
N VAL A 360 7.45 54.94 2.85
CA VAL A 360 7.04 53.94 3.84
C VAL A 360 8.22 53.06 4.22
N GLN A 361 9.04 52.70 3.25
CA GLN A 361 10.18 51.81 3.51
C GLN A 361 11.18 52.43 4.46
N GLU A 362 11.51 53.71 4.26
CA GLU A 362 12.37 54.43 5.22
C GLU A 362 11.84 54.34 6.64
N ALA A 363 10.54 54.58 6.77
CA ALA A 363 9.87 54.60 8.04
C ALA A 363 9.97 53.21 8.69
N ILE A 364 9.73 52.17 7.89
CA ILE A 364 9.80 50.79 8.36
C ILE A 364 11.16 50.53 8.95
N GLU A 365 12.19 50.79 8.14
CA GLU A 365 13.56 50.42 8.50
C GLU A 365 14.06 51.15 9.75
N LYS A 366 13.63 52.39 9.94
CA LYS A 366 13.98 53.17 11.15
C LYS A 366 13.37 52.58 12.41
N LYS A 367 12.11 52.17 12.27
CA LYS A 367 11.39 51.45 13.33
C LYS A 367 12.10 50.13 13.69
N ILE A 368 12.54 49.40 12.67
CA ILE A 368 13.26 48.14 12.89
C ILE A 368 14.59 48.35 13.62
N SER A 369 15.32 49.37 13.21
CA SER A 369 16.57 49.74 13.88
C SER A 369 16.31 50.15 15.31
N LEU A 370 15.20 50.87 15.55
CA LEU A 370 14.80 51.30 16.90
C LEU A 370 14.40 50.10 17.79
N GLU A 371 13.54 49.24 17.28
CA GLU A 371 13.01 48.11 18.05
C GLU A 371 13.99 46.94 18.20
N LYS A 372 15.00 46.86 17.35
CA LYS A 372 15.89 45.69 17.24
C LYS A 372 15.09 44.41 17.02
N SER A 373 14.15 44.46 16.07
CA SER A 373 13.17 43.39 15.87
C SER A 373 12.33 43.63 14.60
N THR A 374 11.82 42.54 14.00
CA THR A 374 10.84 42.65 12.92
C THR A 374 9.52 41.97 13.22
N LYS A 375 9.35 41.50 14.45
CA LYS A 375 8.11 40.85 14.81
C LYS A 375 6.92 41.82 14.68
N TRP A 376 7.11 43.06 15.14
CA TRP A 376 6.07 44.09 15.03
C TRP A 376 5.54 44.23 13.61
N LEU A 377 6.43 44.05 12.64
CA LEU A 377 6.12 44.20 11.21
C LEU A 377 5.34 43.02 10.68
N ASP A 378 5.79 41.83 11.06
CA ASP A 378 5.05 40.60 10.82
C ASP A 378 3.60 40.76 11.31
N ASP A 379 3.45 41.29 12.53
CA ASP A 379 2.13 41.49 13.12
C ASP A 379 1.30 42.43 12.28
N SER A 380 1.88 43.57 11.94
CA SER A 380 1.13 44.58 11.20
C SER A 380 0.91 44.23 9.70
N ILE A 381 1.78 43.39 9.13
CA ILE A 381 1.58 42.90 7.74
C ILE A 381 0.46 41.89 7.69
N LYS A 382 0.48 40.96 8.64
CA LYS A 382 -0.58 39.99 8.78
C LYS A 382 -1.93 40.68 8.97
N SER A 383 -1.99 41.62 9.91
CA SER A 383 -3.25 42.27 10.22
C SER A 383 -3.73 43.17 9.06
N PHE A 384 -2.79 43.69 8.26
CA PHE A 384 -3.16 44.43 7.02
C PHE A 384 -3.92 43.54 6.05
N ILE A 385 -3.43 42.33 5.86
CA ILE A 385 -3.99 41.39 4.90
C ILE A 385 -5.44 41.08 5.23
N LYS A 386 -5.75 40.99 6.53
CA LYS A 386 -7.11 40.75 7.01
C LYS A 386 -7.82 42.04 7.44
N SER A 387 -7.27 43.20 7.07
CA SER A 387 -7.88 44.47 7.46
C SER A 387 -9.26 44.64 6.81
N LYS A 388 -10.14 45.37 7.50
CA LYS A 388 -11.47 45.71 6.97
C LYS A 388 -11.55 47.21 6.73
N ARG A 389 -12.58 47.61 5.99
CA ARG A 389 -12.68 48.97 5.51
C ARG A 389 -14.15 49.44 5.42
N LYS A 390 -14.34 50.77 5.43
CA LYS A 390 -15.60 51.40 4.98
C LYS A 390 -15.85 51.11 3.50
N ASP A 391 -17.11 51.17 3.07
CA ASP A 391 -17.39 51.12 1.63
C ASP A 391 -18.27 52.32 1.26
N ILE A 392 -18.64 52.43 -0.02
CA ILE A 392 -19.53 53.53 -0.48
C ILE A 392 -20.86 53.46 0.28
N GLN A 393 -21.47 52.28 0.32
CA GLN A 393 -22.71 52.10 1.08
C GLN A 393 -22.53 52.50 2.60
N GLY A 394 -21.35 52.23 3.16
CA GLY A 394 -21.02 52.58 4.56
C GLY A 394 -20.82 51.42 5.52
N ASN A 395 -20.70 50.22 4.98
CA ASN A 395 -20.46 49.00 5.76
C ASN A 395 -18.99 48.54 5.80
N LEU A 396 -18.71 47.64 6.74
CA LEU A 396 -17.39 47.00 6.85
C LEU A 396 -17.26 45.90 5.81
N VAL A 397 -16.41 46.14 4.82
CA VAL A 397 -15.99 45.10 3.87
C VAL A 397 -14.52 44.74 4.12
N ASP A 398 -14.09 43.62 3.54
CA ASP A 398 -12.68 43.24 3.59
C ASP A 398 -11.90 44.10 2.60
N THR A 399 -10.75 44.60 3.04
CA THR A 399 -9.85 45.34 2.19
C THR A 399 -9.27 44.42 1.13
N ASN A 400 -8.96 43.17 1.51
CA ASN A 400 -8.30 42.22 0.59
C ASN A 400 -9.05 40.87 0.45
N PRO A 401 -10.25 40.88 -0.14
CA PRO A 401 -11.15 39.73 -0.23
C PRO A 401 -10.51 38.47 -0.73
N GLY A 402 -9.62 38.60 -1.69
CA GLY A 402 -8.89 37.44 -2.23
C GLY A 402 -7.89 36.81 -1.27
N TRP A 403 -7.68 37.46 -0.12
CA TRP A 403 -6.84 36.93 0.93
C TRP A 403 -7.60 36.60 2.22
N THR A 404 -8.93 36.43 2.12
CA THR A 404 -9.81 36.07 3.26
C THR A 404 -10.88 35.07 2.84
N ILE A 405 -11.62 34.56 3.84
CA ILE A 405 -12.72 33.63 3.62
C ILE A 405 -13.76 34.16 2.60
N ASP A 406 -13.94 35.48 2.56
CA ASP A 406 -14.91 36.10 1.68
C ASP A 406 -14.84 35.52 0.26
N SER A 407 -13.63 35.40 -0.27
CA SER A 407 -13.45 34.85 -1.62
C SER A 407 -13.63 33.34 -1.70
N GLU A 408 -13.76 32.63 -0.58
CA GLU A 408 -13.88 31.17 -0.56
C GLU A 408 -15.34 30.68 -0.57
N THR A 409 -16.18 31.29 -1.39
CA THR A 409 -17.63 30.98 -1.37
C THR A 409 -18.00 29.72 -2.14
N GLY A 410 -18.98 29.04 -1.59
CA GLY A 410 -19.52 27.79 -2.13
C GLY A 410 -20.59 27.33 -1.17
N SER A 411 -20.85 26.03 -1.15
CA SER A 411 -21.90 25.46 -0.30
C SER A 411 -21.64 25.67 1.20
N THR A 412 -22.71 25.89 1.96
CA THR A 412 -22.63 26.03 3.42
C THR A 412 -22.77 24.70 4.16
N ASN A 413 -23.19 23.64 3.46
CA ASN A 413 -23.54 22.41 4.15
C ASN A 413 -22.32 21.64 4.59
N HIS A 414 -21.74 22.13 5.67
CA HIS A 414 -20.59 21.54 6.34
C HIS A 414 -20.51 22.27 7.69
N LEU A 415 -20.11 21.58 8.75
CA LEU A 415 -20.25 22.12 10.12
C LEU A 415 -19.53 23.45 10.32
N GLN A 416 -18.52 23.69 9.48
CA GLN A 416 -17.67 24.89 9.55
C GLN A 416 -17.88 25.77 8.31
N ASN A 417 -19.03 25.59 7.66
CA ASN A 417 -19.54 26.49 6.61
C ASN A 417 -18.82 26.50 5.27
N GLY A 418 -18.12 25.41 4.96
CA GLY A 418 -17.40 25.27 3.70
C GLY A 418 -16.35 24.18 3.75
N ALA A 419 -16.00 23.67 2.57
CA ALA A 419 -15.07 22.57 2.49
C ALA A 419 -14.31 22.55 1.19
N PHE A 420 -13.13 21.93 1.20
CA PHE A 420 -12.37 21.64 -0.01
C PHE A 420 -12.22 20.13 -0.16
N ILE A 421 -12.06 19.68 -1.39
CA ILE A 421 -11.58 18.35 -1.66
C ILE A 421 -10.23 18.50 -2.26
N PHE A 422 -9.24 17.77 -1.77
CA PHE A 422 -7.95 17.77 -2.44
C PHE A 422 -7.98 16.87 -3.69
N THR A 423 -7.46 17.41 -4.80
CA THR A 423 -7.45 16.75 -6.10
C THR A 423 -6.12 16.96 -6.81
N ASN A 424 -5.64 15.96 -7.52
CA ASN A 424 -4.31 16.05 -8.10
C ASN A 424 -4.16 17.12 -9.14
N SER A 425 -2.92 17.55 -9.34
CA SER A 425 -2.60 18.55 -10.34
C SER A 425 -1.11 18.53 -10.60
N PRO A 426 -0.71 18.71 -11.85
CA PRO A 426 0.71 18.64 -12.19
C PRO A 426 1.54 19.73 -11.52
N LEU A 427 0.92 20.84 -11.14
CA LEU A 427 1.64 21.97 -10.56
C LEU A 427 2.17 21.67 -9.17
N VAL A 428 1.56 20.69 -8.50
CA VAL A 428 1.78 20.40 -7.07
C VAL A 428 2.04 18.90 -6.90
N PRO A 429 3.21 18.44 -7.35
CA PRO A 429 3.51 17.02 -7.48
C PRO A 429 3.51 16.21 -6.19
N GLU A 430 3.75 16.83 -5.05
CA GLU A 430 3.92 16.04 -3.83
C GLU A 430 2.72 16.14 -2.90
N ALA A 431 1.66 16.80 -3.36
CA ALA A 431 0.39 16.79 -2.66
C ALA A 431 -0.57 15.88 -3.39
N ASN A 432 -0.04 15.18 -4.39
CA ASN A 432 -0.90 14.36 -5.20
C ASN A 432 -0.99 13.01 -4.61
N ALA A 433 -2.20 12.46 -4.62
CA ALA A 433 -2.47 11.11 -4.15
C ALA A 433 -2.26 10.10 -5.27
N ALA A 434 -2.16 8.83 -4.91
CA ALA A 434 -2.07 7.75 -5.89
C ALA A 434 -3.40 7.58 -6.63
N GLU A 435 -3.41 6.68 -7.62
CA GLU A 435 -4.64 6.32 -8.34
C GLU A 435 -5.60 5.50 -7.45
N GLY A 436 -6.90 5.85 -7.49
CA GLY A 436 -7.94 5.10 -6.76
C GLY A 436 -7.79 5.12 -5.25
N ASN A 437 -7.23 6.21 -4.75
CA ASN A 437 -7.30 6.60 -3.35
C ASN A 437 -8.34 7.70 -3.22
N ARG A 438 -8.37 8.38 -2.08
CA ARG A 438 -9.36 9.42 -1.86
C ARG A 438 -10.78 8.99 -2.27
N LEU A 439 -11.15 7.74 -1.94
CA LEU A 439 -12.53 7.25 -2.08
C LEU A 439 -13.38 7.81 -0.96
N ILE A 440 -14.16 8.82 -1.28
CA ILE A 440 -15.02 9.47 -0.29
C ILE A 440 -16.31 8.70 -0.09
N ASN A 441 -16.86 8.81 1.11
CA ASN A 441 -18.22 8.36 1.43
C ASN A 441 -18.41 6.87 1.47
N ARG A 442 -17.37 6.14 1.89
CA ARG A 442 -17.47 4.68 2.11
C ARG A 442 -17.98 4.37 3.52
N THR A 443 -19.18 4.84 3.78
CA THR A 443 -19.89 4.54 5.01
C THR A 443 -20.31 3.10 4.98
N PRO A 444 -20.59 2.49 6.15
CA PRO A 444 -21.00 1.10 6.19
C PRO A 444 -22.02 0.77 5.10
N SER A 445 -22.95 1.70 4.87
CA SER A 445 -23.98 1.53 3.83
C SER A 445 -23.41 1.57 2.40
N GLN A 446 -22.40 2.40 2.19
CA GLN A 446 -21.87 2.65 0.85
C GLN A 446 -20.43 2.20 0.67
N GLN A 447 -20.02 1.24 1.49
CA GLN A 447 -18.65 0.76 1.51
C GLN A 447 -18.24 0.21 0.14
N THR A 448 -19.21 -0.40 -0.53
CA THR A 448 -19.00 -1.04 -1.82
C THR A 448 -18.81 -0.04 -2.98
N GLY A 449 -19.29 1.18 -2.80
CA GLY A 449 -19.37 2.16 -3.90
C GLY A 449 -20.80 2.58 -4.18
N ASN A 450 -21.76 1.83 -3.63
CA ASN A 450 -23.17 2.02 -3.82
C ASN A 450 -23.94 1.75 -2.53
N HIS A 451 -25.07 2.43 -2.34
CA HIS A 451 -25.89 2.18 -1.17
C HIS A 451 -26.38 0.74 -1.22
N ILE A 452 -26.44 0.10 -0.05
CA ILE A 452 -26.99 -1.22 0.09
C ILE A 452 -27.77 -1.22 1.38
N SER A 453 -29.09 -1.38 1.31
CA SER A 453 -29.87 -1.46 2.54
C SER A 453 -29.77 -2.88 3.06
N TYR A 454 -29.34 -3.03 4.32
CA TYR A 454 -29.28 -4.33 4.98
C TYR A 454 -30.48 -4.53 5.89
N ALA A 455 -31.37 -3.55 5.91
CA ALA A 455 -32.48 -3.54 6.85
C ALA A 455 -33.72 -4.19 6.27
N SER A 456 -34.50 -4.82 7.14
CA SER A 456 -35.75 -5.47 6.75
C SER A 456 -37.01 -4.71 7.16
N GLN A 457 -38.12 -5.44 7.15
CA GLN A 457 -39.44 -4.88 6.89
C GLN A 457 -39.84 -3.64 7.71
N PRO A 458 -39.77 -3.76 9.06
CA PRO A 458 -40.09 -2.67 10.00
C PRO A 458 -39.03 -1.58 10.14
N TYR A 459 -37.77 -1.95 9.95
CA TYR A 459 -36.60 -1.09 10.27
C TYR A 459 -36.12 -0.28 9.07
N SER A 460 -35.45 0.84 9.32
CA SER A 460 -34.95 1.72 8.27
C SER A 460 -33.55 1.30 7.79
N GLY A 461 -33.28 1.53 6.50
CA GLY A 461 -31.95 1.28 5.93
C GLY A 461 -31.30 2.53 5.37
N ASP A 462 -31.60 3.69 5.98
CA ASP A 462 -31.03 4.95 5.55
C ASP A 462 -29.61 5.10 6.05
N ASP A 463 -28.85 5.90 5.32
CA ASP A 463 -27.48 6.24 5.64
C ASP A 463 -27.42 7.75 5.68
N TRP A 464 -27.00 8.28 6.82
CA TRP A 464 -26.83 9.72 6.96
C TRP A 464 -25.37 10.14 7.05
N GLY A 465 -24.47 9.24 6.70
CA GLY A 465 -23.04 9.55 6.73
C GLY A 465 -22.62 10.53 5.63
N TYR A 466 -21.38 10.98 5.72
CA TYR A 466 -20.76 11.89 4.74
C TYR A 466 -19.30 12.04 5.13
N GLU A 467 -18.42 12.29 4.18
CA GLU A 467 -17.00 12.05 4.41
C GLU A 467 -16.32 13.17 5.19
N LEU A 468 -16.68 14.40 4.83
CA LEU A 468 -16.07 15.61 5.37
C LEU A 468 -16.87 16.15 6.54
N LEU A 469 -16.35 15.94 7.74
CA LEU A 469 -17.09 16.23 8.94
C LEU A 469 -16.58 17.50 9.54
N LEU A 470 -15.29 17.47 9.87
CA LEU A 470 -14.63 18.54 10.61
C LEU A 470 -13.13 18.52 10.28
N GLY A 471 -12.51 19.69 10.45
CA GLY A 471 -11.06 19.83 10.33
C GLY A 471 -10.47 19.33 9.03
N ASN A 472 -9.34 18.64 9.14
CA ASN A 472 -8.65 18.09 7.99
C ASN A 472 -8.98 16.61 7.89
N ASP A 473 -9.70 16.21 6.84
CA ASP A 473 -10.24 14.84 6.77
C ASP A 473 -9.17 13.84 6.33
N VAL A 474 -8.85 12.90 7.21
CA VAL A 474 -7.91 11.80 6.90
C VAL A 474 -8.55 10.84 5.90
N ASP A 475 -7.74 10.41 4.92
CA ASP A 475 -8.18 9.48 3.86
C ASP A 475 -7.93 8.04 4.30
N ASN A 476 -8.97 7.39 4.81
CA ASN A 476 -8.89 6.01 5.30
C ASN A 476 -9.20 4.95 4.24
N SER A 477 -9.25 5.39 2.97
CA SER A 477 -9.27 4.49 1.83
C SER A 477 -7.86 4.28 1.27
N ASN A 478 -6.90 5.04 1.76
CA ASN A 478 -5.50 4.84 1.40
C ASN A 478 -4.93 3.71 2.26
N PRO A 479 -4.43 2.62 1.63
CA PRO A 479 -3.90 1.52 2.42
C PRO A 479 -2.73 1.86 3.32
N ILE A 480 -1.91 2.86 2.99
CA ILE A 480 -0.79 3.21 3.88
C ILE A 480 -1.38 3.81 5.15
N VAL A 481 -2.42 4.62 4.99
CA VAL A 481 -3.16 5.19 6.11
C VAL A 481 -3.79 4.11 6.96
N GLN A 482 -4.55 3.21 6.32
CA GLN A 482 -5.20 2.08 7.02
C GLN A 482 -4.26 1.31 7.92
N ALA A 483 -3.01 1.12 7.45
CA ALA A 483 -1.93 0.51 8.26
C ALA A 483 -1.53 1.41 9.43
N GLU A 484 -1.38 2.69 9.17
CA GLU A 484 -1.14 3.66 10.24
C GLU A 484 -2.27 3.69 11.29
N GLN A 485 -3.48 3.39 10.88
CA GLN A 485 -4.59 3.28 11.83
C GLN A 485 -4.43 2.05 12.72
N LEU A 486 -4.05 0.95 12.11
CA LEU A 486 -3.73 -0.26 12.87
C LEU A 486 -2.62 0.02 13.88
N ASN A 487 -1.57 0.70 13.43
CA ASN A 487 -0.42 0.99 14.26
C ASN A 487 -0.82 1.69 15.54
N TRP A 488 -1.69 2.68 15.36
CA TRP A 488 -2.19 3.51 16.44
C TRP A 488 -2.97 2.68 17.47
N ILE A 489 -3.80 1.77 16.96
CA ILE A 489 -4.58 0.89 17.81
C ILE A 489 -3.66 0.01 18.64
N HIS A 490 -2.58 -0.49 18.01
CA HIS A 490 -1.61 -1.32 18.73
C HIS A 490 -0.94 -0.52 19.83
N TYR A 491 -0.61 0.71 19.51
CA TYR A 491 0.05 1.59 20.47
C TYR A 491 -0.81 1.83 21.70
N LEU A 492 -2.07 2.18 21.48
CA LEU A 492 -2.99 2.45 22.59
C LEU A 492 -3.15 1.22 23.45
N MET A 493 -3.39 0.08 22.81
CA MET A 493 -3.59 -1.20 23.52
C MET A 493 -2.34 -1.66 24.28
N ASN A 494 -1.19 -1.05 23.98
CA ASN A 494 0.05 -1.28 24.72
C ASN A 494 0.69 -0.02 25.24
N PHE A 495 -0.14 0.96 25.54
CA PHE A 495 0.34 2.29 25.91
C PHE A 495 1.27 2.28 27.10
N GLY A 496 0.95 1.46 28.09
CA GLY A 496 1.72 1.40 29.33
C GLY A 496 3.11 0.83 29.15
N THR A 497 3.19 -0.33 28.54
CA THR A 497 4.47 -0.97 28.25
C THR A 497 5.33 -0.09 27.34
N ILE A 498 4.71 0.53 26.34
CA ILE A 498 5.43 1.37 25.39
C ILE A 498 6.04 2.60 26.05
N THR A 499 5.27 3.30 26.87
CA THR A 499 5.68 4.60 27.39
C THR A 499 6.46 4.55 28.69
N ALA A 500 6.40 3.44 29.41
CA ALA A 500 7.08 3.34 30.70
C ALA A 500 7.80 1.99 30.84
N PRO A 501 8.80 1.76 29.98
CA PRO A 501 9.45 0.44 29.94
C PRO A 501 10.17 0.09 31.26
N GLN A 502 10.91 1.04 31.81
CA GLN A 502 11.58 0.91 33.09
C GLN A 502 10.63 0.50 34.24
N ASP A 503 9.37 0.96 34.21
CA ASP A 503 8.36 0.61 35.23
C ASP A 503 7.95 -0.87 35.14
N PRO A 504 8.15 -1.65 36.23
CA PRO A 504 7.86 -3.10 36.18
C PRO A 504 6.38 -3.42 36.05
N ASP A 505 5.54 -2.47 36.43
CA ASP A 505 4.08 -2.59 36.26
C ASP A 505 3.52 -1.95 34.95
N ALA A 506 4.40 -1.69 33.99
CA ALA A 506 4.00 -1.03 32.75
C ALA A 506 2.83 -1.77 32.09
N HIS A 507 2.86 -3.10 32.22
CA HIS A 507 1.88 -3.99 31.57
C HIS A 507 0.45 -3.86 32.12
N LEU A 508 0.32 -3.33 33.32
CA LEU A 508 -1.01 -3.07 33.89
C LEU A 508 -1.67 -1.73 33.46
N ALA A 509 -0.93 -0.90 32.71
CA ALA A 509 -1.41 0.43 32.29
C ALA A 509 -1.77 0.49 30.79
N ASN A 510 -2.19 -0.64 30.26
CA ASN A 510 -2.57 -0.72 28.88
C ASN A 510 -4.07 -0.61 28.75
N PHE A 511 -4.53 0.05 27.68
CA PHE A 511 -5.95 0.08 27.33
C PHE A 511 -6.41 -1.32 26.98
N ASP A 512 -7.72 -1.52 26.90
CA ASP A 512 -8.29 -2.86 26.65
C ASP A 512 -9.19 -2.92 25.43
N SER A 513 -10.10 -1.96 25.31
CA SER A 513 -11.07 -1.94 24.25
C SER A 513 -10.96 -0.60 23.53
N ILE A 514 -11.75 -0.41 22.46
CA ILE A 514 -11.83 0.87 21.74
C ILE A 514 -13.28 1.27 21.41
N ARG A 515 -13.50 2.58 21.29
CA ARG A 515 -14.74 3.15 20.78
C ARG A 515 -14.44 3.71 19.42
N ILE A 516 -15.11 3.21 18.39
CA ILE A 516 -14.89 3.73 17.06
C ILE A 516 -15.75 4.96 16.92
N ASP A 517 -15.12 6.07 16.52
CA ASP A 517 -15.72 7.40 16.55
C ASP A 517 -16.02 7.86 15.16
N ALA A 518 -17.23 8.38 14.95
CA ALA A 518 -17.63 8.94 13.66
C ALA A 518 -17.59 7.88 12.57
N VAL A 519 -18.21 6.75 12.87
CA VAL A 519 -18.23 5.62 11.95
C VAL A 519 -18.82 5.99 10.61
N ASP A 520 -19.84 6.86 10.61
CA ASP A 520 -20.51 7.30 9.38
C ASP A 520 -19.73 8.38 8.61
N ASN A 521 -18.52 8.70 9.05
CA ASN A 521 -17.72 9.71 8.36
C ASN A 521 -16.34 9.24 7.98
N VAL A 522 -16.11 7.93 8.06
CA VAL A 522 -14.84 7.30 7.68
C VAL A 522 -15.09 6.00 6.88
N ASP A 523 -14.03 5.55 6.21
CA ASP A 523 -14.10 4.33 5.41
C ASP A 523 -14.35 3.12 6.32
N ALA A 524 -15.43 2.40 6.03
CA ALA A 524 -15.86 1.29 6.88
C ALA A 524 -14.84 0.17 6.96
N ASP A 525 -13.92 0.13 6.01
CA ASP A 525 -12.83 -0.85 6.03
C ASP A 525 -12.24 -0.95 7.42
N LEU A 526 -12.18 0.18 8.12
CA LEU A 526 -11.56 0.26 9.45
C LEU A 526 -12.21 -0.66 10.48
N LEU A 527 -13.50 -0.91 10.33
CA LEU A 527 -14.20 -1.78 11.28
C LEU A 527 -13.62 -3.19 11.22
N GLN A 528 -13.33 -3.62 10.00
CA GLN A 528 -12.76 -4.95 9.77
C GLN A 528 -11.29 -4.97 10.22
N ILE A 529 -10.53 -3.95 9.84
CA ILE A 529 -9.13 -3.85 10.27
C ILE A 529 -9.06 -4.11 11.77
N ALA A 530 -9.90 -3.42 12.53
CA ALA A 530 -9.88 -3.52 13.98
C ALA A 530 -10.34 -4.90 14.46
N GLY A 531 -11.45 -5.39 13.93
CA GLY A 531 -11.96 -6.71 14.30
C GLY A 531 -10.88 -7.77 14.19
N ASP A 532 -10.17 -7.75 13.06
CA ASP A 532 -9.01 -8.61 12.79
C ASP A 532 -7.95 -8.52 13.87
N TYR A 533 -7.63 -7.29 14.28
CA TYR A 533 -6.60 -7.04 15.29
C TYR A 533 -6.90 -7.80 16.58
N PHE A 534 -8.11 -7.64 17.10
CA PHE A 534 -8.46 -8.20 18.41
C PHE A 534 -8.64 -9.72 18.37
N LYS A 535 -9.02 -10.26 17.22
CA LYS A 535 -8.96 -11.69 17.03
C LYS A 535 -7.48 -12.14 17.05
N ALA A 536 -6.61 -11.36 16.38
CA ALA A 536 -5.19 -11.72 16.28
C ALA A 536 -4.52 -11.63 17.64
N ALA A 537 -4.75 -10.53 18.35
CA ALA A 537 -4.08 -10.28 19.63
C ALA A 537 -4.67 -11.02 20.83
N TYR A 538 -5.99 -11.02 20.97
CA TYR A 538 -6.63 -11.60 22.18
C TYR A 538 -7.59 -12.78 21.95
N GLN A 539 -7.63 -13.31 20.74
CA GLN A 539 -8.40 -14.53 20.45
C GLN A 539 -9.87 -14.38 20.88
N VAL A 540 -10.46 -13.27 20.45
CA VAL A 540 -11.81 -12.89 20.83
C VAL A 540 -12.87 -13.69 20.09
N GLY A 541 -12.49 -14.39 19.02
CA GLY A 541 -13.43 -15.23 18.29
C GLY A 541 -13.70 -16.59 18.93
N GLU A 542 -12.88 -16.96 19.92
CA GLU A 542 -12.90 -18.31 20.49
C GLU A 542 -14.17 -18.60 21.25
N ASN A 543 -14.53 -17.69 22.14
CA ASN A 543 -15.68 -17.87 23.03
C ASN A 543 -16.16 -16.55 23.65
N ASP A 544 -17.31 -16.61 24.30
CA ASP A 544 -17.81 -15.47 25.07
C ASP A 544 -16.77 -14.92 26.05
N LYS A 545 -16.08 -15.81 26.74
CA LYS A 545 -15.15 -15.40 27.77
C LYS A 545 -14.08 -14.44 27.23
N ASN A 546 -13.51 -14.76 26.08
CA ASN A 546 -12.53 -13.90 25.45
C ASN A 546 -13.15 -12.66 24.81
N ALA A 547 -14.24 -12.85 24.08
CA ALA A 547 -14.95 -11.74 23.42
C ALA A 547 -15.29 -10.66 24.44
N ASN A 548 -15.96 -11.08 25.51
CA ASN A 548 -16.47 -10.17 26.56
C ASN A 548 -15.40 -9.51 27.42
N GLN A 549 -14.14 -9.95 27.32
CA GLN A 549 -13.02 -9.26 27.97
C GLN A 549 -12.53 -8.04 27.20
N HIS A 550 -12.99 -7.87 25.96
CA HIS A 550 -12.70 -6.68 25.19
C HIS A 550 -13.96 -6.24 24.47
N ILE A 551 -14.66 -5.29 25.09
CA ILE A 551 -15.95 -4.78 24.60
C ILE A 551 -15.82 -3.44 23.92
N HIS A 552 -15.89 -3.48 22.58
CA HIS A 552 -15.74 -2.30 21.75
C HIS A 552 -17.13 -1.74 21.43
N ILE A 553 -17.20 -0.49 21.00
CA ILE A 553 -18.47 0.13 20.65
C ILE A 553 -18.35 1.03 19.42
N LEU A 554 -19.41 1.06 18.62
CA LEU A 554 -19.48 1.90 17.43
C LEU A 554 -20.29 3.14 17.70
N GLU A 555 -19.85 4.28 17.15
CA GLU A 555 -20.68 5.48 17.10
C GLU A 555 -21.42 5.46 15.77
N ASP A 556 -22.39 4.54 15.67
CA ASP A 556 -23.03 4.25 14.40
C ASP A 556 -24.45 4.79 14.37
N TRP A 557 -24.61 6.03 13.92
CA TRP A 557 -25.87 6.71 14.07
C TRP A 557 -26.91 6.35 13.01
N SER A 558 -26.47 6.00 11.80
CA SER A 558 -27.41 5.66 10.71
C SER A 558 -28.13 4.36 11.05
N PRO A 559 -29.43 4.26 10.73
CA PRO A 559 -30.23 3.05 11.06
C PRO A 559 -29.69 1.79 10.42
N ASN A 560 -29.25 1.94 9.18
CA ASN A 560 -28.71 0.84 8.43
C ASN A 560 -27.47 0.23 9.06
N ASP A 561 -26.74 1.01 9.82
CA ASP A 561 -25.47 0.55 10.38
C ASP A 561 -25.63 -0.65 11.33
N VAL A 562 -26.77 -0.75 12.02
CA VAL A 562 -27.08 -1.90 12.91
C VAL A 562 -27.01 -3.24 12.18
N TRP A 563 -27.48 -3.23 10.94
CA TRP A 563 -27.64 -4.41 10.14
C TRP A 563 -26.43 -4.66 9.26
N TYR A 564 -25.82 -3.59 8.77
CA TYR A 564 -24.48 -3.71 8.20
C TYR A 564 -23.56 -4.39 9.20
N ASN A 565 -23.57 -3.91 10.45
CA ASN A 565 -22.71 -4.46 11.47
C ASN A 565 -22.92 -5.96 11.60
N GLN A 566 -24.17 -6.37 11.74
CA GLN A 566 -24.51 -7.78 11.90
C GLN A 566 -24.14 -8.67 10.72
N GLN A 567 -24.45 -8.22 9.49
CA GLN A 567 -24.25 -9.05 8.29
C GLN A 567 -22.87 -9.01 7.68
N VAL A 568 -22.29 -7.83 7.60
CA VAL A 568 -20.97 -7.63 6.99
C VAL A 568 -19.81 -7.73 7.98
N ASN A 569 -19.97 -7.17 9.18
CA ASN A 569 -18.85 -6.91 10.11
C ASN A 569 -18.75 -7.83 11.33
N GLY A 570 -19.29 -9.04 11.24
CA GLY A 570 -19.43 -9.91 12.40
C GLY A 570 -20.31 -9.13 13.34
N ASN A 571 -20.01 -9.14 14.61
CA ASN A 571 -20.46 -8.05 15.43
C ASN A 571 -19.22 -7.62 16.18
N SER A 572 -18.17 -7.41 15.40
CA SER A 572 -16.84 -7.21 15.93
C SER A 572 -16.81 -6.04 16.90
N GLN A 573 -17.69 -5.07 16.65
CA GLN A 573 -17.94 -4.00 17.59
C GLN A 573 -19.43 -3.89 17.87
N LEU A 574 -19.79 -3.44 19.07
CA LEU A 574 -21.19 -3.34 19.47
C LEU A 574 -21.92 -2.14 18.85
N THR A 575 -23.04 -2.40 18.16
CA THR A 575 -23.90 -1.32 17.66
C THR A 575 -24.60 -0.64 18.81
N MET A 576 -25.00 0.61 18.59
CA MET A 576 -25.83 1.31 19.53
C MET A 576 -27.27 0.99 19.20
N ASP A 577 -28.09 0.83 20.23
CA ASP A 577 -29.54 0.80 20.02
C ASP A 577 -30.04 2.22 20.09
N ALA A 578 -30.33 2.77 18.92
CA ALA A 578 -30.86 4.10 18.83
C ALA A 578 -32.39 4.13 19.00
N THR A 579 -33.05 2.99 18.75
CA THR A 579 -34.50 2.91 18.85
C THR A 579 -34.93 3.01 20.31
N MET A 580 -34.07 2.50 21.18
CA MET A 580 -34.30 2.57 22.62
C MET A 580 -34.03 4.00 23.09
N GLN A 581 -32.89 4.57 22.71
CA GLN A 581 -32.59 5.95 23.08
C GLN A 581 -33.73 6.89 22.68
N ASN A 582 -34.18 6.80 21.44
CA ASN A 582 -35.21 7.71 20.95
C ASN A 582 -36.55 7.52 21.60
N GLN A 583 -36.81 6.30 22.08
CA GLN A 583 -38.07 6.04 22.71
C GLN A 583 -38.07 6.53 24.15
N LEU A 584 -36.96 6.30 24.85
CA LEU A 584 -36.81 6.81 26.21
C LEU A 584 -36.97 8.33 26.23
N LEU A 585 -36.50 9.01 25.18
CA LEU A 585 -36.60 10.47 25.08
C LEU A 585 -38.01 10.92 24.78
N ALA A 586 -38.58 10.34 23.73
CA ALA A 586 -39.91 10.71 23.28
C ALA A 586 -40.96 10.44 24.35
N SER A 587 -40.91 9.27 24.97
CA SER A 587 -41.95 8.87 25.95
C SER A 587 -41.76 9.40 27.37
N LEU A 588 -40.56 9.82 27.73
CA LEU A 588 -40.30 10.25 29.09
C LEU A 588 -39.67 11.64 29.22
N THR A 589 -38.62 11.92 28.45
CA THR A 589 -37.84 13.15 28.65
C THR A 589 -38.49 14.43 28.13
N ARG A 590 -39.33 14.33 27.10
CA ARG A 590 -40.02 15.49 26.55
C ARG A 590 -40.95 16.15 27.56
N PRO A 591 -41.35 17.41 27.31
CA PRO A 591 -42.45 17.97 28.08
C PRO A 591 -43.76 17.30 27.71
N ILE A 592 -44.84 17.58 28.44
CA ILE A 592 -46.09 16.85 28.25
C ILE A 592 -46.71 17.12 26.87
N THR A 593 -46.49 18.32 26.34
CA THR A 593 -46.97 18.71 25.01
C THR A 593 -46.55 17.73 23.92
N SER A 594 -45.30 17.31 23.95
CA SER A 594 -44.68 16.56 22.87
C SER A 594 -44.52 15.07 23.17
N ARG A 595 -44.99 14.63 24.34
CA ARG A 595 -44.60 13.32 24.85
C ARG A 595 -45.40 12.15 24.26
N ASP A 596 -44.68 11.09 23.91
CA ASP A 596 -45.29 9.87 23.39
C ASP A 596 -45.86 9.01 24.50
N SER A 597 -46.76 8.12 24.12
CA SER A 597 -47.42 7.22 25.06
C SER A 597 -46.45 6.14 25.49
N MET A 598 -46.63 5.64 26.71
CA MET A 598 -45.79 4.53 27.18
C MET A 598 -46.01 3.28 26.32
N LYS A 599 -47.20 3.17 25.72
CA LYS A 599 -47.53 2.06 24.84
C LYS A 599 -46.50 1.85 23.72
N SER A 600 -45.83 2.93 23.31
CA SER A 600 -44.74 2.88 22.33
C SER A 600 -43.57 1.96 22.69
N PHE A 601 -43.41 1.64 23.97
CA PHE A 601 -42.37 0.70 24.38
C PHE A 601 -42.66 -0.75 23.98
N THR A 602 -43.89 -1.06 23.59
CA THR A 602 -44.28 -2.39 23.07
C THR A 602 -44.46 -2.40 21.56
N LYS A 603 -43.87 -1.44 20.88
CA LYS A 603 -44.03 -1.32 19.44
C LYS A 603 -43.09 -2.23 18.67
N ASP A 604 -43.29 -2.25 17.36
CA ASP A 604 -42.61 -3.19 16.50
C ASP A 604 -41.26 -2.71 15.96
N ALA A 605 -41.13 -1.39 15.80
CA ALA A 605 -39.91 -0.78 15.26
C ALA A 605 -38.74 -0.86 16.24
N LEU A 606 -39.00 -1.15 17.52
CA LEU A 606 -37.92 -1.39 18.46
C LEU A 606 -37.04 -2.57 18.04
N LEU A 607 -35.73 -2.35 18.13
CA LEU A 607 -34.72 -3.34 17.76
C LEU A 607 -34.84 -4.67 18.49
N VAL A 608 -35.02 -4.58 19.81
CA VAL A 608 -35.16 -5.75 20.64
C VAL A 608 -36.53 -5.72 21.28
N HIS A 609 -37.42 -6.61 20.83
CA HIS A 609 -38.73 -6.73 21.44
C HIS A 609 -38.58 -7.31 22.83
N ARG A 610 -39.15 -6.63 23.81
CA ARG A 610 -39.07 -7.07 25.19
C ARG A 610 -40.44 -7.37 25.78
N THR A 611 -41.47 -7.48 24.95
CA THR A 611 -42.82 -7.86 25.43
C THR A 611 -42.80 -9.27 26.02
N ALA A 612 -42.02 -10.17 25.41
CA ALA A 612 -41.83 -11.52 25.95
C ALA A 612 -40.44 -12.08 25.62
N ASP A 613 -39.40 -11.36 26.10
CA ASP A 613 -38.00 -11.73 25.86
C ASP A 613 -37.67 -12.91 26.78
N ASN A 614 -37.70 -14.11 26.20
CA ASN A 614 -37.62 -15.38 26.95
C ASN A 614 -36.54 -16.34 26.43
N SER A 615 -35.55 -15.82 25.71
CA SER A 615 -34.47 -16.61 25.14
C SER A 615 -33.14 -15.93 25.36
N TYR A 616 -32.05 -16.63 25.09
CA TYR A 616 -30.73 -16.03 24.98
C TYR A 616 -30.15 -16.25 23.58
N ASN A 617 -29.19 -15.43 23.20
CA ASN A 617 -28.54 -15.54 21.88
C ASN A 617 -29.46 -15.35 20.65
N GLN A 618 -30.56 -14.62 20.83
CA GLN A 618 -31.41 -14.17 19.72
C GLN A 618 -31.17 -12.70 19.39
N ALA A 619 -31.23 -11.84 20.39
CA ALA A 619 -31.14 -10.39 20.18
C ALA A 619 -29.84 -9.99 19.52
N VAL A 620 -29.87 -8.88 18.76
CA VAL A 620 -28.64 -8.37 18.14
C VAL A 620 -27.84 -7.68 19.23
N PRO A 621 -26.63 -8.16 19.51
CA PRO A 621 -25.83 -7.58 20.58
C PRO A 621 -25.70 -6.06 20.45
N ASN A 622 -25.92 -5.33 21.54
CA ASN A 622 -26.00 -3.89 21.46
C ASN A 622 -25.75 -3.18 22.77
N TYR A 623 -25.36 -1.90 22.70
CA TYR A 623 -25.31 -1.07 23.90
C TYR A 623 -26.31 0.05 23.74
N SER A 624 -27.06 0.32 24.81
CA SER A 624 -28.13 1.32 24.80
C SER A 624 -27.82 2.40 25.83
N PHE A 625 -28.21 3.63 25.52
CA PHE A 625 -27.90 4.78 26.38
C PHE A 625 -28.95 5.87 26.20
N ILE A 626 -28.90 6.89 27.05
CA ILE A 626 -29.91 7.96 27.04
C ILE A 626 -29.33 9.32 26.65
N ARG A 627 -28.21 9.67 27.26
CA ARG A 627 -27.46 10.84 26.88
C ARG A 627 -26.00 10.48 26.70
N ALA A 628 -25.26 11.34 26.01
CA ALA A 628 -23.82 11.21 25.95
C ALA A 628 -23.13 12.58 25.91
N HIS A 629 -21.81 12.59 25.94
CA HIS A 629 -21.06 13.85 25.97
C HIS A 629 -21.52 14.86 24.91
N ASP A 630 -21.85 14.35 23.73
CA ASP A 630 -22.44 15.15 22.64
C ASP A 630 -23.97 15.04 22.65
N SER A 631 -24.49 13.85 22.38
CA SER A 631 -25.93 13.65 22.24
C SER A 631 -26.71 14.12 23.46
N GLU A 632 -27.69 15.00 23.22
CA GLU A 632 -28.64 15.46 24.24
C GLU A 632 -28.02 16.27 25.34
N VAL A 633 -26.91 16.93 25.05
CA VAL A 633 -26.25 17.83 25.99
C VAL A 633 -25.83 19.08 25.25
N GLN A 634 -24.78 18.97 24.42
CA GLN A 634 -24.21 20.14 23.73
C GLN A 634 -25.23 20.91 22.86
N THR A 635 -26.27 20.21 22.41
CA THR A 635 -27.37 20.80 21.64
C THR A 635 -28.39 21.53 22.52
N ILE A 636 -28.51 21.10 23.77
CA ILE A 636 -29.37 21.79 24.76
C ILE A 636 -28.67 23.07 25.19
N ILE A 637 -27.34 23.05 25.28
CA ILE A 637 -26.57 24.27 25.61
C ILE A 637 -26.64 25.27 24.46
N ALA A 638 -26.38 24.78 23.25
CA ALA A 638 -26.36 25.63 22.06
C ALA A 638 -27.72 26.26 21.81
N LYS A 639 -28.79 25.54 22.11
CA LYS A 639 -30.13 26.11 22.05
C LYS A 639 -30.23 27.31 23.00
N ILE A 640 -29.67 27.20 24.20
CA ILE A 640 -29.74 28.28 25.20
C ILE A 640 -28.94 29.50 24.72
N ILE A 641 -27.70 29.26 24.30
CA ILE A 641 -26.90 30.32 23.72
C ILE A 641 -27.68 31.06 22.63
N SER A 642 -28.34 30.31 21.76
CA SER A 642 -29.11 30.87 20.60
C SER A 642 -30.36 31.62 21.05
N ASP A 643 -31.07 31.12 22.05
CA ASP A 643 -32.24 31.81 22.56
C ASP A 643 -31.92 33.02 23.41
N LYS A 644 -30.64 33.28 23.67
CA LYS A 644 -30.22 34.52 24.36
C LYS A 644 -29.53 35.50 23.45
N HIS A 645 -28.96 35.02 22.34
CA HIS A 645 -28.17 35.83 21.41
C HIS A 645 -28.44 35.38 19.95
N PRO A 646 -29.71 35.44 19.53
CA PRO A 646 -30.06 35.04 18.15
C PRO A 646 -29.34 35.94 17.15
N ASP A 647 -29.12 37.20 17.56
CA ASP A 647 -28.35 38.20 16.82
C ASP A 647 -27.03 37.60 16.32
N LEU A 648 -26.33 36.85 17.18
CA LEU A 648 -24.98 36.33 16.88
C LEU A 648 -24.97 34.87 16.42
N TYR A 649 -25.81 34.05 17.06
CA TYR A 649 -25.88 32.62 16.77
C TYR A 649 -27.36 32.22 16.59
N PRO A 650 -27.90 32.35 15.35
CA PRO A 650 -29.35 32.20 15.07
C PRO A 650 -29.84 30.74 15.04
N THR A 651 -28.91 29.80 14.95
CA THR A 651 -29.29 28.40 15.05
C THR A 651 -28.36 27.59 15.92
N VAL A 652 -28.85 26.41 16.25
CA VAL A 652 -28.18 25.55 17.18
C VAL A 652 -26.86 25.04 16.55
N ASP A 653 -26.92 24.70 15.26
CA ASP A 653 -25.72 24.25 14.52
C ASP A 653 -24.63 25.33 14.53
N LYS A 654 -25.05 26.58 14.31
CA LYS A 654 -24.16 27.72 14.35
C LYS A 654 -23.61 27.99 15.76
N ALA A 655 -24.46 27.75 16.77
CA ALA A 655 -24.13 27.98 18.18
C ALA A 655 -22.97 27.10 18.68
N LEU A 656 -22.83 25.91 18.07
CA LEU A 656 -21.68 25.01 18.30
C LEU A 656 -20.33 25.60 17.88
N LEU A 657 -20.38 26.69 17.11
CA LEU A 657 -19.19 27.52 16.80
C LEU A 657 -18.92 28.66 17.81
N ALA A 658 -19.87 28.89 18.74
CA ALA A 658 -19.62 29.84 19.80
C ALA A 658 -18.31 29.47 20.51
N LYS A 659 -17.44 30.47 20.72
CA LYS A 659 -16.15 30.25 21.38
C LYS A 659 -15.93 31.06 22.68
N ASP A 660 -16.76 32.07 22.92
CA ASP A 660 -16.58 32.94 24.08
C ASP A 660 -17.05 32.25 25.38
N SER A 661 -16.09 32.01 26.29
CA SER A 661 -16.36 31.40 27.59
C SER A 661 -17.53 32.08 28.35
N ALA A 662 -17.68 33.39 28.16
CA ALA A 662 -18.80 34.13 28.77
C ALA A 662 -20.14 33.55 28.35
N LEU A 663 -20.24 33.21 27.07
CA LEU A 663 -21.49 32.70 26.53
C LEU A 663 -21.92 31.36 27.12
N TYR A 664 -20.94 30.48 27.38
CA TYR A 664 -21.20 29.19 28.01
C TYR A 664 -21.57 29.34 29.51
N ASP A 665 -20.77 30.10 30.24
CA ASP A 665 -21.02 30.33 31.68
C ASP A 665 -22.45 30.84 31.89
N GLU A 666 -22.84 31.75 31.02
CA GLU A 666 -24.17 32.34 31.05
C GLU A 666 -25.20 31.25 30.82
N ALA A 667 -25.03 30.53 29.72
CA ALA A 667 -25.98 29.49 29.34
C ALA A 667 -26.11 28.43 30.44
N PHE A 668 -25.00 28.12 31.08
CA PHE A 668 -24.98 27.07 32.06
C PHE A 668 -25.69 27.43 33.36
N THR A 669 -25.56 28.68 33.79
CA THR A 669 -26.32 29.08 34.96
C THR A 669 -27.82 28.84 34.71
N GLU A 670 -28.27 29.07 33.48
CA GLU A 670 -29.65 28.80 33.08
C GLU A 670 -29.94 27.31 33.14
N TYR A 671 -29.12 26.56 32.42
CA TYR A 671 -29.23 25.10 32.32
C TYR A 671 -29.31 24.45 33.71
N ASN A 672 -28.38 24.80 34.58
CA ASN A 672 -28.36 24.24 35.92
C ASN A 672 -29.59 24.63 36.70
N ALA A 673 -30.03 25.87 36.53
CA ALA A 673 -31.24 26.34 37.19
C ALA A 673 -32.46 25.54 36.70
N ASP A 674 -32.51 25.31 35.41
CA ASP A 674 -33.64 24.60 34.81
C ASP A 674 -33.74 23.16 35.30
N MET A 675 -32.59 22.52 35.46
CA MET A 675 -32.54 21.14 35.97
C MET A 675 -33.07 21.00 37.40
N GLN A 676 -32.96 22.06 38.20
CA GLN A 676 -33.48 22.06 39.56
C GLN A 676 -34.99 22.25 39.61
N LYS A 677 -35.56 22.75 38.51
CA LYS A 677 -36.99 23.06 38.47
C LYS A 677 -37.87 21.83 38.41
N ILE A 678 -39.13 22.03 38.76
CA ILE A 678 -40.14 20.99 38.72
C ILE A 678 -40.40 20.61 37.24
N SER A 679 -40.88 19.38 37.01
CA SER A 679 -41.07 18.85 35.63
C SER A 679 -41.91 19.74 34.74
N SER A 680 -42.99 20.28 35.29
CA SER A 680 -43.90 21.17 34.56
C SER A 680 -43.28 22.50 34.20
N GLN A 681 -42.23 22.90 34.91
CA GLN A 681 -41.50 24.12 34.59
C GLN A 681 -40.06 23.88 34.05
N LYS A 682 -39.85 22.71 33.46
CA LYS A 682 -38.59 22.43 32.81
C LYS A 682 -38.66 22.91 31.36
N GLN A 683 -38.08 24.08 31.13
CA GLN A 683 -38.13 24.73 29.83
C GLN A 683 -37.06 24.23 28.83
N TYR A 684 -36.01 23.58 29.32
CA TYR A 684 -34.86 23.20 28.50
C TYR A 684 -34.36 21.75 28.65
N THR A 685 -34.54 21.17 29.83
CA THR A 685 -33.85 19.95 30.23
C THR A 685 -34.80 18.79 30.39
N HIS A 686 -34.25 17.59 30.56
CA HIS A 686 -35.02 16.34 30.43
C HIS A 686 -35.86 15.99 31.66
N ASN A 687 -37.12 15.63 31.40
CA ASN A 687 -38.01 15.16 32.45
C ASN A 687 -37.76 13.68 32.71
N ASN A 688 -38.23 13.20 33.86
CA ASN A 688 -38.30 11.77 34.12
C ASN A 688 -36.96 11.03 33.97
N MET A 689 -35.85 11.68 34.30
CA MET A 689 -34.54 11.05 34.05
C MET A 689 -34.32 9.72 34.81
N PRO A 690 -34.73 9.64 36.07
CA PRO A 690 -34.67 8.37 36.81
C PRO A 690 -35.66 7.33 36.32
N SER A 691 -36.84 7.75 35.87
CA SER A 691 -37.78 6.80 35.23
C SER A 691 -37.09 6.12 34.03
N ALA A 692 -36.49 6.91 33.14
CA ALA A 692 -35.77 6.39 31.96
C ALA A 692 -34.62 5.44 32.34
N TYR A 693 -33.71 5.90 33.19
CA TYR A 693 -32.61 5.08 33.71
C TYR A 693 -33.12 3.78 34.36
N ALA A 694 -34.30 3.80 34.96
CA ALA A 694 -34.88 2.59 35.56
C ALA A 694 -35.24 1.53 34.49
N ILE A 695 -35.86 1.96 33.41
CA ILE A 695 -36.11 1.07 32.28
C ILE A 695 -34.79 0.56 31.68
N LEU A 696 -33.84 1.46 31.44
CA LEU A 696 -32.56 1.13 30.78
C LEU A 696 -31.69 0.15 31.54
N LEU A 697 -31.63 0.30 32.86
CA LEU A 697 -30.79 -0.55 33.69
C LEU A 697 -31.45 -1.91 34.03
N THR A 698 -32.76 -2.03 33.84
CA THR A 698 -33.45 -3.29 34.09
C THR A 698 -33.71 -4.08 32.83
N ASN A 699 -33.43 -3.48 31.70
CA ASN A 699 -33.75 -4.11 30.43
C ASN A 699 -32.87 -5.29 30.15
N LYS A 700 -33.46 -6.30 29.52
CA LYS A 700 -32.73 -7.47 29.07
C LYS A 700 -32.13 -7.23 27.67
N ASP A 701 -31.07 -7.98 27.37
CA ASP A 701 -30.43 -7.98 26.05
C ASP A 701 -29.97 -6.59 25.64
N THR A 702 -29.14 -6.01 26.50
CA THR A 702 -28.39 -4.78 26.18
C THR A 702 -27.27 -4.54 27.18
N VAL A 703 -26.24 -3.82 26.72
CA VAL A 703 -25.16 -3.39 27.57
C VAL A 703 -25.42 -1.92 27.82
N PRO A 704 -25.92 -1.58 29.01
CA PRO A 704 -26.23 -0.19 29.26
C PRO A 704 -25.01 0.69 29.38
N ARG A 705 -25.13 1.94 28.94
CA ARG A 705 -24.08 2.95 29.17
C ARG A 705 -24.58 4.18 29.91
N VAL A 706 -23.97 4.42 31.05
CA VAL A 706 -24.33 5.53 31.93
C VAL A 706 -23.49 6.75 31.57
N TYR A 707 -24.13 7.91 31.51
CA TYR A 707 -23.45 9.16 31.21
C TYR A 707 -23.08 9.87 32.50
N TYR A 708 -21.79 10.21 32.63
CA TYR A 708 -21.26 10.99 33.76
C TYR A 708 -22.17 12.13 34.13
N GLY A 709 -22.60 12.88 33.12
CA GLY A 709 -23.45 14.05 33.30
C GLY A 709 -24.87 13.81 33.74
N ASP A 710 -25.25 12.57 34.02
CA ASP A 710 -26.53 12.31 34.64
C ASP A 710 -26.40 12.06 36.14
N LEU A 711 -25.21 11.66 36.58
CA LEU A 711 -24.90 11.55 38.01
C LEU A 711 -24.36 12.86 38.53
N PHE A 712 -23.43 13.44 37.78
CA PHE A 712 -22.83 14.72 38.12
C PHE A 712 -23.26 15.85 37.15
N THR A 713 -22.96 17.09 37.51
CA THR A 713 -23.31 18.24 36.70
C THR A 713 -22.37 18.29 35.51
N ASP A 714 -22.92 18.60 34.33
CA ASP A 714 -22.16 18.53 33.09
C ASP A 714 -20.98 19.52 33.06
N ASN A 715 -21.10 20.57 33.87
CA ASN A 715 -20.04 21.58 33.98
C ASN A 715 -19.34 21.52 35.35
N GLY A 716 -18.38 22.42 35.56
CA GLY A 716 -17.68 22.51 36.83
C GLY A 716 -16.71 21.37 37.04
N GLU A 717 -16.15 21.30 38.24
CA GLU A 717 -15.14 20.30 38.61
C GLU A 717 -15.58 18.86 38.42
N TYR A 718 -14.63 18.00 38.12
CA TYR A 718 -14.93 16.62 37.82
C TYR A 718 -15.39 15.90 39.09
N MET A 719 -16.62 15.40 39.06
CA MET A 719 -17.23 14.69 40.19
C MET A 719 -17.50 15.57 41.41
N ALA A 720 -17.47 16.89 41.24
CA ALA A 720 -17.64 17.78 42.36
C ALA A 720 -19.11 18.09 42.75
N ASN A 721 -20.05 17.99 41.83
CA ASN A 721 -21.44 18.32 42.14
C ASN A 721 -22.39 17.33 41.53
N LYS A 722 -23.32 16.84 42.32
CA LYS A 722 -24.26 15.83 41.87
C LYS A 722 -25.52 16.42 41.24
N THR A 723 -26.14 15.67 40.34
CA THR A 723 -27.39 16.09 39.78
C THR A 723 -28.48 15.71 40.75
N PRO A 724 -29.68 16.22 40.53
CA PRO A 724 -30.86 15.80 41.26
C PRO A 724 -31.13 14.32 41.20
N TYR A 725 -30.50 13.61 40.28
CA TYR A 725 -30.85 12.23 40.03
C TYR A 725 -29.85 11.21 40.57
N TYR A 726 -28.74 11.68 41.12
CA TYR A 726 -27.65 10.81 41.59
C TYR A 726 -28.13 9.70 42.51
N ASP A 727 -29.04 10.01 43.45
CA ASP A 727 -29.52 8.99 44.40
C ASP A 727 -30.20 7.88 43.65
N ALA A 728 -31.21 8.25 42.89
CA ALA A 728 -32.01 7.28 42.15
C ALA A 728 -31.13 6.38 41.30
N ILE A 729 -30.22 6.98 40.55
CA ILE A 729 -29.45 6.23 39.56
C ILE A 729 -28.43 5.31 40.20
N THR A 730 -27.68 5.79 41.20
CA THR A 730 -26.71 4.93 41.87
C THR A 730 -27.37 3.83 42.67
N SER A 731 -28.63 4.02 43.06
CA SER A 731 -29.40 2.94 43.70
C SER A 731 -29.63 1.85 42.68
N LEU A 732 -30.25 2.21 41.56
CA LEU A 732 -30.49 1.28 40.47
C LEU A 732 -29.23 0.49 40.11
N LEU A 733 -28.10 1.19 39.98
CA LEU A 733 -26.84 0.59 39.52
C LEU A 733 -26.31 -0.51 40.43
N THR A 734 -26.38 -0.34 41.74
CA THR A 734 -26.01 -1.41 42.67
C THR A 734 -27.10 -2.47 42.71
N ALA A 735 -28.35 -2.02 42.64
CA ALA A 735 -29.49 -2.92 42.62
C ALA A 735 -29.40 -3.88 41.44
N ARG A 736 -28.98 -3.36 40.28
CA ARG A 736 -28.81 -4.18 39.07
C ARG A 736 -27.89 -5.36 39.35
N THR A 737 -26.77 -5.06 40.01
CA THR A 737 -25.79 -6.02 40.47
C THR A 737 -26.41 -7.15 41.31
N LYS A 738 -27.41 -6.84 42.11
CA LYS A 738 -27.96 -7.83 43.01
C LYS A 738 -29.20 -8.58 42.51
N PHE A 739 -30.05 -7.92 41.72
CA PHE A 739 -31.34 -8.51 41.36
C PHE A 739 -31.58 -8.76 39.88
N VAL A 740 -31.05 -7.91 39.02
CA VAL A 740 -31.47 -7.92 37.61
C VAL A 740 -30.91 -9.13 36.85
N SER A 741 -31.78 -10.08 36.54
CA SER A 741 -31.40 -11.30 35.82
C SER A 741 -32.64 -12.07 35.34
N GLY A 742 -32.44 -13.03 34.43
CA GLY A 742 -33.54 -13.85 33.92
C GLY A 742 -34.28 -13.22 32.77
N GLY A 743 -35.42 -13.80 32.40
CA GLY A 743 -36.20 -13.34 31.26
C GLY A 743 -36.91 -12.04 31.56
N GLN A 744 -37.51 -11.43 30.54
CA GLN A 744 -38.19 -10.14 30.69
C GLN A 744 -39.55 -10.16 30.03
N SER A 745 -40.41 -9.24 30.50
CA SER A 745 -41.67 -8.91 29.82
C SER A 745 -42.15 -7.48 30.13
N LEU A 746 -42.47 -6.74 29.07
CA LEU A 746 -43.07 -5.39 29.16
C LEU A 746 -44.56 -5.44 28.91
N SER A 747 -45.27 -4.52 29.55
CA SER A 747 -46.72 -4.38 29.38
C SER A 747 -47.09 -2.92 29.55
N VAL A 748 -48.33 -2.60 29.20
CA VAL A 748 -48.91 -1.28 29.40
C VAL A 748 -50.43 -1.43 29.46
N ASP A 749 -50.98 -1.22 30.65
CA ASP A 749 -52.41 -1.39 30.86
C ASP A 749 -53.22 -0.28 30.16
N LYS A 750 -54.54 -0.44 30.17
CA LYS A 750 -55.47 0.56 29.61
C LYS A 750 -55.18 1.99 30.06
N ASN A 751 -54.64 2.15 31.27
CA ASN A 751 -54.20 3.46 31.77
C ASN A 751 -52.85 3.97 31.28
N ASP A 752 -52.14 3.15 30.51
CA ASP A 752 -50.85 3.53 29.92
C ASP A 752 -49.75 3.54 30.99
N VAL A 753 -49.76 2.52 31.85
CA VAL A 753 -48.75 2.33 32.88
C VAL A 753 -47.87 1.15 32.52
N LEU A 754 -46.58 1.44 32.35
CA LEU A 754 -45.64 0.44 31.93
C LEU A 754 -45.22 -0.35 33.13
N THR A 755 -45.24 -1.67 33.00
CA THR A 755 -44.75 -2.57 34.02
C THR A 755 -43.76 -3.53 33.38
N SER A 756 -42.48 -3.36 33.70
CA SER A 756 -41.38 -4.21 33.20
C SER A 756 -41.00 -5.18 34.29
N VAL A 757 -40.92 -6.47 33.96
CA VAL A 757 -40.54 -7.48 34.94
C VAL A 757 -39.31 -8.26 34.49
N ARG A 758 -38.43 -8.52 35.44
CA ARG A 758 -37.37 -9.52 35.27
C ARG A 758 -37.66 -10.68 36.23
N TYR A 759 -37.60 -11.89 35.71
CA TYR A 759 -38.06 -13.05 36.45
C TYR A 759 -37.03 -13.59 37.42
N GLY A 760 -35.82 -13.08 37.33
CA GLY A 760 -34.69 -13.60 38.10
C GLY A 760 -33.96 -14.73 37.38
N LYS A 761 -32.72 -14.95 37.77
CA LYS A 761 -31.87 -15.95 37.14
C LYS A 761 -32.51 -17.32 37.17
N GLY A 762 -32.48 -17.99 36.01
CA GLY A 762 -33.00 -19.35 35.85
C GLY A 762 -34.42 -19.44 35.38
N ALA A 763 -35.11 -18.30 35.37
CA ALA A 763 -36.51 -18.24 34.98
C ALA A 763 -36.62 -17.31 33.78
N LEU A 764 -37.21 -17.79 32.68
CA LEU A 764 -37.31 -16.99 31.46
C LEU A 764 -38.72 -16.52 31.08
N SER A 765 -39.73 -16.98 31.80
CA SER A 765 -41.11 -16.55 31.62
C SER A 765 -41.84 -16.46 32.96
N ALA A 766 -43.07 -15.98 32.92
CA ALA A 766 -43.92 -15.97 34.11
C ALA A 766 -44.36 -17.40 34.52
N THR A 767 -44.40 -18.30 33.54
CA THR A 767 -44.81 -19.69 33.74
C THR A 767 -43.63 -20.61 34.08
N ASP A 768 -42.43 -20.06 34.15
CA ASP A 768 -41.22 -20.84 34.44
C ASP A 768 -40.99 -20.94 35.96
N ASN A 769 -40.74 -22.16 36.44
CA ASN A 769 -40.51 -22.43 37.88
C ASN A 769 -39.06 -22.23 38.36
N GLY A 770 -38.16 -22.02 37.42
CA GLY A 770 -36.84 -21.50 37.72
C GLY A 770 -35.83 -22.48 38.31
N SER A 771 -34.76 -21.91 38.83
CA SER A 771 -33.67 -22.64 39.45
C SER A 771 -33.59 -22.27 40.92
N SER A 772 -32.59 -22.76 41.62
CA SER A 772 -32.34 -22.34 43.00
C SER A 772 -32.07 -20.85 43.09
N ASP A 773 -31.48 -20.28 42.05
CA ASP A 773 -31.13 -18.85 42.01
C ASP A 773 -32.29 -17.88 41.82
N THR A 774 -33.43 -18.37 41.35
CA THR A 774 -34.56 -17.51 40.99
C THR A 774 -35.21 -16.78 42.16
N ARG A 775 -35.43 -17.47 43.26
CA ARG A 775 -36.31 -16.95 44.31
C ARG A 775 -36.00 -15.50 44.72
N ASN A 776 -34.76 -15.25 45.12
CA ASN A 776 -34.36 -13.94 45.64
C ASN A 776 -33.80 -12.95 44.62
N GLN A 777 -33.97 -13.25 43.34
CA GLN A 777 -33.57 -12.35 42.27
C GLN A 777 -34.81 -11.92 41.49
N GLY A 778 -34.61 -11.05 40.52
CA GLY A 778 -35.66 -10.64 39.60
C GLY A 778 -36.39 -9.40 40.04
N ILE A 779 -36.05 -8.28 39.42
CA ILE A 779 -36.64 -6.97 39.69
C ILE A 779 -38.03 -6.78 39.03
N GLY A 780 -38.72 -5.70 39.43
CA GLY A 780 -39.96 -5.28 38.79
C GLY A 780 -40.11 -3.76 38.79
N VAL A 781 -40.50 -3.19 37.65
CA VAL A 781 -40.53 -1.73 37.43
C VAL A 781 -41.90 -1.21 36.97
N ILE A 782 -42.32 -0.07 37.52
CA ILE A 782 -43.59 0.58 37.17
C ILE A 782 -43.32 2.01 36.73
N VAL A 783 -43.83 2.41 35.58
CA VAL A 783 -43.58 3.77 35.06
C VAL A 783 -44.82 4.35 34.40
N SER A 784 -45.16 5.57 34.80
CA SER A 784 -46.15 6.38 34.09
C SER A 784 -45.53 7.72 33.75
N ASN A 785 -46.02 8.31 32.67
CA ASN A 785 -45.56 9.61 32.20
C ASN A 785 -46.70 10.62 32.12
N ASN A 786 -47.79 10.36 32.86
CA ASN A 786 -48.94 11.24 32.94
C ASN A 786 -48.98 11.85 34.32
N PRO A 787 -48.66 13.15 34.44
CA PRO A 787 -48.68 13.81 35.75
C PRO A 787 -50.04 13.86 36.49
N ASN A 788 -51.14 13.62 35.77
CA ASN A 788 -52.49 13.59 36.36
C ASN A 788 -53.12 12.19 36.31
N LEU A 789 -52.28 11.17 36.43
CA LEU A 789 -52.76 9.81 36.52
C LEU A 789 -53.73 9.69 37.69
N ASP A 790 -54.99 9.36 37.37
CA ASP A 790 -56.00 9.02 38.39
C ASP A 790 -56.58 7.63 38.10
N LEU A 791 -56.14 6.65 38.87
CA LEU A 791 -56.54 5.26 38.63
C LEU A 791 -58.01 5.02 38.91
N ASN A 792 -58.62 5.90 39.71
CA ASN A 792 -60.02 5.72 40.14
C ASN A 792 -60.19 4.35 40.84
N ASN A 793 -60.96 3.42 40.26
CA ASN A 793 -61.09 2.09 40.85
C ASN A 793 -60.10 1.11 40.28
N ASP A 794 -59.46 1.47 39.16
CA ASP A 794 -58.53 0.58 38.45
C ASP A 794 -57.32 0.14 39.30
N LYS A 795 -56.62 -0.88 38.81
CA LYS A 795 -55.51 -1.48 39.52
C LYS A 795 -54.33 -1.63 38.58
N VAL A 796 -53.14 -1.37 39.10
CA VAL A 796 -51.91 -1.68 38.38
C VAL A 796 -51.40 -3.02 38.88
N THR A 797 -50.88 -3.84 37.97
CA THR A 797 -50.40 -5.19 38.29
C THR A 797 -48.98 -5.47 37.83
N LEU A 798 -48.13 -5.83 38.78
CA LEU A 798 -46.81 -6.37 38.47
C LEU A 798 -46.90 -7.90 38.55
N SER A 799 -46.95 -8.56 37.41
CA SER A 799 -46.97 -10.02 37.39
C SER A 799 -45.55 -10.55 37.38
N MET A 800 -45.00 -10.73 38.57
CA MET A 800 -43.71 -11.41 38.73
C MET A 800 -44.00 -12.86 38.32
N GLY A 801 -43.00 -13.71 38.34
CA GLY A 801 -43.22 -15.11 37.93
C GLY A 801 -44.02 -15.97 38.90
N ILE A 802 -44.46 -17.13 38.44
CA ILE A 802 -45.01 -18.13 39.34
C ILE A 802 -43.88 -18.69 40.18
N SER A 803 -42.66 -18.42 39.74
CA SER A 803 -41.48 -18.63 40.59
C SER A 803 -41.43 -17.67 41.79
N HIS A 804 -42.32 -16.69 41.82
CA HIS A 804 -42.33 -15.69 42.89
C HIS A 804 -43.70 -15.57 43.55
N ALA A 805 -44.40 -16.68 43.72
CA ALA A 805 -45.72 -16.66 44.40
C ALA A 805 -45.53 -16.79 45.90
N HIS A 806 -46.48 -16.25 46.66
CA HIS A 806 -46.43 -16.26 48.13
C HIS A 806 -45.07 -15.76 48.62
N GLN A 807 -44.67 -14.59 48.15
CA GLN A 807 -43.35 -14.01 48.43
C GLN A 807 -43.40 -12.54 48.82
N ALA A 808 -42.71 -12.21 49.89
CA ALA A 808 -42.64 -10.84 50.37
C ALA A 808 -41.73 -9.99 49.50
N TYR A 809 -42.24 -8.83 49.09
CA TYR A 809 -41.48 -7.86 48.31
C TYR A 809 -41.38 -6.53 49.06
N ARG A 810 -40.37 -5.74 48.70
CA ARG A 810 -40.13 -4.43 49.30
C ARG A 810 -39.59 -3.44 48.26
N PRO A 811 -39.83 -2.14 48.45
CA PRO A 811 -39.43 -1.20 47.42
C PRO A 811 -37.96 -0.81 47.44
N LEU A 812 -37.40 -0.62 46.25
CA LEU A 812 -36.09 -0.03 46.09
C LEU A 812 -36.23 1.47 45.87
N LEU A 813 -37.12 1.86 44.96
CA LEU A 813 -37.42 3.27 44.64
C LEU A 813 -38.94 3.58 44.67
N LEU A 814 -39.30 4.73 45.24
CA LEU A 814 -40.69 5.21 45.24
C LEU A 814 -40.78 6.73 45.07
N THR A 815 -41.89 7.22 44.55
CA THR A 815 -42.05 8.66 44.29
C THR A 815 -43.05 9.34 45.22
N ASN A 816 -42.59 10.39 45.89
CA ASN A 816 -43.44 11.24 46.73
C ASN A 816 -43.62 12.53 45.99
N SER A 817 -44.35 13.45 46.64
CA SER A 817 -44.36 14.84 46.26
C SER A 817 -42.96 15.44 46.47
N GLN A 818 -42.30 15.03 47.56
CA GLN A 818 -40.94 15.50 47.87
C GLN A 818 -39.88 15.05 46.86
N GLY A 819 -40.06 13.89 46.25
CA GLY A 819 -39.05 13.41 45.30
C GLY A 819 -39.11 11.91 45.11
N ILE A 820 -37.94 11.28 45.05
CA ILE A 820 -37.86 9.83 45.01
C ILE A 820 -37.18 9.32 46.28
N VAL A 821 -37.78 8.32 46.91
CA VAL A 821 -37.18 7.65 48.05
C VAL A 821 -36.38 6.46 47.60
N ALA A 822 -35.19 6.30 48.16
CA ALA A 822 -34.36 5.15 47.83
C ALA A 822 -34.07 4.38 49.10
N TYR A 823 -34.58 3.16 49.17
CA TYR A 823 -34.25 2.21 50.23
C TYR A 823 -33.13 1.30 49.75
N ALA A 824 -32.05 1.27 50.53
CA ALA A 824 -30.81 0.58 50.15
C ALA A 824 -30.62 -0.79 50.81
N THR A 825 -31.48 -1.14 51.76
CA THR A 825 -31.53 -2.49 52.34
C THR A 825 -32.95 -2.84 52.72
N ASP A 826 -33.19 -4.09 53.09
CA ASP A 826 -34.50 -4.49 53.60
C ASP A 826 -34.87 -3.68 54.86
N SER A 827 -33.90 -3.54 55.76
CA SER A 827 -34.12 -2.94 57.06
C SER A 827 -34.50 -1.43 57.06
N GLU A 828 -34.22 -0.73 55.96
CA GLU A 828 -34.57 0.69 55.82
C GLU A 828 -36.05 0.90 55.46
N VAL A 829 -36.74 -0.17 55.14
CA VAL A 829 -38.11 -0.08 54.72
C VAL A 829 -39.00 -0.15 55.95
N PRO A 830 -40.08 0.64 55.98
CA PRO A 830 -41.09 0.44 57.03
C PRO A 830 -42.02 -0.72 56.74
N GLN A 831 -42.33 -1.53 57.75
CA GLN A 831 -43.04 -2.81 57.55
C GLN A 831 -44.36 -2.74 56.78
N ASN A 832 -45.13 -1.68 56.99
CA ASN A 832 -46.38 -1.51 56.24
C ASN A 832 -46.24 -1.42 54.70
N LEU A 833 -45.08 -0.96 54.22
CA LEU A 833 -44.81 -0.85 52.78
C LEU A 833 -44.63 -2.25 52.18
N TYR A 834 -43.99 -3.17 52.92
CA TYR A 834 -43.84 -4.55 52.45
C TYR A 834 -45.17 -5.00 51.87
N LYS A 835 -45.10 -5.77 50.79
CA LYS A 835 -46.30 -6.40 50.26
C LYS A 835 -46.01 -7.71 49.58
N THR A 836 -46.91 -8.67 49.79
CA THR A 836 -46.69 -10.07 49.43
C THR A 836 -47.48 -10.46 48.18
N THR A 837 -46.87 -11.28 47.34
CA THR A 837 -47.52 -11.76 46.12
C THR A 837 -48.60 -12.76 46.43
N ASN A 838 -49.56 -12.86 45.51
CA ASN A 838 -50.58 -13.87 45.64
C ASN A 838 -50.08 -15.22 45.09
N ASP A 839 -51.02 -16.17 44.91
CA ASP A 839 -50.71 -17.53 44.42
C ASP A 839 -50.18 -17.59 42.98
N LYS A 840 -50.50 -16.58 42.17
CA LYS A 840 -50.00 -16.47 40.79
C LYS A 840 -48.68 -15.68 40.69
N GLY A 841 -48.27 -15.07 41.81
CA GLY A 841 -47.05 -14.27 41.85
C GLY A 841 -47.28 -12.83 41.42
N GLU A 842 -48.47 -12.29 41.72
CA GLU A 842 -48.83 -10.93 41.33
C GLU A 842 -48.81 -9.94 42.49
N LEU A 843 -48.45 -8.71 42.19
CA LEU A 843 -48.62 -7.58 43.09
C LEU A 843 -49.66 -6.64 42.49
N THR A 844 -50.48 -6.05 43.36
CA THR A 844 -51.59 -5.20 42.95
C THR A 844 -51.53 -3.86 43.66
N PHE A 845 -51.74 -2.79 42.90
CA PHE A 845 -51.60 -1.44 43.43
C PHE A 845 -52.91 -0.62 43.29
N ASP A 846 -53.16 0.23 44.30
CA ASP A 846 -54.36 1.09 44.39
C ASP A 846 -54.06 2.53 44.03
N ALA A 847 -55.11 3.34 43.95
CA ALA A 847 -54.95 4.78 43.78
C ALA A 847 -54.32 5.38 45.05
N SER A 848 -54.54 4.70 46.18
CA SER A 848 -53.89 5.02 47.46
C SER A 848 -52.35 4.99 47.39
N GLU A 849 -51.83 4.21 46.46
CA GLU A 849 -50.38 4.05 46.27
C GLU A 849 -49.85 4.76 45.02
N ILE A 850 -50.58 4.64 43.91
CA ILE A 850 -50.12 5.16 42.64
C ILE A 850 -51.05 6.24 42.12
N LYS A 851 -50.53 7.46 42.11
CA LYS A 851 -51.21 8.63 41.56
C LYS A 851 -50.26 9.38 40.62
N GLY A 852 -50.73 10.46 40.01
CA GLY A 852 -49.88 11.33 39.20
C GLY A 852 -49.04 12.27 40.06
N TYR A 853 -47.80 12.50 39.64
CA TYR A 853 -46.92 13.41 40.36
C TYR A 853 -46.23 14.36 39.39
N ASP A 854 -45.73 15.46 39.95
CA ASP A 854 -44.95 16.45 39.21
C ASP A 854 -43.87 16.97 40.16
N THR A 855 -42.73 16.30 40.16
CA THR A 855 -41.59 16.70 40.98
C THR A 855 -40.49 17.16 40.05
N VAL A 856 -39.27 17.27 40.56
CA VAL A 856 -38.11 17.54 39.72
C VAL A 856 -37.76 16.30 38.89
N GLN A 857 -38.06 15.14 39.47
CA GLN A 857 -37.51 13.85 39.03
C GLN A 857 -38.53 12.91 38.36
N THR A 858 -39.78 13.33 38.30
CA THR A 858 -40.83 12.44 37.84
C THR A 858 -42.09 13.21 37.44
N SER A 859 -42.45 13.16 36.17
CA SER A 859 -43.80 13.49 35.71
C SER A 859 -44.49 12.16 35.48
N GLY A 860 -45.56 11.89 36.21
CA GLY A 860 -46.10 10.53 36.31
C GLY A 860 -45.58 9.83 37.56
N TYR A 861 -45.47 8.51 37.50
CA TYR A 861 -45.05 7.72 38.67
C TYR A 861 -43.88 6.80 38.34
N LEU A 862 -43.02 6.56 39.34
CA LEU A 862 -41.93 5.59 39.23
C LEU A 862 -41.84 4.71 40.47
N ALA A 863 -41.70 3.41 40.25
CA ALA A 863 -41.56 2.47 41.36
C ALA A 863 -40.71 1.27 40.95
N VAL A 864 -39.86 0.83 41.87
CA VAL A 864 -39.04 -0.33 41.66
C VAL A 864 -39.15 -1.22 42.86
N TRP A 865 -39.56 -2.46 42.63
CA TRP A 865 -39.76 -3.43 43.70
C TRP A 865 -38.82 -4.63 43.54
N VAL A 866 -38.23 -5.07 44.65
CA VAL A 866 -37.28 -6.20 44.67
C VAL A 866 -37.70 -7.24 45.72
N PRO A 867 -37.33 -8.51 45.53
CA PRO A 867 -37.75 -9.53 46.48
C PRO A 867 -36.97 -9.51 47.80
N VAL A 868 -37.69 -9.75 48.89
CA VAL A 868 -37.15 -9.64 50.24
C VAL A 868 -36.28 -10.84 50.56
N GLY A 869 -35.23 -10.60 51.33
CA GLY A 869 -34.40 -11.66 51.87
C GLY A 869 -33.11 -11.96 51.13
N ALA A 870 -32.73 -11.13 50.17
CA ALA A 870 -31.46 -11.33 49.46
C ALA A 870 -30.27 -11.24 50.42
N SER A 871 -29.18 -11.94 50.10
CA SER A 871 -27.97 -11.93 50.93
C SER A 871 -26.92 -10.97 50.39
N ASP A 872 -25.85 -10.78 51.14
CA ASP A 872 -24.73 -9.97 50.66
C ASP A 872 -23.82 -10.66 49.66
N GLU A 873 -23.78 -11.99 49.72
CA GLU A 873 -23.10 -12.80 48.70
C GLU A 873 -23.77 -12.63 47.35
N GLN A 874 -25.10 -12.54 47.36
CA GLN A 874 -25.92 -12.54 46.15
C GLN A 874 -25.48 -11.50 45.12
N ASP A 875 -25.19 -12.03 43.94
CA ASP A 875 -24.84 -11.26 42.75
C ASP A 875 -25.62 -11.85 41.56
N ALA A 876 -26.32 -11.02 40.81
CA ALA A 876 -27.20 -11.50 39.75
C ALA A 876 -26.50 -11.73 38.41
N ARG A 877 -25.22 -11.39 38.33
CA ARG A 877 -24.51 -11.47 37.06
C ARG A 877 -24.05 -12.88 36.73
N THR A 878 -23.76 -13.12 35.46
CA THR A 878 -23.40 -14.45 34.95
C THR A 878 -21.97 -14.46 34.36
N ILE A 879 -21.28 -15.58 34.52
CA ILE A 879 -19.91 -15.74 33.99
C ILE A 879 -20.00 -16.14 32.52
N ALA A 880 -19.08 -15.65 31.71
CA ALA A 880 -19.04 -15.94 30.28
C ALA A 880 -18.65 -17.39 30.04
N SER A 881 -19.30 -17.99 29.06
CA SER A 881 -19.04 -19.36 28.66
C SER A 881 -17.69 -19.48 27.95
N THR A 882 -17.03 -20.62 28.09
CA THR A 882 -15.78 -20.92 27.36
C THR A 882 -16.00 -21.86 26.15
N GLU A 883 -17.26 -22.23 25.89
CA GLU A 883 -17.61 -23.02 24.71
C GLU A 883 -17.53 -22.24 23.38
N LYS A 884 -17.22 -22.96 22.32
CA LYS A 884 -17.23 -22.43 20.95
C LYS A 884 -18.65 -22.17 20.51
N ASN A 885 -18.85 -21.08 19.79
CA ASN A 885 -20.17 -20.72 19.29
C ASN A 885 -20.33 -20.96 17.77
N ASN A 886 -21.57 -21.22 17.34
CA ASN A 886 -21.96 -21.18 15.92
C ASN A 886 -22.10 -19.75 15.40
N GLY A 887 -22.03 -19.58 14.09
CA GLY A 887 -22.21 -18.26 13.47
C GLY A 887 -20.96 -17.38 13.45
N ASN A 888 -21.15 -16.16 12.97
CA ASN A 888 -20.06 -15.22 12.72
C ASN A 888 -20.04 -14.07 13.70
N SER A 889 -21.00 -13.99 14.61
CA SER A 889 -21.03 -12.86 15.54
C SER A 889 -20.06 -13.05 16.70
N VAL A 890 -19.22 -12.05 16.96
CA VAL A 890 -18.24 -12.16 18.06
C VAL A 890 -18.95 -12.22 19.39
N TYR A 891 -19.80 -11.23 19.64
CA TYR A 891 -20.60 -11.16 20.88
C TYR A 891 -21.95 -11.82 20.67
N HIS A 892 -22.56 -12.26 21.77
CA HIS A 892 -23.91 -12.87 21.73
C HIS A 892 -24.78 -12.31 22.86
N SER A 893 -25.96 -11.79 22.55
CA SER A 893 -26.81 -11.19 23.57
C SER A 893 -27.35 -12.25 24.50
N ASN A 894 -26.70 -12.41 25.64
CA ASN A 894 -27.09 -13.39 26.63
C ASN A 894 -26.80 -12.86 28.03
N ALA A 895 -27.00 -13.70 29.04
CA ALA A 895 -26.85 -13.32 30.46
C ALA A 895 -25.50 -12.71 30.78
N ALA A 896 -24.45 -13.35 30.29
CA ALA A 896 -23.07 -12.93 30.56
C ALA A 896 -22.81 -11.53 30.03
N LEU A 897 -23.21 -11.29 28.78
CA LEU A 897 -23.02 -9.95 28.15
C LEU A 897 -23.87 -8.86 28.80
N ASP A 898 -25.06 -9.22 29.29
CA ASP A 898 -25.93 -8.28 29.98
C ASP A 898 -25.41 -7.97 31.39
N SER A 899 -24.57 -8.84 31.92
CA SER A 899 -23.82 -8.54 33.13
C SER A 899 -22.83 -7.36 32.98
N GLN A 900 -22.52 -6.98 31.75
CA GLN A 900 -21.63 -5.89 31.48
C GLN A 900 -22.36 -4.57 31.57
N LEU A 901 -21.62 -3.51 31.87
CA LEU A 901 -22.14 -2.15 31.89
C LEU A 901 -21.03 -1.18 31.58
N ILE A 902 -21.32 -0.18 30.76
CA ILE A 902 -20.33 0.84 30.38
C ILE A 902 -20.64 2.15 31.09
N TYR A 903 -19.60 2.85 31.48
CA TYR A 903 -19.75 4.17 32.09
C TYR A 903 -18.95 5.16 31.27
N GLU A 904 -19.63 6.06 30.60
CA GLU A 904 -18.99 7.15 29.90
C GLU A 904 -18.50 8.14 30.95
N GLY A 905 -17.20 8.19 31.17
CA GLY A 905 -16.64 8.86 32.35
C GLY A 905 -16.13 10.27 32.14
N PHE A 906 -16.88 11.08 31.39
CA PHE A 906 -16.47 12.46 31.14
C PHE A 906 -17.60 13.32 30.57
N SER A 907 -17.31 14.63 30.51
CA SER A 907 -18.21 15.62 29.93
C SER A 907 -17.43 16.60 29.07
N ASN A 908 -18.11 17.20 28.11
CA ASN A 908 -17.46 18.22 27.31
C ASN A 908 -17.07 19.37 28.21
N PHE A 909 -18.03 19.77 29.05
CA PHE A 909 -17.98 21.03 29.77
C PHE A 909 -17.44 20.91 31.20
N GLN A 910 -16.76 19.81 31.50
CA GLN A 910 -15.91 19.75 32.68
C GLN A 910 -14.98 20.93 32.64
N THR A 911 -14.81 21.63 33.76
CA THR A 911 -13.91 22.78 33.79
C THR A 911 -12.47 22.33 33.47
N VAL A 912 -11.69 23.23 32.88
CA VAL A 912 -10.35 22.91 32.38
C VAL A 912 -9.29 23.37 33.37
N PRO A 913 -8.60 22.42 34.03
CA PRO A 913 -7.67 22.80 35.10
C PRO A 913 -6.73 23.90 34.64
N SER A 914 -6.72 25.02 35.34
CA SER A 914 -5.92 26.16 34.92
C SER A 914 -4.42 25.85 34.97
N LYS A 915 -3.65 26.70 34.33
CA LYS A 915 -2.21 26.48 34.16
C LYS A 915 -1.59 25.96 35.44
N ASN A 916 -1.85 26.64 36.54
CA ASN A 916 -1.29 26.26 37.84
C ASN A 916 -2.36 25.59 38.67
N ALA A 917 -2.99 24.57 38.12
CA ALA A 917 -4.00 23.83 38.87
C ALA A 917 -3.28 22.91 39.84
N SER A 918 -3.94 22.64 40.95
CA SER A 918 -3.41 21.69 41.92
C SER A 918 -3.54 20.30 41.30
N ALA A 919 -2.71 19.37 41.76
CA ALA A 919 -2.63 18.04 41.16
C ALA A 919 -3.98 17.29 41.18
N ASP A 920 -4.83 17.58 42.17
CA ASP A 920 -6.06 16.80 42.37
C ASP A 920 -7.32 17.39 41.70
N GLU A 921 -7.13 18.41 40.86
CA GLU A 921 -8.23 18.87 39.98
C GLU A 921 -8.35 18.02 38.73
N TYR A 922 -7.23 17.44 38.31
CA TYR A 922 -7.16 16.71 37.05
C TYR A 922 -7.98 15.41 37.11
N ALA A 923 -8.88 15.24 36.15
CA ALA A 923 -9.88 14.18 36.20
C ALA A 923 -9.29 12.77 36.30
N ASN A 924 -8.12 12.55 35.72
CA ASN A 924 -7.50 11.22 35.77
C ASN A 924 -6.96 10.88 37.16
N VAL A 925 -6.77 11.89 38.01
CA VAL A 925 -6.37 11.64 39.40
C VAL A 925 -7.60 11.30 40.22
N ILE A 926 -8.65 12.09 39.99
CA ILE A 926 -9.94 11.89 40.64
C ILE A 926 -10.49 10.52 40.28
N ILE A 927 -10.24 10.05 39.07
CA ILE A 927 -10.70 8.72 38.64
C ILE A 927 -10.09 7.64 39.51
N ALA A 928 -8.78 7.77 39.75
CA ALA A 928 -8.01 6.76 40.48
C ALA A 928 -8.47 6.67 41.92
N LYS A 929 -8.66 7.82 42.57
CA LYS A 929 -9.27 7.86 43.91
C LYS A 929 -10.55 7.05 43.89
N HIS A 930 -11.50 7.47 43.06
CA HIS A 930 -12.84 6.92 43.10
C HIS A 930 -13.02 5.56 42.37
N ALA A 931 -11.94 4.85 42.09
CA ALA A 931 -12.00 3.59 41.35
C ALA A 931 -13.05 2.58 41.89
N ALA A 932 -13.08 2.39 43.19
CA ALA A 932 -14.03 1.49 43.83
C ALA A 932 -15.48 1.90 43.60
N ASP A 933 -15.74 3.20 43.57
CA ASP A 933 -17.10 3.70 43.32
C ASP A 933 -17.70 3.04 42.10
N PHE A 934 -16.90 2.98 41.04
CA PHE A 934 -17.36 2.51 39.75
C PHE A 934 -17.61 1.01 39.80
N ASN A 935 -16.74 0.30 40.51
CA ASN A 935 -16.93 -1.14 40.73
C ASN A 935 -18.21 -1.42 41.52
N LYS A 936 -18.49 -0.56 42.50
CA LYS A 936 -19.72 -0.67 43.27
C LYS A 936 -20.96 -0.41 42.41
N TRP A 937 -20.81 0.40 41.37
CA TRP A 937 -21.92 0.68 40.43
C TRP A 937 -22.13 -0.42 39.36
N GLY A 938 -21.21 -1.37 39.28
CA GLY A 938 -21.31 -2.48 38.34
C GLY A 938 -20.58 -2.24 37.04
N VAL A 939 -19.71 -1.23 37.04
CA VAL A 939 -18.99 -0.88 35.85
C VAL A 939 -18.01 -1.99 35.53
N THR A 940 -18.03 -2.41 34.26
CA THR A 940 -17.07 -3.37 33.72
C THR A 940 -16.20 -2.79 32.61
N SER A 941 -16.72 -1.80 31.89
CA SER A 941 -15.95 -1.08 30.87
C SER A 941 -16.05 0.40 31.15
N PHE A 942 -14.92 1.00 31.51
CA PHE A 942 -14.83 2.43 31.76
C PHE A 942 -14.42 3.17 30.47
N GLN A 943 -15.38 3.83 29.82
CA GLN A 943 -15.10 4.57 28.59
C GLN A 943 -14.54 5.92 28.93
N MET A 944 -13.23 6.04 28.86
CA MET A 944 -12.57 7.31 29.10
C MET A 944 -12.73 8.23 27.90
N ALA A 945 -12.38 9.48 28.15
CA ALA A 945 -12.38 10.49 27.11
C ALA A 945 -11.24 10.25 26.13
N PRO A 946 -11.26 10.96 25.00
CA PRO A 946 -10.06 10.96 24.21
C PRO A 946 -8.94 11.66 24.98
N GLN A 947 -7.75 11.06 24.97
CA GLN A 947 -6.66 11.57 25.78
C GLN A 947 -5.62 12.38 24.96
N TYR A 948 -5.99 12.83 23.79
CA TYR A 948 -5.02 13.41 22.86
C TYR A 948 -4.94 14.90 23.14
N ARG A 949 -3.72 15.42 23.22
CA ARG A 949 -3.53 16.85 23.49
C ARG A 949 -4.33 17.72 22.51
N SER A 950 -5.22 18.55 23.06
CA SER A 950 -6.18 19.26 22.24
C SER A 950 -5.66 20.55 21.62
N SER A 951 -6.27 20.92 20.51
CA SER A 951 -6.12 22.24 19.92
C SER A 951 -6.89 23.22 20.79
N THR A 952 -6.46 24.49 20.73
CA THR A 952 -7.12 25.58 21.47
C THR A 952 -7.54 26.68 20.52
N ASP A 953 -7.68 26.36 19.24
CA ASP A 953 -7.90 27.36 18.19
C ASP A 953 -9.36 27.75 17.94
N GLY A 954 -10.29 27.12 18.66
CA GLY A 954 -11.68 27.52 18.60
C GLY A 954 -12.36 27.32 17.27
N SER A 955 -11.77 26.53 16.38
CA SER A 955 -12.37 26.27 15.08
C SER A 955 -13.70 25.54 15.18
N PHE A 956 -13.91 24.83 16.29
CA PHE A 956 -15.17 24.14 16.60
C PHE A 956 -15.26 23.99 18.11
N LEU A 957 -16.45 23.71 18.61
CA LEU A 957 -16.66 23.48 20.05
C LEU A 957 -15.53 22.73 20.74
N ASP A 958 -15.26 21.52 20.25
CA ASP A 958 -14.29 20.58 20.87
C ASP A 958 -12.87 21.15 21.00
N ALA A 959 -12.61 22.24 20.26
CA ALA A 959 -11.29 22.89 20.21
C ALA A 959 -11.24 24.22 20.93
N VAL A 960 -12.36 24.67 21.51
CA VAL A 960 -12.33 25.90 22.29
C VAL A 960 -11.56 25.59 23.57
N ASP A 961 -10.79 26.58 24.01
CA ASP A 961 -9.90 26.43 25.16
C ASP A 961 -10.61 26.15 26.50
N THR A 962 -11.90 26.46 26.61
CA THR A 962 -12.68 26.16 27.83
C THR A 962 -13.29 24.75 27.85
N VAL A 963 -13.19 24.02 26.73
CA VAL A 963 -13.61 22.61 26.69
C VAL A 963 -12.72 21.76 25.84
N GLN A 964 -11.43 21.69 26.16
CA GLN A 964 -10.49 20.92 25.35
C GLN A 964 -10.68 19.42 25.56
N ASN A 965 -11.81 18.92 25.09
CA ASN A 965 -12.26 17.60 25.49
C ASN A 965 -11.42 16.49 24.90
N GLY A 966 -10.68 16.80 23.84
CA GLY A 966 -9.74 15.82 23.28
C GLY A 966 -10.11 15.20 21.95
N TYR A 967 -11.16 15.70 21.32
CA TYR A 967 -11.55 15.25 19.98
C TYR A 967 -10.88 16.11 18.89
N ALA A 968 -10.27 17.21 19.30
CA ALA A 968 -9.58 18.08 18.36
C ALA A 968 -8.09 18.10 18.68
N PHE A 969 -7.28 17.42 17.88
CA PHE A 969 -5.87 17.23 18.17
C PHE A 969 -5.00 17.31 16.92
N THR A 970 -3.71 17.55 17.10
CA THR A 970 -2.75 17.56 15.99
C THR A 970 -1.85 16.34 16.01
N ASP A 971 -1.64 15.78 17.19
CA ASP A 971 -0.66 14.70 17.37
C ASP A 971 -1.31 13.50 18.07
N ARG A 972 -1.86 12.61 17.27
CA ARG A 972 -2.60 11.46 17.73
C ARG A 972 -1.88 10.51 18.71
N TYR A 973 -0.57 10.65 18.87
CA TYR A 973 0.20 9.78 19.80
C TYR A 973 0.56 10.47 21.13
N ASP A 974 0.15 11.72 21.29
CA ASP A 974 0.50 12.49 22.47
C ASP A 974 -0.63 12.54 23.51
N LEU A 975 -0.54 11.67 24.50
CA LEU A 975 -1.56 11.59 25.55
C LEU A 975 -1.10 12.27 26.82
N GLY A 976 -0.31 13.32 26.68
CA GLY A 976 0.02 14.18 27.81
C GLY A 976 1.43 14.03 28.31
N PHE A 977 2.38 13.96 27.39
CA PHE A 977 3.78 13.80 27.76
C PHE A 977 4.35 15.10 28.33
N ASN A 978 5.49 15.01 29.01
CA ASN A 978 6.13 16.20 29.56
C ASN A 978 6.77 16.98 28.44
N ALA A 979 6.90 18.30 28.62
CA ALA A 979 7.59 19.17 27.67
C ALA A 979 9.07 18.83 27.54
N ALA A 980 9.76 19.51 26.61
CA ALA A 980 11.17 19.23 26.31
C ALA A 980 12.09 19.52 27.49
N ASP A 981 11.81 20.61 28.21
CA ASP A 981 12.53 20.96 29.45
C ASP A 981 12.22 20.01 30.61
N GLY A 982 11.29 19.08 30.39
CA GLY A 982 10.93 18.08 31.36
C GLY A 982 9.89 18.58 32.34
N SER A 983 9.28 19.72 32.06
CA SER A 983 8.21 20.21 32.90
C SER A 983 6.96 19.40 32.64
N LYS A 984 6.22 19.09 33.71
CA LYS A 984 4.94 18.44 33.55
C LYS A 984 4.12 19.37 32.66
N ASN A 985 3.56 18.81 31.59
CA ASN A 985 2.70 19.53 30.66
C ASN A 985 1.57 18.56 30.34
N PRO A 986 0.41 18.73 30.98
CA PRO A 986 -0.62 17.72 30.90
C PRO A 986 -1.65 18.01 29.81
N THR A 987 -2.58 17.07 29.59
CA THR A 987 -3.78 17.35 28.81
C THR A 987 -4.77 17.94 29.79
N LYS A 988 -6.03 18.04 29.38
CA LYS A 988 -7.11 18.47 30.28
C LYS A 988 -7.29 17.51 31.46
N TYR A 989 -7.03 16.22 31.21
CA TYR A 989 -7.31 15.18 32.19
C TYR A 989 -6.10 14.78 33.03
N GLY A 990 -4.89 15.11 32.56
CA GLY A 990 -3.67 14.88 33.33
C GLY A 990 -2.47 14.54 32.49
N THR A 991 -1.34 14.28 33.14
CA THR A 991 -0.12 13.83 32.46
C THR A 991 -0.26 12.40 31.96
N ASP A 992 0.72 11.96 31.17
CA ASP A 992 0.80 10.57 30.78
C ASP A 992 0.88 9.69 32.03
N GLU A 993 1.74 10.09 32.95
CA GLU A 993 1.82 9.47 34.29
C GLU A 993 0.44 9.28 34.88
N ASP A 994 -0.30 10.39 34.96
CA ASP A 994 -1.63 10.41 35.58
C ASP A 994 -2.60 9.50 34.84
N LEU A 995 -2.47 9.43 33.53
CA LEU A 995 -3.27 8.51 32.74
C LEU A 995 -2.93 7.07 33.04
N ARG A 996 -1.64 6.74 32.97
CA ARG A 996 -1.17 5.39 33.31
C ARG A 996 -1.68 4.93 34.67
N ASN A 997 -1.72 5.83 35.64
CA ASN A 997 -2.21 5.50 36.99
C ASN A 997 -3.73 5.33 37.10
N ALA A 998 -4.48 6.07 36.30
CA ALA A 998 -5.93 5.88 36.22
C ALA A 998 -6.26 4.47 35.71
N ILE A 999 -5.51 4.01 34.72
CA ILE A 999 -5.71 2.69 34.13
C ILE A 999 -5.34 1.56 35.09
N LYS A 1000 -4.30 1.79 35.88
CA LYS A 1000 -3.87 0.81 36.89
C LYS A 1000 -4.89 0.65 38.01
N SER A 1001 -5.49 1.76 38.45
CA SER A 1001 -6.48 1.73 39.54
C SER A 1001 -7.78 1.06 39.13
N LEU A 1002 -8.14 1.27 37.87
CA LEU A 1002 -9.30 0.61 37.30
C LEU A 1002 -9.01 -0.84 37.04
N HIS A 1003 -7.80 -1.15 36.59
CA HIS A 1003 -7.40 -2.54 36.39
C HIS A 1003 -7.35 -3.30 37.72
N ALA A 1004 -6.94 -2.60 38.80
CA ALA A 1004 -6.81 -3.20 40.13
C ALA A 1004 -8.16 -3.58 40.74
N GLN A 1005 -9.22 -2.86 40.36
CA GLN A 1005 -10.61 -3.24 40.67
C GLN A 1005 -11.01 -4.50 39.90
N LYS A 1006 -11.72 -5.39 40.58
CA LYS A 1006 -12.09 -6.68 40.01
C LYS A 1006 -13.60 -6.87 40.05
N THR A 1007 -14.19 -7.38 38.98
CA THR A 1007 -15.65 -7.52 38.94
C THR A 1007 -16.05 -8.95 39.33
N TYR A 1008 -17.36 -9.21 39.27
CA TYR A 1008 -17.97 -10.48 39.70
C TYR A 1008 -17.31 -11.74 39.18
N ASP A 1009 -16.73 -11.67 37.98
CA ASP A 1009 -16.02 -12.83 37.41
C ASP A 1009 -14.50 -12.82 37.63
N GLY A 1010 -14.04 -12.04 38.60
CA GLY A 1010 -12.62 -11.97 38.94
C GLY A 1010 -11.75 -11.14 38.01
N SER A 1011 -12.33 -10.59 36.95
CA SER A 1011 -11.56 -9.87 35.94
C SER A 1011 -11.59 -8.36 36.18
N SER A 1012 -10.63 -7.69 35.57
CA SER A 1012 -10.43 -6.27 35.80
C SER A 1012 -11.50 -5.47 35.14
N ILE A 1013 -11.60 -4.21 35.56
CA ILE A 1013 -12.47 -3.28 34.88
C ILE A 1013 -11.73 -2.87 33.63
N GLN A 1014 -12.36 -3.05 32.46
CA GLN A 1014 -11.76 -2.64 31.19
C GLN A 1014 -11.71 -1.14 31.03
N VAL A 1015 -10.67 -0.68 30.34
CA VAL A 1015 -10.48 0.74 30.06
C VAL A 1015 -10.52 0.94 28.54
N MET A 1016 -11.35 1.88 28.10
CA MET A 1016 -11.63 2.04 26.68
C MET A 1016 -10.95 3.29 26.11
N ALA A 1017 -10.28 3.07 24.97
CA ALA A 1017 -9.64 4.15 24.23
C ALA A 1017 -10.63 4.68 23.23
N ASP A 1018 -10.77 6.01 23.16
CA ASP A 1018 -11.57 6.61 22.10
C ASP A 1018 -10.71 6.63 20.83
N PHE A 1019 -11.07 5.80 19.87
CA PHE A 1019 -10.34 5.70 18.59
C PHE A 1019 -10.95 6.66 17.59
N VAL A 1020 -10.18 7.70 17.22
CA VAL A 1020 -10.66 8.83 16.42
C VAL A 1020 -9.89 8.94 15.08
N PRO A 1021 -10.28 8.14 14.09
CA PRO A 1021 -9.55 8.13 12.85
C PRO A 1021 -9.99 9.21 11.86
N ASP A 1022 -11.10 9.91 12.11
CA ASP A 1022 -11.68 10.76 11.08
C ASP A 1022 -10.79 11.93 10.66
N GLN A 1023 -10.28 12.70 11.61
CA GLN A 1023 -9.59 13.96 11.24
C GLN A 1023 -8.42 14.34 12.13
N LEU A 1024 -7.78 15.43 11.74
CA LEU A 1024 -6.80 16.17 12.55
C LEU A 1024 -7.08 17.66 12.47
N TYR A 1025 -6.80 18.38 13.55
CA TYR A 1025 -6.98 19.82 13.59
C TYR A 1025 -5.66 20.54 13.61
N ASN A 1026 -5.69 21.76 13.10
CA ASN A 1026 -4.74 22.77 13.55
C ASN A 1026 -3.32 22.33 13.34
N MET A 1027 -2.99 22.00 12.10
CA MET A 1027 -1.65 21.53 11.80
C MET A 1027 -0.70 22.69 11.53
N PRO A 1028 0.60 22.52 11.89
CA PRO A 1028 1.53 23.62 11.97
C PRO A 1028 2.05 24.12 10.64
N LEU A 1029 2.34 23.23 9.69
CA LEU A 1029 3.00 23.64 8.45
C LEU A 1029 2.03 23.69 7.27
N GLU A 1030 2.30 24.61 6.34
CA GLU A 1030 1.53 24.79 5.13
C GLU A 1030 2.11 23.92 4.03
N GLN A 1031 1.25 23.54 3.10
CA GLN A 1031 1.64 22.80 1.92
C GLN A 1031 0.81 23.35 0.79
N ALA A 1032 1.36 23.39 -0.40
CA ALA A 1032 0.56 23.70 -1.57
C ALA A 1032 -0.32 22.49 -1.94
N VAL A 1033 -1.61 22.71 -2.19
CA VAL A 1033 -2.53 21.65 -2.67
C VAL A 1033 -3.49 22.15 -3.70
N SER A 1034 -3.98 21.24 -4.53
CA SER A 1034 -5.01 21.58 -5.48
C SER A 1034 -6.39 21.34 -4.85
N VAL A 1035 -7.25 22.35 -4.90
CA VAL A 1035 -8.53 22.29 -4.23
C VAL A 1035 -9.70 22.55 -5.15
N ILE A 1036 -10.83 21.95 -4.80
CA ILE A 1036 -12.11 22.23 -5.39
C ILE A 1036 -13.05 22.56 -4.25
N ARG A 1037 -13.83 23.61 -4.41
CA ARG A 1037 -14.80 24.01 -3.39
C ARG A 1037 -15.96 23.03 -3.45
N THR A 1038 -16.35 22.54 -2.28
CA THR A 1038 -17.42 21.54 -2.13
C THR A 1038 -18.22 21.66 -0.82
N ASP A 1039 -19.26 20.85 -0.74
CA ASP A 1039 -19.97 20.64 0.50
C ASP A 1039 -19.39 19.41 1.25
N LYS A 1040 -20.02 19.04 2.35
CA LYS A 1040 -19.55 17.93 3.19
C LYS A 1040 -19.59 16.56 2.55
N TYR A 1041 -20.46 16.37 1.56
CA TYR A 1041 -20.57 15.10 0.82
C TYR A 1041 -19.46 14.97 -0.23
N GLY A 1042 -18.82 16.09 -0.57
CA GLY A 1042 -17.74 16.09 -1.54
C GLY A 1042 -18.19 16.63 -2.87
N VAL A 1043 -19.45 17.08 -2.93
CA VAL A 1043 -20.04 17.56 -4.18
C VAL A 1043 -19.57 18.97 -4.54
N ASN A 1044 -18.93 19.04 -5.70
CA ASN A 1044 -18.46 20.29 -6.27
C ASN A 1044 -19.54 21.37 -6.21
N SER A 1045 -19.30 22.38 -5.38
CA SER A 1045 -20.19 23.56 -5.32
C SER A 1045 -20.12 24.44 -6.60
N GLU A 1046 -19.32 23.99 -7.55
CA GLU A 1046 -19.08 24.65 -8.84
C GLU A 1046 -18.98 26.17 -8.78
N ASN A 1047 -18.02 26.62 -7.97
CA ASN A 1047 -17.48 27.97 -8.09
C ASN A 1047 -16.36 27.90 -9.11
N PRO A 1048 -16.50 28.65 -10.21
CA PRO A 1048 -15.52 28.71 -11.28
C PRO A 1048 -14.10 29.00 -10.85
N ASP A 1049 -13.95 29.92 -9.94
CA ASP A 1049 -12.61 30.33 -9.55
C ASP A 1049 -11.95 29.41 -8.55
N ILE A 1050 -12.68 28.40 -8.10
CA ILE A 1050 -12.10 27.38 -7.23
C ILE A 1050 -12.19 25.99 -7.90
N GLN A 1051 -11.57 25.89 -9.07
CA GLN A 1051 -11.52 24.61 -9.77
C GLN A 1051 -10.08 24.20 -9.93
N ASN A 1052 -9.64 23.29 -9.08
CA ASN A 1052 -8.27 22.82 -9.00
C ASN A 1052 -7.23 23.93 -8.88
N ILE A 1053 -7.57 24.99 -8.18
CA ILE A 1053 -6.62 26.07 -7.93
C ILE A 1053 -5.66 25.70 -6.83
N ILE A 1054 -4.65 26.52 -6.61
CA ILE A 1054 -3.62 26.23 -5.63
C ILE A 1054 -3.79 27.02 -4.34
N TYR A 1055 -3.81 26.27 -3.24
CA TYR A 1055 -4.16 26.78 -1.92
C TYR A 1055 -3.05 26.43 -0.96
N ALA A 1056 -2.69 27.35 -0.10
CA ALA A 1056 -1.69 27.10 0.92
C ALA A 1056 -2.39 26.59 2.15
N ALA A 1057 -2.55 25.28 2.25
CA ALA A 1057 -3.32 24.67 3.34
C ALA A 1057 -2.44 24.31 4.51
N ASN A 1058 -2.94 24.57 5.71
CA ASN A 1058 -2.32 24.04 6.92
C ASN A 1058 -2.64 22.56 7.02
N ILE A 1059 -1.78 21.75 6.44
CA ILE A 1059 -2.06 20.34 6.24
C ILE A 1059 -0.83 19.42 6.45
N LYS A 1060 0.25 19.95 7.00
CA LYS A 1060 1.46 19.15 7.19
C LYS A 1060 1.84 19.17 8.66
N SER A 1061 2.09 18.01 9.25
CA SER A 1061 2.50 17.92 10.66
C SER A 1061 3.98 18.30 10.82
N SER A 1062 4.38 18.58 12.06
CA SER A 1062 5.71 19.15 12.34
C SER A 1062 6.87 18.22 11.96
N GLY A 1063 6.66 16.91 12.01
CA GLY A 1063 7.74 15.96 11.81
C GLY A 1063 8.71 15.87 12.99
N THR A 1064 8.43 16.59 14.08
CA THR A 1064 9.20 16.44 15.32
C THR A 1064 8.28 16.07 16.48
N ASP A 1065 7.04 15.73 16.14
CA ASP A 1065 6.02 15.42 17.12
C ASP A 1065 6.09 13.93 17.44
N TYR A 1066 5.18 13.45 18.27
CA TYR A 1066 5.20 12.04 18.63
C TYR A 1066 4.74 11.15 17.47
N GLN A 1067 3.96 11.70 16.54
CA GLN A 1067 3.62 11.00 15.31
C GLN A 1067 4.89 10.56 14.60
N SER A 1068 5.90 11.44 14.62
CA SER A 1068 7.16 11.19 13.93
C SER A 1068 7.98 10.14 14.63
N ILE A 1069 7.76 9.96 15.91
CA ILE A 1069 8.44 8.89 16.64
C ILE A 1069 7.77 7.56 16.49
N TYR A 1070 6.46 7.52 16.74
CA TYR A 1070 5.70 6.25 16.84
C TYR A 1070 4.98 5.84 15.59
N GLY A 1071 4.83 6.77 14.65
CA GLY A 1071 4.07 6.52 13.43
C GLY A 1071 4.58 5.31 12.67
N GLY A 1072 3.69 4.34 12.43
CA GLY A 1072 4.05 3.11 11.72
C GLY A 1072 5.16 2.26 12.33
N LYS A 1073 5.52 2.55 13.57
CA LYS A 1073 6.69 1.93 14.22
C LYS A 1073 6.61 0.41 14.46
N TYR A 1074 5.40 -0.12 14.62
CA TYR A 1074 5.20 -1.51 15.01
C TYR A 1074 4.75 -2.37 13.85
N LEU A 1075 4.66 -1.78 12.66
CA LEU A 1075 4.10 -2.48 11.50
C LEU A 1075 4.99 -3.59 10.97
N ALA A 1076 6.30 -3.35 11.00
CA ALA A 1076 7.27 -4.36 10.58
C ALA A 1076 7.25 -5.53 11.54
N GLU A 1077 7.30 -5.20 12.83
CA GLU A 1077 7.11 -6.18 13.91
C GLU A 1077 5.84 -7.02 13.71
N LEU A 1078 4.71 -6.37 13.53
CA LEU A 1078 3.42 -7.07 13.45
C LEU A 1078 3.30 -7.98 12.23
N GLN A 1079 3.76 -7.53 11.07
CA GLN A 1079 3.78 -8.40 9.87
C GLN A 1079 4.43 -9.77 10.14
N LYS A 1080 5.60 -9.73 10.79
CA LYS A 1080 6.40 -10.94 11.13
C LYS A 1080 5.65 -11.91 12.02
N ASN A 1081 4.73 -11.41 12.83
CA ASN A 1081 3.91 -12.28 13.65
C ASN A 1081 2.95 -13.14 12.81
N PRO A 1082 2.99 -14.46 13.01
CA PRO A 1082 2.04 -15.41 12.44
C PRO A 1082 0.56 -15.11 12.73
N LEU A 1083 0.25 -14.73 13.97
CA LEU A 1083 -1.14 -14.50 14.37
C LEU A 1083 -1.83 -13.40 13.56
N PHE A 1084 -1.03 -12.50 12.97
CA PHE A 1084 -1.59 -11.35 12.26
C PHE A 1084 -1.69 -11.55 10.76
N LYS A 1085 -1.34 -12.74 10.30
CA LYS A 1085 -1.33 -13.04 8.87
C LYS A 1085 -2.67 -12.74 8.18
N SER A 1086 -3.76 -13.21 8.79
CA SER A 1086 -5.13 -12.95 8.27
C SER A 1086 -5.37 -11.47 8.00
N LEU A 1087 -4.98 -10.67 8.98
CA LEU A 1087 -5.21 -9.23 8.98
C LEU A 1087 -4.56 -8.59 7.77
N PHE A 1088 -3.29 -8.94 7.57
CA PHE A 1088 -2.49 -8.33 6.54
C PHE A 1088 -2.82 -8.84 5.15
N ASP A 1089 -3.28 -10.09 5.05
CA ASP A 1089 -3.68 -10.66 3.75
C ASP A 1089 -5.10 -10.26 3.34
N ARG A 1090 -5.91 -9.84 4.32
CA ARG A 1090 -7.31 -9.56 4.08
C ARG A 1090 -7.52 -8.51 3.02
N ILE A 1091 -8.41 -8.81 2.07
CA ILE A 1091 -8.81 -7.84 1.03
C ILE A 1091 -9.90 -6.91 1.55
N GLN A 1092 -9.60 -5.63 1.62
CA GLN A 1092 -10.56 -4.67 2.18
C GLN A 1092 -11.64 -4.36 1.15
N ILE A 1093 -12.87 -4.19 1.60
CA ILE A 1093 -14.02 -4.09 0.72
C ILE A 1093 -13.92 -2.90 -0.22
N SER A 1094 -13.72 -1.72 0.31
CA SER A 1094 -13.76 -0.53 -0.52
C SER A 1094 -12.53 -0.38 -1.43
N THR A 1095 -11.34 -0.67 -0.91
CA THR A 1095 -10.11 -0.52 -1.71
C THR A 1095 -9.95 -1.64 -2.71
N LYS A 1096 -10.52 -2.79 -2.38
CA LYS A 1096 -10.31 -4.04 -3.10
C LYS A 1096 -8.86 -4.48 -3.02
N LYS A 1097 -8.03 -3.70 -2.35
CA LYS A 1097 -6.66 -4.05 -2.10
C LYS A 1097 -6.49 -4.40 -0.61
N THR A 1098 -5.38 -5.06 -0.32
CA THR A 1098 -5.01 -5.31 1.04
C THR A 1098 -4.36 -4.09 1.66
N ILE A 1099 -4.37 -4.08 2.97
CA ILE A 1099 -3.66 -3.09 3.78
C ILE A 1099 -2.15 -3.05 3.42
N ASP A 1100 -1.52 -1.87 3.53
CA ASP A 1100 -0.11 -1.61 3.10
C ASP A 1100 0.83 -1.11 4.21
N PRO A 1101 1.39 -2.03 4.97
CA PRO A 1101 2.23 -1.70 6.13
C PRO A 1101 3.69 -1.36 5.82
N ASN A 1102 4.06 -1.26 4.54
CA ASN A 1102 5.47 -1.11 4.16
C ASN A 1102 5.95 0.33 4.22
N THR A 1103 5.06 1.29 4.08
CA THR A 1103 5.41 2.69 4.31
C THR A 1103 4.93 3.17 5.67
N ARG A 1104 5.80 3.92 6.34
CA ARG A 1104 5.50 4.51 7.65
C ARG A 1104 5.04 5.92 7.47
N ILE A 1105 4.03 6.35 8.24
CA ILE A 1105 3.63 7.75 8.24
C ILE A 1105 4.18 8.43 9.48
N THR A 1106 5.20 9.28 9.30
CA THR A 1106 5.83 10.05 10.40
C THR A 1106 5.57 11.56 10.29
N GLN A 1107 5.26 11.97 9.07
CA GLN A 1107 4.76 13.30 8.84
C GLN A 1107 3.47 13.19 8.05
N TRP A 1108 2.38 13.73 8.59
CA TRP A 1108 1.19 13.84 7.80
C TRP A 1108 1.43 14.85 6.68
N SER A 1109 0.91 14.55 5.50
CA SER A 1109 1.03 15.41 4.35
C SER A 1109 -0.33 15.46 3.67
N ALA A 1110 -0.51 16.42 2.79
CA ALA A 1110 -1.77 16.58 2.04
C ALA A 1110 -2.24 15.35 1.24
N LYS A 1111 -1.27 14.57 0.76
CA LYS A 1111 -1.56 13.38 -0.03
C LYS A 1111 -2.31 12.29 0.76
N TYR A 1112 -2.24 12.33 2.09
CA TYR A 1112 -2.96 11.36 2.91
C TYR A 1112 -4.32 11.88 3.36
N PHE A 1113 -4.77 13.01 2.81
CA PHE A 1113 -6.06 13.58 3.18
C PHE A 1113 -7.04 13.61 2.03
N ASN A 1114 -8.33 13.42 2.34
CA ASN A 1114 -9.44 13.50 1.36
C ASN A 1114 -9.71 14.94 1.02
N GLY A 1115 -9.73 15.76 2.06
CA GLY A 1115 -9.94 17.19 1.90
C GLY A 1115 -9.79 17.92 3.22
N SER A 1116 -10.46 19.05 3.32
CA SER A 1116 -10.41 19.87 4.52
C SER A 1116 -11.60 20.82 4.56
N ASN A 1117 -11.84 21.37 5.73
CA ASN A 1117 -12.73 22.52 5.86
C ASN A 1117 -12.03 23.79 5.37
N ILE A 1118 -12.81 24.80 5.00
CA ILE A 1118 -12.23 26.00 4.39
C ILE A 1118 -11.49 26.78 5.44
N GLN A 1119 -10.25 27.15 5.14
CA GLN A 1119 -9.35 27.70 6.13
C GLN A 1119 -9.21 29.22 6.07
N GLY A 1120 -9.87 29.85 5.10
CA GLY A 1120 -9.90 31.32 5.00
C GLY A 1120 -8.61 32.03 4.64
N LYS A 1121 -7.68 31.30 4.03
CA LYS A 1121 -6.44 31.93 3.54
C LYS A 1121 -6.73 32.90 2.40
N GLY A 1122 -7.74 32.57 1.61
CA GLY A 1122 -8.16 33.36 0.47
C GLY A 1122 -7.71 32.66 -0.79
N ILE A 1123 -8.51 32.75 -1.86
CA ILE A 1123 -8.18 32.13 -3.16
C ILE A 1123 -6.81 32.55 -3.66
N ASN A 1124 -6.60 33.86 -3.68
CA ASN A 1124 -5.40 34.45 -4.22
C ASN A 1124 -4.26 34.62 -3.24
N TYR A 1125 -4.29 33.84 -2.15
CA TYR A 1125 -3.22 33.86 -1.16
C TYR A 1125 -1.93 33.37 -1.73
N VAL A 1126 -2.00 32.33 -2.56
CA VAL A 1126 -0.84 31.93 -3.35
C VAL A 1126 -0.72 32.93 -4.50
N LEU A 1127 0.47 33.51 -4.62
CA LEU A 1127 0.70 34.62 -5.53
C LEU A 1127 0.99 34.13 -6.91
N LYS A 1128 0.72 35.00 -7.87
CA LYS A 1128 0.52 34.61 -9.25
C LYS A 1128 0.52 35.81 -10.18
N ASP A 1129 1.22 35.70 -11.31
CA ASP A 1129 1.20 36.78 -12.31
C ASP A 1129 0.00 36.65 -13.25
N TRP A 1130 -0.77 37.74 -13.37
CA TRP A 1130 -2.04 37.70 -14.06
C TRP A 1130 -1.93 37.76 -15.58
N ALA A 1131 -0.84 38.31 -16.11
CA ALA A 1131 -0.65 38.32 -17.56
C ALA A 1131 -0.33 36.92 -18.08
N SER A 1132 0.71 36.32 -17.53
CA SER A 1132 1.10 34.94 -17.87
C SER A 1132 0.10 33.94 -17.32
N ASN A 1133 -0.57 34.33 -16.24
CA ASN A 1133 -1.52 33.45 -15.57
C ASN A 1133 -0.86 32.21 -14.97
N LYS A 1134 0.41 32.34 -14.62
CA LYS A 1134 1.16 31.27 -13.95
C LYS A 1134 1.50 31.68 -12.51
N TYR A 1135 1.70 30.70 -11.65
CA TYR A 1135 2.08 30.96 -10.27
C TYR A 1135 3.58 31.20 -10.16
N PHE A 1136 3.97 32.04 -9.22
CA PHE A 1136 5.40 32.20 -8.91
C PHE A 1136 5.87 30.94 -8.21
N ASN A 1137 7.08 30.51 -8.54
CA ASN A 1137 7.70 29.43 -7.79
C ASN A 1137 9.21 29.48 -7.78
N VAL A 1138 9.76 29.47 -6.59
CA VAL A 1138 11.18 29.76 -6.34
C VAL A 1138 11.99 28.47 -6.19
N SER A 1139 11.34 27.32 -6.06
CA SER A 1139 12.01 26.04 -5.91
C SER A 1139 12.17 25.34 -7.25
N SER A 1140 11.60 25.90 -8.31
CA SER A 1140 11.65 25.30 -9.64
C SER A 1140 11.97 26.33 -10.70
N ASN A 1141 12.62 25.84 -11.76
CA ASN A 1141 12.84 26.65 -12.95
C ASN A 1141 12.20 25.95 -14.11
N ASP A 1142 10.99 25.46 -13.89
CA ASP A 1142 10.16 24.89 -14.94
C ASP A 1142 9.26 25.99 -15.55
N ASP A 1143 8.80 25.74 -16.76
CA ASP A 1143 8.03 26.72 -17.49
C ASP A 1143 6.54 26.73 -17.13
N MET A 1144 6.12 25.76 -16.31
CA MET A 1144 4.75 25.78 -15.83
C MET A 1144 4.52 26.86 -14.75
N TYR A 1145 5.61 27.33 -14.13
CA TYR A 1145 5.58 28.44 -13.17
C TYR A 1145 6.20 29.69 -13.79
N SER A 1146 5.74 30.86 -13.34
CA SER A 1146 6.30 32.16 -13.79
C SER A 1146 7.55 32.54 -13.00
N ARG A 1147 8.53 33.15 -13.68
CA ARG A 1147 9.71 33.67 -13.01
C ARG A 1147 9.31 34.84 -12.13
N LEU A 1148 10.16 35.20 -11.17
CA LEU A 1148 9.90 36.33 -10.27
C LEU A 1148 9.60 37.61 -11.05
N PRO A 1149 8.84 38.52 -10.45
CA PRO A 1149 8.63 39.81 -11.09
C PRO A 1149 9.93 40.37 -11.57
N LYS A 1150 9.92 40.94 -12.77
CA LYS A 1150 11.16 41.39 -13.39
C LYS A 1150 11.94 42.44 -12.57
N GLN A 1151 11.26 43.21 -11.74
CA GLN A 1151 11.99 44.21 -10.94
C GLN A 1151 12.70 43.54 -9.81
N LEU A 1152 12.03 42.57 -9.19
CA LEU A 1152 12.62 41.87 -8.07
C LEU A 1152 13.86 41.07 -8.48
N MET A 1153 14.20 41.07 -9.77
CA MET A 1153 15.51 40.58 -10.20
C MET A 1153 16.29 41.56 -11.05
N ASN A 1154 16.16 42.82 -10.68
CA ASN A 1154 16.90 43.92 -11.28
C ASN A 1154 16.97 43.89 -12.80
N GLN A 1155 15.85 43.56 -13.44
CA GLN A 1155 15.70 43.68 -14.89
C GLN A 1155 14.72 44.80 -15.21
N GLU A 1156 14.72 45.21 -16.47
CA GLU A 1156 13.82 46.25 -16.91
C GLU A 1156 12.42 45.69 -16.86
N SER A 1157 11.49 46.52 -16.42
CA SER A 1157 10.12 46.08 -16.19
C SER A 1157 9.20 47.27 -16.33
N ASN A 1158 8.19 47.11 -17.19
CA ASN A 1158 7.19 48.13 -17.41
C ASN A 1158 5.82 47.52 -17.32
N THR A 1159 4.82 48.37 -17.07
CA THR A 1159 3.46 47.91 -16.88
C THR A 1159 2.46 48.88 -17.49
N GLY A 1160 1.41 48.33 -18.08
CA GLY A 1160 0.33 49.12 -18.60
C GLY A 1160 -0.07 48.69 -19.99
N PHE A 1161 -0.92 49.50 -20.61
CA PHE A 1161 -1.39 49.24 -21.96
C PHE A 1161 -0.49 50.00 -22.91
N ILE A 1162 -0.22 49.41 -24.07
CA ILE A 1162 0.57 50.09 -25.11
C ILE A 1162 0.00 49.84 -26.51
N VAL A 1163 -0.42 50.94 -27.14
CA VAL A 1163 -0.99 50.85 -28.48
C VAL A 1163 0.13 50.89 -29.52
N ASP A 1164 -0.08 50.10 -30.55
CA ASP A 1164 0.91 49.80 -31.54
C ASP A 1164 0.21 49.94 -32.90
N ASP A 1165 0.98 50.05 -33.98
CA ASP A 1165 0.39 50.11 -35.34
C ASP A 1165 -0.39 48.81 -35.69
N ILE A 1166 0.04 47.69 -35.11
CA ILE A 1166 -0.60 46.40 -35.28
C ILE A 1166 -1.79 46.24 -34.33
N GLY A 1167 -1.57 46.52 -33.06
CA GLY A 1167 -2.63 46.34 -32.07
C GLY A 1167 -2.24 46.77 -30.67
N VAL A 1168 -2.88 46.17 -29.68
CA VAL A 1168 -2.70 46.59 -28.30
C VAL A 1168 -2.14 45.45 -27.43
N LYS A 1169 -1.07 45.75 -26.70
CA LYS A 1169 -0.44 44.78 -25.80
C LYS A 1169 -0.59 45.29 -24.36
N TYR A 1170 -0.54 44.37 -23.40
CA TYR A 1170 -0.63 44.73 -21.98
C TYR A 1170 0.38 43.99 -21.12
N TYR A 1171 1.05 44.75 -20.26
CA TYR A 1171 2.06 44.23 -19.35
C TYR A 1171 1.57 44.38 -17.94
N SER A 1172 1.75 43.34 -17.13
CA SER A 1172 1.33 43.36 -15.72
C SER A 1172 2.31 44.14 -14.83
N ILE A 1173 1.89 44.41 -13.61
CA ILE A 1173 2.73 45.08 -12.63
C ILE A 1173 4.10 44.40 -12.43
N SER A 1174 4.13 43.08 -12.66
CA SER A 1174 5.37 42.29 -12.57
C SER A 1174 6.22 42.39 -13.83
N GLY A 1175 5.68 42.94 -14.91
CA GLY A 1175 6.43 43.23 -16.12
C GLY A 1175 6.25 42.27 -17.30
N TYR A 1176 5.46 41.23 -17.11
CA TYR A 1176 5.23 40.22 -18.17
C TYR A 1176 4.07 40.58 -19.11
N GLN A 1177 3.98 39.91 -20.25
CA GLN A 1177 3.01 40.25 -21.32
C GLN A 1177 1.79 39.36 -21.30
N ALA A 1178 0.62 39.93 -21.62
CA ALA A 1178 -0.62 39.19 -21.55
C ALA A 1178 -0.81 38.38 -22.82
N LYS A 1179 -0.83 37.04 -22.65
CA LYS A 1179 -1.10 36.05 -23.74
C LYS A 1179 -2.10 35.01 -23.28
N ASN A 1180 -3.14 34.78 -24.09
CA ASN A 1180 -4.17 33.78 -23.81
C ASN A 1180 -4.79 33.89 -22.41
N THR A 1181 -5.28 35.08 -22.07
CA THR A 1181 -5.99 35.31 -20.81
C THR A 1181 -6.93 36.48 -20.91
N PHE A 1182 -7.88 36.51 -19.98
CA PHE A 1182 -8.70 37.68 -19.77
C PHE A 1182 -7.96 38.57 -18.80
N VAL A 1183 -8.22 39.87 -18.86
CA VAL A 1183 -7.59 40.83 -17.96
C VAL A 1183 -8.55 41.95 -17.61
N GLU A 1184 -8.77 42.15 -16.31
CA GLU A 1184 -9.63 43.21 -15.80
C GLU A 1184 -8.80 44.49 -15.55
N ASP A 1185 -9.28 45.64 -16.00
CA ASP A 1185 -8.54 46.90 -15.89
C ASP A 1185 -9.18 47.85 -14.90
N GLY A 1186 -8.45 48.24 -13.86
CA GLY A 1186 -8.92 49.28 -12.95
C GLY A 1186 -10.33 49.06 -12.43
N ASN A 1187 -10.59 47.82 -11.97
CA ASN A 1187 -11.90 47.37 -11.46
C ASN A 1187 -13.10 47.72 -12.41
N GLY A 1188 -12.78 47.94 -13.67
CA GLY A 1188 -13.77 48.35 -14.64
C GLY A 1188 -13.87 47.24 -15.66
N GLU A 1189 -13.35 47.50 -16.85
CA GLU A 1189 -13.62 46.66 -18.01
C GLU A 1189 -12.69 45.44 -18.10
N TRP A 1190 -13.22 44.37 -18.69
CA TRP A 1190 -12.43 43.19 -19.02
C TRP A 1190 -11.98 43.25 -20.48
N TYR A 1191 -10.86 42.59 -20.77
CA TYR A 1191 -10.30 42.54 -22.10
C TYR A 1191 -9.76 41.13 -22.30
N TYR A 1192 -9.55 40.69 -23.55
CA TYR A 1192 -8.87 39.40 -23.84
C TYR A 1192 -7.66 39.55 -24.74
N PHE A 1193 -6.61 38.77 -24.44
CA PHE A 1193 -5.38 38.79 -25.24
C PHE A 1193 -5.12 37.42 -25.82
N ASP A 1194 -4.86 37.40 -27.14
CA ASP A 1194 -4.74 36.16 -27.92
C ASP A 1194 -3.34 35.55 -27.83
N ASN A 1195 -3.11 34.48 -28.58
CA ASN A 1195 -1.83 33.80 -28.54
C ASN A 1195 -0.68 34.68 -29.00
N ASP A 1196 -0.95 35.60 -29.92
CA ASP A 1196 0.07 36.55 -30.41
C ASP A 1196 0.42 37.67 -29.42
N GLY A 1197 -0.22 37.69 -28.25
CA GLY A 1197 0.03 38.73 -27.25
C GLY A 1197 -0.70 40.04 -27.52
N TYR A 1198 -1.71 40.00 -28.40
CA TYR A 1198 -2.48 41.16 -28.81
C TYR A 1198 -3.92 41.12 -28.34
N MET A 1199 -4.42 42.28 -27.96
CA MET A 1199 -5.81 42.46 -27.57
C MET A 1199 -6.71 41.98 -28.69
N VAL A 1200 -7.85 41.41 -28.32
CA VAL A 1200 -8.91 41.11 -29.29
C VAL A 1200 -9.87 42.27 -29.33
N LYS A 1201 -10.10 42.77 -30.54
CA LYS A 1201 -11.06 43.86 -30.79
C LYS A 1201 -11.86 43.53 -32.05
N SER A 1202 -13.17 43.59 -31.93
CA SER A 1202 -14.02 43.33 -33.06
C SER A 1202 -13.80 44.43 -34.07
N THR A 1203 -13.94 44.06 -35.33
CA THR A 1203 -13.78 45.01 -36.40
C THR A 1203 -15.07 44.95 -37.17
N GLU A 1204 -15.20 45.80 -38.19
CA GLU A 1204 -16.40 45.81 -39.06
C GLU A 1204 -16.46 44.50 -39.86
N GLU A 1205 -15.31 44.05 -40.35
CA GLU A 1205 -15.21 42.81 -41.11
C GLU A 1205 -15.52 41.59 -40.24
N SER A 1206 -15.08 41.61 -38.97
CA SER A 1206 -15.37 40.54 -38.01
C SER A 1206 -16.10 41.09 -36.79
N GLY A 1207 -17.38 40.78 -36.69
CA GLY A 1207 -18.26 41.37 -35.71
C GLY A 1207 -17.92 41.10 -34.26
N PRO A 1208 -18.80 41.56 -33.35
CA PRO A 1208 -18.54 41.55 -31.93
C PRO A 1208 -18.65 40.18 -31.25
N LEU A 1209 -19.45 39.29 -31.81
CA LEU A 1209 -19.78 38.01 -31.19
C LEU A 1209 -18.74 36.97 -31.61
N ARG A 1210 -17.96 36.45 -30.68
CA ARG A 1210 -16.68 35.76 -30.99
C ARG A 1210 -16.28 34.64 -30.04
N THR A 1211 -16.02 33.44 -30.56
CA THR A 1211 -15.25 32.45 -29.79
C THR A 1211 -13.80 32.88 -29.82
N VAL A 1212 -13.07 32.53 -28.79
CA VAL A 1212 -11.75 33.11 -28.60
C VAL A 1212 -10.68 32.08 -28.20
N ASN A 1213 -11.09 30.89 -27.78
CA ASN A 1213 -10.19 29.95 -27.13
C ASN A 1213 -10.51 28.47 -27.35
N ALA A 1214 -11.18 28.12 -28.44
CA ALA A 1214 -11.50 26.71 -28.71
C ALA A 1214 -12.24 26.05 -27.53
N SER A 1215 -13.18 26.77 -26.96
CA SER A 1215 -13.92 26.34 -25.76
C SER A 1215 -15.43 26.18 -26.01
N SER A 1216 -15.89 26.45 -27.23
CA SER A 1216 -17.32 26.48 -27.53
C SER A 1216 -18.04 27.61 -26.78
N LYS A 1217 -17.28 28.59 -26.28
CA LYS A 1217 -17.84 29.65 -25.43
C LYS A 1217 -17.71 30.95 -26.20
N LYS A 1218 -18.80 31.70 -26.28
CA LYS A 1218 -18.85 32.90 -27.13
C LYS A 1218 -18.93 34.14 -26.27
N TYR A 1219 -18.16 35.14 -26.64
CA TYR A 1219 -18.08 36.38 -25.90
C TYR A 1219 -18.54 37.53 -26.81
N TYR A 1220 -18.74 38.69 -26.22
CA TYR A 1220 -19.11 39.88 -26.99
C TYR A 1220 -18.05 40.92 -26.73
N ILE A 1221 -17.20 41.15 -27.71
CA ILE A 1221 -16.10 42.07 -27.60
C ILE A 1221 -16.34 43.24 -28.51
N LEU A 1222 -16.26 44.44 -27.95
CA LEU A 1222 -16.46 45.68 -28.70
C LEU A 1222 -15.22 46.01 -29.52
N PRO A 1223 -15.29 47.06 -30.36
CA PRO A 1223 -14.05 47.52 -30.97
C PRO A 1223 -13.01 48.12 -30.00
N ASN A 1224 -13.41 48.53 -28.79
CA ASN A 1224 -12.47 48.94 -27.74
C ASN A 1224 -11.58 47.84 -27.25
N GLY A 1225 -12.06 46.61 -27.44
CA GLY A 1225 -11.45 45.42 -26.85
C GLY A 1225 -12.20 45.02 -25.60
N VAL A 1226 -13.20 45.82 -25.24
CA VAL A 1226 -13.95 45.64 -24.00
C VAL A 1226 -14.83 44.41 -24.14
N GLU A 1227 -14.68 43.47 -23.21
CA GLU A 1227 -15.42 42.25 -23.22
C GLU A 1227 -16.55 42.48 -22.22
N ILE A 1228 -17.76 42.68 -22.73
CA ILE A 1228 -18.87 43.13 -21.86
C ILE A 1228 -19.44 42.00 -21.04
N ARG A 1229 -19.92 42.38 -19.87
CA ARG A 1229 -20.36 41.44 -18.86
C ARG A 1229 -21.55 42.02 -18.13
N ASN A 1230 -22.41 41.10 -17.73
CA ASN A 1230 -23.74 41.42 -17.20
C ASN A 1230 -24.37 42.45 -18.09
N SER A 1231 -24.59 42.07 -19.34
CA SER A 1231 -24.95 43.03 -20.36
C SER A 1231 -25.53 42.38 -21.59
N PHE A 1232 -26.45 43.08 -22.24
CA PHE A 1232 -27.04 42.61 -23.49
C PHE A 1232 -26.21 43.11 -24.66
N GLY A 1233 -26.23 42.38 -25.78
CA GLY A 1233 -25.48 42.73 -27.00
C GLY A 1233 -26.19 42.41 -28.30
N GLN A 1234 -25.80 43.12 -29.36
CA GLN A 1234 -26.44 43.01 -30.67
C GLN A 1234 -25.54 42.73 -31.87
N ASP A 1235 -26.13 41.86 -32.69
CA ASP A 1235 -25.76 41.63 -34.08
C ASP A 1235 -25.97 42.89 -34.87
N ILE A 1236 -25.29 42.96 -36.00
CA ILE A 1236 -25.61 43.95 -37.03
C ILE A 1236 -26.92 43.58 -37.71
N GLN A 1237 -27.25 42.28 -37.73
CA GLN A 1237 -28.52 41.76 -38.29
C GLN A 1237 -29.75 42.11 -37.45
N GLY A 1238 -29.58 42.30 -36.14
CA GLY A 1238 -30.68 42.72 -35.26
C GLY A 1238 -30.96 41.84 -34.05
N ASN A 1239 -30.35 40.66 -33.99
CA ASN A 1239 -30.57 39.75 -32.88
C ASN A 1239 -29.93 40.28 -31.60
N THR A 1240 -30.51 39.91 -30.46
CA THR A 1240 -29.96 40.28 -29.16
C THR A 1240 -29.45 39.05 -28.38
N TYR A 1241 -28.32 39.20 -27.69
CA TYR A 1241 -27.77 38.17 -26.82
C TYR A 1241 -27.52 38.76 -25.43
N TYR A 1242 -27.46 37.91 -24.42
CA TYR A 1242 -27.12 38.35 -23.07
C TYR A 1242 -25.87 37.63 -22.63
N PHE A 1243 -25.01 38.34 -21.90
CA PHE A 1243 -23.75 37.78 -21.47
C PHE A 1243 -23.60 37.86 -19.95
N ASP A 1244 -23.42 36.70 -19.33
CA ASP A 1244 -23.51 36.55 -17.89
C ASP A 1244 -22.31 37.20 -17.22
N ALA A 1245 -22.23 37.04 -15.91
CA ALA A 1245 -21.21 37.71 -15.12
C ALA A 1245 -19.83 37.33 -15.59
N ARG A 1246 -19.66 36.11 -16.07
CA ARG A 1246 -18.38 35.67 -16.59
C ARG A 1246 -18.18 36.05 -18.05
N GLY A 1247 -19.17 36.68 -18.62
CA GLY A 1247 -19.03 37.26 -19.95
C GLY A 1247 -19.52 36.31 -21.03
N GLU A 1248 -19.81 35.07 -20.66
CA GLU A 1248 -20.18 34.06 -21.65
C GLU A 1248 -21.61 34.21 -22.13
N MET A 1249 -21.82 33.97 -23.41
CA MET A 1249 -23.15 34.00 -23.98
C MET A 1249 -24.05 33.01 -23.27
N VAL A 1250 -25.32 33.38 -23.14
CA VAL A 1250 -26.31 32.58 -22.47
C VAL A 1250 -27.22 31.89 -23.49
N THR A 1251 -27.56 30.63 -23.21
CA THR A 1251 -28.36 29.78 -24.11
C THR A 1251 -29.44 28.94 -23.41
N SER A 1252 -30.54 28.71 -24.12
CA SER A 1252 -31.73 28.01 -23.60
C SER A 1252 -32.01 28.44 -22.17
N GLN A 1253 -32.38 29.70 -22.03
CA GLN A 1253 -32.44 30.32 -20.70
C GLN A 1253 -33.28 31.63 -20.58
N TYR A 1254 -34.03 31.73 -19.49
CA TYR A 1254 -34.72 32.95 -19.12
C TYR A 1254 -33.78 33.85 -18.32
N ILE A 1255 -33.84 35.15 -18.58
CA ILE A 1255 -33.05 36.13 -17.82
C ILE A 1255 -34.01 37.16 -17.24
N SER A 1256 -33.90 37.38 -15.94
CA SER A 1256 -34.75 38.29 -15.19
C SER A 1256 -33.90 39.53 -15.24
N ASP A 1257 -34.56 40.66 -15.35
CA ASP A 1257 -33.91 41.94 -15.49
C ASP A 1257 -34.07 42.65 -14.17
N ASP A 1258 -33.38 43.78 -14.06
CA ASP A 1258 -33.41 44.67 -12.90
C ASP A 1258 -34.82 45.18 -12.54
N THR A 1259 -35.58 45.56 -13.56
CA THR A 1259 -36.92 46.12 -13.38
C THR A 1259 -38.00 45.05 -13.46
N GLN A 1260 -37.61 43.79 -13.26
CA GLN A 1260 -38.54 42.65 -13.30
C GLN A 1260 -39.02 42.22 -14.71
N ASN A 1261 -38.33 42.69 -15.75
CA ASN A 1261 -38.56 42.24 -17.12
C ASN A 1261 -38.00 40.84 -17.34
N ILE A 1262 -38.63 40.08 -18.23
CA ILE A 1262 -38.18 38.71 -18.53
C ILE A 1262 -37.80 38.57 -20.01
N TYR A 1263 -36.69 37.90 -20.28
CA TYR A 1263 -36.29 37.66 -21.66
C TYR A 1263 -35.83 36.21 -21.79
N TYR A 1264 -36.34 35.51 -22.82
CA TYR A 1264 -35.89 34.15 -23.11
C TYR A 1264 -34.86 34.16 -24.20
N PHE A 1265 -33.81 33.39 -23.99
CA PHE A 1265 -32.73 33.24 -24.97
C PHE A 1265 -32.69 31.78 -25.44
N ASN A 1266 -32.70 31.62 -26.76
CA ASN A 1266 -32.82 30.32 -27.39
C ASN A 1266 -31.53 29.57 -27.33
N ASN A 1267 -31.56 28.27 -27.58
CA ASN A 1267 -30.33 27.47 -27.57
C ASN A 1267 -29.29 28.12 -28.49
N ASP A 1268 -29.80 28.56 -29.63
CA ASP A 1268 -29.14 29.49 -30.54
C ASP A 1268 -28.29 30.58 -29.86
N GLY A 1269 -28.80 31.13 -28.76
CA GLY A 1269 -28.15 32.21 -28.04
C GLY A 1269 -28.91 33.51 -28.24
N THR A 1270 -29.60 33.59 -29.40
CA THR A 1270 -30.43 34.72 -29.75
C THR A 1270 -31.61 34.90 -28.82
N MET A 1271 -32.08 36.13 -28.71
CA MET A 1271 -33.26 36.41 -27.92
C MET A 1271 -34.50 36.09 -28.72
N ALA A 1272 -35.53 35.67 -28.02
CA ALA A 1272 -36.84 35.53 -28.61
C ALA A 1272 -37.50 36.89 -28.64
N LYS A 1273 -37.97 37.33 -29.80
CA LYS A 1273 -38.55 38.66 -29.95
C LYS A 1273 -39.92 38.81 -29.29
N LYS A 1274 -40.26 40.05 -28.87
CA LYS A 1274 -41.50 40.33 -28.12
C LYS A 1274 -42.57 41.13 -28.88
N GLY A 1275 -42.45 42.46 -28.88
CA GLY A 1275 -43.47 43.37 -29.45
C GLY A 1275 -44.85 43.46 -28.79
N GLY A 1276 -44.89 43.52 -27.44
CA GLY A 1276 -46.16 43.65 -26.69
C GLY A 1276 -46.03 43.39 -25.19
N ASP B 128 -21.89 -60.28 -26.87
CA ASP B 128 -20.55 -60.19 -27.52
C ASP B 128 -19.65 -61.37 -27.11
N ASN B 129 -18.32 -61.17 -27.15
CA ASN B 129 -17.32 -62.21 -26.80
C ASN B 129 -16.80 -62.13 -25.37
N ASN B 130 -17.61 -62.61 -24.41
CA ASN B 130 -17.32 -62.55 -22.96
C ASN B 130 -17.41 -61.12 -22.38
N LYS B 131 -17.69 -60.17 -23.26
CA LYS B 131 -17.93 -58.78 -22.92
C LYS B 131 -19.30 -58.55 -23.56
N THR B 132 -20.24 -58.01 -22.78
CA THR B 132 -21.64 -57.87 -23.24
C THR B 132 -21.89 -56.42 -23.66
N GLN B 133 -22.22 -56.22 -24.94
CA GLN B 133 -22.40 -54.86 -25.46
C GLN B 133 -23.75 -54.75 -26.10
N TYR B 134 -24.39 -53.59 -25.97
CA TYR B 134 -25.70 -53.36 -26.58
C TYR B 134 -25.75 -52.12 -27.48
N PHE B 135 -26.53 -52.23 -28.55
CA PHE B 135 -26.66 -51.19 -29.57
C PHE B 135 -28.12 -50.79 -29.72
N GLY B 136 -28.35 -49.52 -30.04
CA GLY B 136 -29.70 -48.98 -30.13
C GLY B 136 -30.37 -49.52 -31.37
N PRO B 137 -31.70 -49.38 -31.47
CA PRO B 137 -32.42 -49.68 -32.75
C PRO B 137 -32.02 -48.70 -33.88
N ASP B 138 -30.71 -48.65 -34.14
CA ASP B 138 -30.01 -47.57 -34.83
C ASP B 138 -28.53 -47.94 -34.96
N GLY B 139 -27.77 -47.11 -35.67
CA GLY B 139 -26.32 -47.32 -35.82
C GLY B 139 -25.55 -46.91 -34.58
N ALA B 140 -26.22 -46.93 -33.43
CA ALA B 140 -25.73 -46.36 -32.19
C ALA B 140 -25.32 -47.45 -31.21
N GLN B 141 -24.26 -47.20 -30.44
CA GLN B 141 -23.75 -48.19 -29.48
C GLN B 141 -24.03 -47.85 -28.00
N VAL B 142 -24.99 -46.95 -27.75
CA VAL B 142 -25.40 -46.48 -26.39
C VAL B 142 -24.31 -45.91 -25.42
N LYS B 143 -23.31 -46.72 -25.08
CA LYS B 143 -22.07 -46.22 -24.45
C LYS B 143 -22.17 -45.16 -23.30
N GLY B 144 -22.86 -45.45 -22.20
CA GLY B 144 -22.88 -44.52 -21.05
C GLY B 144 -24.22 -44.27 -20.40
N ALA B 145 -25.20 -45.12 -20.65
CA ALA B 145 -26.50 -44.95 -20.02
C ALA B 145 -27.12 -46.30 -19.66
N PHE B 146 -28.18 -46.25 -18.85
CA PHE B 146 -28.90 -47.44 -18.45
C PHE B 146 -29.83 -47.88 -19.57
N GLN B 147 -30.04 -49.18 -19.69
CA GLN B 147 -31.11 -49.70 -20.58
C GLN B 147 -31.56 -51.10 -20.18
N GLN B 148 -32.82 -51.40 -20.52
CA GLN B 148 -33.45 -52.70 -20.22
C GLN B 148 -33.38 -53.65 -21.40
N VAL B 149 -33.64 -54.91 -21.10
CA VAL B 149 -33.72 -55.98 -22.09
C VAL B 149 -34.90 -56.90 -21.77
N ASN B 150 -34.98 -57.37 -20.53
CA ASN B 150 -36.06 -58.25 -20.10
C ASN B 150 -36.18 -58.32 -18.57
N LYS B 152 -33.13 -55.53 -17.99
CA LYS B 152 -32.95 -55.64 -16.55
C LYS B 152 -32.07 -54.51 -15.99
N ASN B 153 -32.21 -53.33 -16.58
CA ASN B 153 -31.39 -52.16 -16.23
C ASN B 153 -29.89 -52.47 -16.19
N ILE B 154 -29.33 -52.64 -17.37
CA ILE B 154 -27.89 -52.81 -17.52
C ILE B 154 -27.27 -51.46 -17.85
N TYR B 155 -26.39 -50.97 -16.97
CA TYR B 155 -25.60 -49.78 -17.31
C TYR B 155 -24.54 -50.20 -18.30
N PHE B 156 -24.26 -49.33 -19.26
CA PHE B 156 -23.12 -49.52 -20.16
C PHE B 156 -22.20 -48.33 -19.99
N ASP B 157 -20.89 -48.58 -19.90
CA ASP B 157 -19.89 -47.53 -19.66
C ASP B 157 -19.85 -46.54 -20.82
N ALA B 158 -19.50 -45.29 -20.53
CA ALA B 158 -19.49 -44.24 -21.55
C ALA B 158 -18.37 -44.40 -22.60
N GLN B 159 -17.27 -45.02 -22.18
CA GLN B 159 -16.11 -45.26 -23.04
C GLN B 159 -16.13 -46.70 -23.61
N THR B 160 -15.96 -47.68 -22.72
CA THR B 160 -16.10 -49.08 -23.09
C THR B 160 -17.57 -49.40 -23.39
N GLY B 161 -17.82 -50.24 -24.36
CA GLY B 161 -19.17 -50.70 -24.58
C GLY B 161 -19.72 -51.45 -23.38
N TYR B 162 -18.82 -52.05 -22.62
CA TYR B 162 -19.13 -53.15 -21.71
C TYR B 162 -20.07 -52.76 -20.56
N ALA B 163 -20.91 -53.71 -20.22
CA ALA B 163 -21.88 -53.55 -19.17
C ALA B 163 -21.15 -53.45 -17.84
N ARG B 164 -21.46 -52.43 -17.06
CA ARG B 164 -20.87 -52.27 -15.73
C ARG B 164 -21.92 -52.35 -14.63
N GLN B 165 -21.44 -52.64 -13.42
CA GLN B 165 -22.24 -52.48 -12.21
C GLN B 165 -22.38 -50.98 -11.95
N ASN B 166 -23.59 -50.53 -11.63
CA ASN B 166 -23.81 -49.12 -11.28
C ASN B 166 -25.01 -48.94 -10.35
N VAL B 167 -25.18 -47.72 -9.83
CA VAL B 167 -26.30 -47.38 -8.95
C VAL B 167 -27.13 -46.30 -9.62
N GLY B 168 -28.35 -46.66 -9.98
CA GLY B 168 -29.25 -45.76 -10.69
C GLY B 168 -30.19 -45.04 -9.76
N PHE B 169 -30.29 -43.74 -9.95
CA PHE B 169 -31.23 -42.94 -9.19
C PHE B 169 -32.53 -42.78 -9.95
N LEU B 170 -32.54 -43.26 -11.19
CA LEU B 170 -33.74 -43.28 -12.00
C LEU B 170 -34.81 -44.03 -11.20
N ASP B 171 -36.07 -43.60 -11.35
CA ASP B 171 -37.19 -44.24 -10.66
C ASP B 171 -37.03 -44.17 -9.13
N GLY B 172 -37.84 -43.36 -8.46
CA GLY B 172 -37.72 -43.20 -7.02
C GLY B 172 -36.28 -42.81 -6.76
N THR B 173 -35.60 -43.50 -5.85
CA THR B 173 -34.22 -43.17 -5.56
C THR B 173 -33.44 -44.36 -5.00
N ALA B 174 -32.13 -44.39 -5.28
CA ALA B 174 -31.19 -45.35 -4.66
C ALA B 174 -31.25 -46.80 -5.16
N LYS B 175 -31.75 -47.05 -6.37
CA LYS B 175 -31.76 -48.44 -6.85
C LYS B 175 -30.34 -48.86 -7.24
N GLY B 176 -30.00 -50.13 -7.02
CA GLY B 176 -28.68 -50.68 -7.39
C GLY B 176 -28.75 -51.86 -8.36
N PHE B 177 -27.78 -51.96 -9.26
CA PHE B 177 -27.78 -52.98 -10.31
C PHE B 177 -26.38 -53.55 -10.61
N ASP B 178 -26.32 -54.85 -10.92
CA ASP B 178 -25.05 -55.52 -11.26
C ASP B 178 -24.84 -55.60 -12.79
N GLU B 179 -23.69 -56.14 -13.19
CA GLU B 179 -23.28 -56.21 -14.60
C GLU B 179 -24.21 -57.01 -15.50
N GLN B 180 -24.67 -58.16 -15.02
CA GLN B 180 -25.60 -58.99 -15.79
C GLN B 180 -26.88 -58.20 -16.06
N GLY B 181 -27.18 -57.29 -15.14
CA GLY B 181 -28.42 -56.55 -15.15
C GLY B 181 -29.39 -57.26 -14.24
N ASN B 182 -29.46 -56.83 -13.00
CA ASN B 182 -30.32 -57.45 -11.99
C ASN B 182 -30.43 -56.41 -10.93
N GLN B 183 -31.53 -56.44 -10.16
CA GLN B 183 -31.67 -55.50 -9.05
C GLN B 183 -30.83 -55.98 -7.87
N ILE B 184 -29.75 -55.27 -7.57
CA ILE B 184 -28.91 -55.67 -6.43
C ILE B 184 -29.68 -55.53 -5.12
N LYS B 185 -29.83 -56.65 -4.42
CA LYS B 185 -30.53 -56.68 -3.15
C LYS B 185 -29.67 -57.37 -2.08
N SER B 186 -29.69 -56.79 -0.88
CA SER B 186 -28.98 -57.32 0.29
C SER B 186 -27.47 -57.54 0.07
N GLY B 187 -26.86 -56.67 -0.74
CA GLY B 187 -25.43 -56.74 -1.00
C GLY B 187 -24.79 -55.38 -1.21
N ILE B 188 -23.48 -55.35 -1.10
CA ILE B 188 -22.72 -54.15 -1.39
C ILE B 188 -22.82 -53.85 -2.89
N ALA B 189 -22.83 -52.57 -3.24
CA ALA B 189 -22.83 -52.15 -4.65
C ALA B 189 -21.99 -50.89 -4.84
N THR B 190 -21.19 -50.87 -5.89
CA THR B 190 -20.22 -49.82 -6.09
C THR B 190 -20.53 -48.98 -7.35
N ASP B 191 -20.21 -47.70 -7.21
CA ASP B 191 -20.63 -46.65 -8.12
C ASP B 191 -19.47 -46.32 -9.06
N LEU B 192 -19.75 -45.67 -10.18
CA LEU B 192 -18.70 -45.24 -11.11
C LEU B 192 -17.66 -44.35 -10.46
N SER B 193 -18.12 -43.46 -9.57
CA SER B 193 -17.24 -42.58 -8.81
C SER B 193 -16.39 -43.33 -7.77
N GLY B 194 -16.92 -44.43 -7.26
CA GLY B 194 -16.25 -45.25 -6.24
C GLY B 194 -17.02 -45.33 -4.95
N ASN B 195 -18.14 -44.61 -4.87
CA ASN B 195 -19.00 -44.63 -3.70
C ASN B 195 -19.54 -46.01 -3.46
N VAL B 196 -19.57 -46.43 -2.21
CA VAL B 196 -19.97 -47.77 -1.84
C VAL B 196 -21.29 -47.71 -1.09
N TYR B 197 -22.35 -48.24 -1.70
CA TYR B 197 -23.69 -48.30 -1.08
C TYR B 197 -23.92 -49.68 -0.53
N TYR B 198 -24.73 -49.80 0.51
CA TYR B 198 -25.18 -51.10 0.95
C TYR B 198 -26.69 -51.11 1.02
N PHE B 199 -27.27 -52.15 0.41
CA PHE B 199 -28.73 -52.31 0.34
C PHE B 199 -29.20 -53.44 1.24
N ASP B 200 -30.48 -53.40 1.58
CA ASP B 200 -31.14 -54.51 2.28
C ASP B 200 -31.91 -55.34 1.24
N ALA B 201 -32.48 -56.47 1.69
CA ALA B 201 -33.46 -57.19 0.88
C ALA B 201 -34.64 -56.24 0.73
N SER B 202 -35.18 -56.16 -0.49
CA SER B 202 -36.18 -55.15 -0.92
C SER B 202 -35.54 -53.96 -1.68
N GLY B 203 -34.22 -53.94 -1.81
CA GLY B 203 -33.55 -53.03 -2.74
C GLY B 203 -33.31 -51.63 -2.21
N LYS B 204 -33.84 -51.33 -1.02
CA LYS B 204 -33.62 -50.02 -0.40
C LYS B 204 -32.26 -49.93 0.29
N MET B 205 -31.61 -48.78 0.18
CA MET B 205 -30.28 -48.59 0.73
C MET B 205 -30.31 -48.39 2.24
N LEU B 206 -29.16 -48.57 2.86
CA LEU B 206 -29.02 -48.38 4.29
C LEU B 206 -28.20 -47.15 4.63
N THR B 207 -28.59 -46.51 5.74
CA THR B 207 -27.92 -45.31 6.26
C THR B 207 -27.61 -45.53 7.74
N GLY B 208 -26.80 -44.63 8.29
CA GLY B 208 -26.40 -44.70 9.69
C GLY B 208 -25.34 -45.75 9.92
N VAL B 209 -25.21 -46.21 11.15
CA VAL B 209 -24.22 -47.23 11.50
C VAL B 209 -24.77 -48.62 11.17
N GLN B 210 -23.94 -49.44 10.53
CA GLN B 210 -24.32 -50.79 10.12
C GLN B 210 -23.23 -51.78 10.46
N ASN B 211 -23.62 -52.97 10.92
CA ASN B 211 -22.70 -54.08 11.17
C ASN B 211 -22.72 -55.07 10.02
N ILE B 212 -21.61 -55.15 9.29
CA ILE B 212 -21.47 -56.10 8.19
C ILE B 212 -20.25 -56.97 8.43
N ASP B 213 -20.49 -58.30 8.40
CA ASP B 213 -19.44 -59.26 8.66
C ASP B 213 -18.89 -58.98 10.06
N GLY B 214 -19.80 -58.83 11.03
CA GLY B 214 -19.43 -58.47 12.39
C GLY B 214 -18.43 -57.31 12.44
N LYS B 215 -18.68 -56.29 11.64
CA LYS B 215 -17.85 -55.08 11.55
C LYS B 215 -18.79 -53.88 11.55
N LYS B 216 -18.34 -52.75 12.09
CA LYS B 216 -19.14 -51.53 12.09
C LYS B 216 -18.71 -50.63 10.92
N TYR B 217 -19.68 -50.13 10.18
CA TYR B 217 -19.45 -49.25 9.02
C TYR B 217 -20.41 -48.07 9.11
N TYR B 218 -19.97 -46.88 8.72
CA TYR B 218 -20.87 -45.72 8.73
C TYR B 218 -21.30 -45.31 7.34
N PHE B 219 -22.62 -45.22 7.17
CA PHE B 219 -23.24 -44.73 5.93
C PHE B 219 -23.95 -43.40 6.17
N ASP B 220 -23.57 -42.38 5.40
CA ASP B 220 -24.17 -41.06 5.56
C ASP B 220 -25.60 -41.09 5.04
N GLU B 221 -26.26 -39.94 5.06
CA GLU B 221 -27.65 -39.85 4.64
C GLU B 221 -27.81 -39.94 3.13
N GLN B 222 -26.68 -39.99 2.43
CA GLN B 222 -26.64 -40.18 1.00
C GLN B 222 -26.45 -41.66 0.65
N GLY B 223 -26.27 -42.49 1.68
CA GLY B 223 -26.04 -43.92 1.53
C GLY B 223 -24.62 -44.33 1.18
N HIS B 224 -23.66 -43.41 1.29
CA HIS B 224 -22.25 -43.71 1.00
C HIS B 224 -21.59 -44.21 2.27
N ARG B 225 -20.79 -45.26 2.14
CA ARG B 225 -19.98 -45.72 3.25
C ARG B 225 -18.81 -44.75 3.33
N ARG B 226 -18.35 -44.47 4.55
CA ARG B 226 -17.37 -43.43 4.78
C ARG B 226 -16.19 -43.86 5.62
N ARG B 227 -15.05 -43.24 5.35
CA ARG B 227 -13.80 -43.53 6.06
C ARG B 227 -13.23 -42.27 6.71
N ASN B 228 -12.41 -42.44 7.73
CA ASN B 228 -11.90 -41.31 8.50
C ASN B 228 -13.02 -40.41 8.94
N TYR B 229 -13.95 -40.99 9.71
CA TYR B 229 -15.13 -40.32 10.26
C TYR B 229 -15.27 -40.64 11.74
N ALA B 230 -15.36 -39.62 12.59
CA ALA B 230 -15.45 -39.80 14.04
C ALA B 230 -16.77 -39.28 14.55
N GLY B 231 -17.28 -39.88 15.62
CA GLY B 231 -18.50 -39.38 16.23
C GLY B 231 -19.18 -40.29 17.23
N VAL B 232 -20.02 -39.69 18.06
CA VAL B 232 -20.83 -40.45 19.00
C VAL B 232 -22.07 -40.89 18.27
N PHE B 233 -22.24 -42.21 18.14
CA PHE B 233 -23.44 -42.79 17.54
C PHE B 233 -24.07 -43.75 18.54
N ASN B 234 -25.36 -43.57 18.80
CA ASN B 234 -26.06 -44.43 19.77
C ASN B 234 -25.26 -44.55 21.07
N ASN B 235 -24.86 -43.39 21.60
CA ASN B 235 -24.02 -43.32 22.78
C ASN B 235 -22.76 -44.19 22.67
N GLU B 236 -22.07 -44.12 21.54
CA GLU B 236 -20.77 -44.77 21.39
C GLU B 236 -19.83 -43.91 20.58
N PHE B 237 -18.63 -43.67 21.08
CA PHE B 237 -17.66 -42.88 20.34
C PHE B 237 -16.86 -43.82 19.41
N ILE B 238 -17.12 -43.72 18.12
CA ILE B 238 -16.49 -44.58 17.11
C ILE B 238 -15.66 -43.72 16.17
N TYR B 239 -14.56 -44.28 15.67
CA TYR B 239 -13.76 -43.65 14.62
C TYR B 239 -13.57 -44.65 13.50
N PHE B 240 -14.15 -44.35 12.34
CA PHE B 240 -14.03 -45.20 11.16
C PHE B 240 -12.78 -44.80 10.39
N GLY B 241 -11.78 -45.68 10.35
CA GLY B 241 -10.50 -45.37 9.71
C GLY B 241 -10.54 -45.50 8.19
N LEU B 242 -9.35 -45.51 7.59
CA LEU B 242 -9.18 -45.63 6.14
C LEU B 242 -9.93 -46.83 5.57
N ASP B 243 -10.00 -47.90 6.36
CA ASP B 243 -10.80 -49.09 6.04
C ASP B 243 -12.26 -48.75 5.75
N GLY B 244 -12.82 -47.91 6.62
CA GLY B 244 -14.27 -47.77 6.74
C GLY B 244 -14.74 -48.42 8.02
N VAL B 245 -13.80 -49.01 8.77
CA VAL B 245 -14.09 -49.87 9.92
C VAL B 245 -13.98 -49.15 11.26
N GLY B 246 -15.01 -49.32 12.08
CA GLY B 246 -15.10 -48.63 13.36
C GLY B 246 -14.10 -49.14 14.38
N GLN B 247 -13.47 -48.21 15.09
CA GLN B 247 -12.60 -48.52 16.23
C GLN B 247 -13.20 -47.84 17.47
N SER B 248 -12.93 -48.34 18.66
CA SER B 248 -13.48 -47.70 19.86
C SER B 248 -12.57 -46.57 20.25
N ALA B 249 -13.12 -45.36 20.29
CA ALA B 249 -12.36 -44.17 20.67
C ALA B 249 -12.02 -44.16 22.16
N ILE B 250 -12.72 -44.99 22.93
CA ILE B 250 -12.47 -45.09 24.36
C ILE B 250 -11.11 -45.70 24.72
N GLU B 251 -10.83 -46.88 24.20
CA GLU B 251 -9.56 -47.60 24.52
C GLU B 251 -8.27 -47.01 23.89
N TYR B 252 -7.19 -47.07 24.66
CA TYR B 252 -5.91 -46.50 24.27
C TYR B 252 -5.34 -47.18 23.04
N GLN B 253 -4.68 -46.38 22.20
CA GLN B 253 -4.14 -46.84 20.92
C GLN B 253 -2.62 -46.89 20.88
N PHE B 254 -1.99 -46.77 22.03
CA PHE B 254 -0.53 -46.74 22.09
C PHE B 254 -0.20 -47.88 23.00
N GLU B 255 0.98 -48.47 22.83
CA GLU B 255 1.36 -49.58 23.73
C GLU B 255 1.81 -49.05 25.07
N LYS B 256 1.45 -49.79 26.10
CA LYS B 256 1.57 -49.31 27.47
C LYS B 256 3.00 -49.42 27.99
N GLY B 257 3.43 -48.45 28.80
CA GLY B 257 4.69 -48.60 29.52
C GLY B 257 5.87 -47.86 28.95
N LEU B 258 6.88 -47.74 29.80
CA LEU B 258 8.12 -47.03 29.52
C LEU B 258 9.23 -48.05 29.31
N THR B 259 10.37 -47.59 28.82
CA THR B 259 11.55 -48.43 28.57
C THR B 259 12.80 -47.66 28.93
N SER B 260 13.59 -48.17 29.87
CA SER B 260 14.76 -47.41 30.31
C SER B 260 15.81 -47.43 29.21
N GLN B 261 16.42 -46.26 29.02
CA GLN B 261 17.49 -46.07 28.07
C GLN B 261 18.82 -46.20 28.77
N ASN B 262 18.79 -46.67 30.02
CA ASN B 262 20.00 -46.94 30.77
C ASN B 262 20.41 -48.38 30.57
N SER B 263 21.65 -48.58 30.20
CA SER B 263 22.20 -49.87 29.87
C SER B 263 23.45 -50.05 30.72
N VAL B 264 24.07 -51.22 30.64
CA VAL B 264 25.41 -51.41 31.26
C VAL B 264 26.43 -50.47 30.60
N ALA B 265 26.24 -50.23 29.31
CA ALA B 265 27.11 -49.41 28.50
C ALA B 265 26.88 -47.91 28.61
N THR B 266 25.74 -47.48 29.11
CA THR B 266 25.41 -46.05 29.03
C THR B 266 26.34 -45.18 29.86
N SER B 267 26.82 -45.75 30.96
CA SER B 267 27.87 -45.11 31.74
C SER B 267 29.10 -44.82 30.88
N HIS B 268 29.45 -45.77 30.01
CA HIS B 268 30.65 -45.70 29.18
C HIS B 268 30.46 -44.83 27.95
N ASN B 269 29.29 -44.94 27.31
CA ASN B 269 29.03 -44.20 26.06
C ASN B 269 28.60 -42.76 26.28
N ALA B 270 28.20 -42.45 27.50
CA ALA B 270 27.92 -41.07 27.89
C ALA B 270 29.08 -40.15 27.54
N ALA B 271 28.76 -38.92 27.19
CA ALA B 271 29.73 -37.94 26.71
C ALA B 271 30.80 -37.62 27.74
N LYS B 272 32.01 -37.37 27.27
CA LYS B 272 33.13 -37.02 28.15
C LYS B 272 32.83 -35.76 28.92
N SER B 273 32.37 -34.74 28.21
CA SER B 273 31.81 -33.54 28.82
C SER B 273 30.62 -33.09 27.99
N TYR B 274 29.91 -32.08 28.46
CA TYR B 274 28.68 -31.63 27.81
C TYR B 274 28.83 -30.25 27.21
N ASP B 275 30.02 -29.94 26.71
CA ASP B 275 30.29 -28.64 26.09
C ASP B 275 31.05 -28.79 24.76
N THR B 276 31.31 -27.66 24.11
CA THR B 276 31.90 -27.61 22.76
C THR B 276 33.09 -28.53 22.53
N LYS B 277 33.89 -28.74 23.57
CA LYS B 277 35.08 -29.61 23.48
C LYS B 277 34.75 -30.98 22.92
N SER B 278 33.69 -31.57 23.45
CA SER B 278 33.39 -32.98 23.25
C SER B 278 32.45 -33.26 22.08
N PHE B 279 32.08 -32.21 21.36
CA PHE B 279 31.20 -32.36 20.21
C PHE B 279 31.68 -31.57 19.00
N THR B 280 31.58 -32.18 17.83
CA THR B 280 31.64 -31.44 16.57
C THR B 280 30.26 -30.82 16.38
N ASN B 281 30.24 -29.54 16.07
CA ASN B 281 29.02 -28.76 16.13
C ASN B 281 29.00 -27.65 15.09
N VAL B 282 27.79 -27.20 14.77
CA VAL B 282 27.56 -26.02 13.96
C VAL B 282 27.02 -24.93 14.92
N ASP B 283 27.86 -23.92 15.21
CA ASP B 283 27.53 -22.85 16.19
C ASP B 283 26.87 -23.34 17.47
N GLY B 284 27.34 -24.46 17.99
CA GLY B 284 26.74 -25.07 19.18
C GLY B 284 25.71 -26.15 18.90
N PHE B 285 25.10 -26.12 17.70
CA PHE B 285 24.06 -27.07 17.33
C PHE B 285 24.67 -28.40 16.89
N LEU B 286 23.86 -29.46 16.91
CA LEU B 286 24.30 -30.77 16.46
C LEU B 286 23.52 -31.16 15.23
N THR B 287 24.18 -31.84 14.30
CA THR B 287 23.52 -32.41 13.14
C THR B 287 23.61 -33.93 13.17
N ALA B 288 23.05 -34.58 12.15
CA ALA B 288 23.13 -36.02 12.01
C ALA B 288 24.55 -36.45 11.73
N ASN B 289 25.39 -35.52 11.29
CA ASN B 289 26.80 -35.82 11.11
C ASN B 289 27.69 -35.33 12.25
N SER B 290 27.10 -35.07 13.41
CA SER B 290 27.88 -34.77 14.57
C SER B 290 28.60 -36.01 15.06
N TRP B 291 29.86 -35.82 15.44
CA TRP B 291 30.68 -36.81 16.10
C TRP B 291 30.92 -36.29 17.50
N TYR B 292 31.09 -37.18 18.47
CA TYR B 292 31.33 -36.77 19.87
C TYR B 292 32.38 -37.64 20.54
N ARG B 293 32.82 -37.21 21.72
CA ARG B 293 33.79 -37.96 22.49
C ARG B 293 33.11 -38.61 23.66
N PRO B 294 33.01 -39.94 23.67
CA PRO B 294 32.44 -40.60 24.84
C PRO B 294 33.47 -40.74 25.93
N THR B 295 33.03 -41.13 27.13
CA THR B 295 33.97 -41.26 28.25
C THR B 295 34.86 -42.48 28.05
N ASP B 296 34.31 -43.56 27.49
CA ASP B 296 35.11 -44.75 27.20
C ASP B 296 34.93 -45.26 25.77
N ILE B 297 35.95 -45.94 25.29
CA ILE B 297 35.91 -46.57 24.00
C ILE B 297 35.91 -48.07 24.21
N LEU B 298 34.98 -48.75 23.54
CA LEU B 298 34.97 -50.21 23.56
C LEU B 298 36.03 -50.71 22.58
N ARG B 299 37.26 -50.77 23.07
CA ARG B 299 38.41 -50.87 22.18
C ARG B 299 38.59 -52.26 21.61
N ASN B 300 38.66 -52.32 20.29
CA ASN B 300 38.61 -53.58 19.55
C ASN B 300 37.43 -54.45 20.03
N GLY B 301 36.34 -53.77 20.40
CA GLY B 301 35.11 -54.39 20.87
C GLY B 301 35.22 -55.35 22.05
N THR B 302 36.25 -55.21 22.88
CA THR B 302 36.46 -56.15 23.98
C THR B 302 36.88 -55.56 25.32
N LYS B 303 37.12 -54.25 25.39
CA LYS B 303 37.80 -53.67 26.55
C LYS B 303 37.49 -52.19 26.64
N TRP B 304 36.73 -51.82 27.66
CA TRP B 304 36.42 -50.40 27.90
C TRP B 304 37.66 -49.64 28.39
N GLU B 305 38.24 -48.84 27.51
CA GLU B 305 39.36 -47.96 27.87
C GLU B 305 38.89 -46.51 27.96
N PRO B 306 39.45 -45.73 28.91
CA PRO B 306 39.32 -44.29 28.92
C PRO B 306 39.71 -43.70 27.59
N SER B 307 38.93 -42.72 27.14
CA SER B 307 39.09 -42.15 25.81
C SER B 307 40.16 -41.10 25.78
N THR B 308 40.95 -41.10 24.70
CA THR B 308 41.93 -40.05 24.45
C THR B 308 41.24 -38.84 23.82
N GLU B 309 42.02 -37.83 23.46
CA GLU B 309 41.48 -36.61 22.85
C GLU B 309 40.87 -36.85 21.48
N THR B 310 41.52 -37.69 20.67
CA THR B 310 41.07 -37.97 19.31
C THR B 310 40.02 -39.10 19.18
N ASP B 311 39.54 -39.67 20.29
CA ASP B 311 38.56 -40.75 20.22
C ASP B 311 37.14 -40.24 20.00
N PHE B 312 36.89 -39.65 18.83
CA PHE B 312 35.54 -39.19 18.48
C PHE B 312 34.81 -40.27 17.70
N ARG B 313 33.49 -40.33 17.90
CA ARG B 313 32.66 -41.34 17.28
C ARG B 313 31.37 -40.69 16.81
N PRO B 314 30.77 -41.21 15.73
CA PRO B 314 29.59 -40.56 15.21
C PRO B 314 28.44 -40.70 16.19
N LEU B 315 27.79 -39.59 16.50
CA LEU B 315 26.70 -39.56 17.45
C LEU B 315 25.70 -40.65 17.17
N LEU B 316 25.44 -40.86 15.87
CA LEU B 316 24.45 -41.85 15.43
C LEU B 316 24.79 -43.28 15.84
N MET B 317 26.03 -43.51 16.29
CA MET B 317 26.45 -44.80 16.83
C MET B 317 25.73 -45.14 18.12
N THR B 318 25.46 -44.13 18.93
CA THR B 318 24.90 -44.37 20.26
C THR B 318 23.60 -43.64 20.54
N TRP B 319 23.14 -42.80 19.62
CA TRP B 319 21.88 -42.05 19.81
C TRP B 319 21.16 -41.81 18.51
N TRP B 320 19.84 -41.83 18.58
CA TRP B 320 18.96 -41.63 17.42
C TRP B 320 17.78 -40.75 17.84
N PRO B 321 17.22 -39.96 16.92
CA PRO B 321 16.14 -39.02 17.24
C PRO B 321 14.73 -39.62 17.35
N ASP B 322 14.59 -40.89 16.91
CA ASP B 322 13.39 -41.70 17.13
C ASP B 322 13.70 -43.14 16.77
N LYS B 323 12.79 -44.05 17.09
CA LYS B 323 13.02 -45.48 16.84
C LYS B 323 13.16 -45.83 15.35
N GLU B 324 12.40 -45.14 14.49
CA GLU B 324 12.40 -45.47 13.05
C GLU B 324 13.79 -45.33 12.42
N VAL B 325 14.45 -44.24 12.75
CA VAL B 325 15.80 -43.98 12.25
C VAL B 325 16.78 -44.98 12.85
N GLN B 326 16.62 -45.24 14.14
CA GLN B 326 17.44 -46.25 14.83
C GLN B 326 17.33 -47.55 14.06
N ALA B 327 16.09 -47.99 13.84
CA ALA B 327 15.81 -49.22 13.11
C ALA B 327 16.51 -49.26 11.73
N ASN B 328 16.39 -48.17 10.99
CA ASN B 328 17.01 -48.08 9.66
C ASN B 328 18.54 -48.09 9.71
N TYR B 329 19.13 -47.31 10.62
CA TYR B 329 20.57 -47.38 10.90
C TYR B 329 21.07 -48.82 11.16
N LEU B 330 20.30 -49.59 11.91
CA LEU B 330 20.70 -50.96 12.24
C LEU B 330 20.75 -51.87 11.01
N ASN B 331 19.70 -51.78 10.18
CA ASN B 331 19.61 -52.59 8.95
C ASN B 331 20.73 -52.24 7.99
N TYR B 332 21.03 -50.94 7.93
CA TYR B 332 22.06 -50.40 7.05
C TYR B 332 23.46 -50.89 7.40
N MET B 333 23.81 -50.78 8.68
CA MET B 333 25.14 -51.19 9.13
C MET B 333 25.29 -52.71 9.05
N SER B 334 24.20 -53.43 9.30
CA SER B 334 24.19 -54.89 9.17
C SER B 334 24.38 -55.32 7.73
N ALA B 335 23.84 -54.51 6.82
CA ALA B 335 24.10 -54.65 5.40
C ALA B 335 25.56 -54.38 5.01
N LEU B 336 26.34 -53.72 5.87
CA LEU B 336 27.79 -53.58 5.64
C LEU B 336 28.62 -54.62 6.40
N GLY B 337 27.96 -55.65 6.95
CA GLY B 337 28.62 -56.68 7.72
C GLY B 337 28.91 -56.28 9.16
N LEU B 338 28.24 -55.24 9.64
CA LEU B 338 28.44 -54.76 11.00
C LEU B 338 27.21 -55.02 11.83
N GLY B 339 26.37 -55.93 11.37
CA GLY B 339 25.13 -56.22 12.07
C GLY B 339 24.77 -57.67 12.29
N ASP B 340 23.61 -57.82 12.93
CA ASP B 340 23.00 -59.11 13.26
C ASP B 340 22.37 -59.86 12.08
N GLN B 341 22.03 -59.17 10.98
CA GLN B 341 21.41 -59.84 9.82
C GLN B 341 19.90 -60.09 10.07
N LYS B 342 19.32 -59.29 10.96
CA LYS B 342 17.94 -59.40 11.30
C LYS B 342 17.31 -58.03 11.02
N ILE B 343 16.17 -58.05 10.34
CA ILE B 343 15.48 -56.80 10.00
C ILE B 343 14.64 -56.21 11.14
N TYR B 344 14.83 -54.91 11.37
CA TYR B 344 14.11 -54.15 12.40
C TYR B 344 13.27 -53.09 11.73
N THR B 345 12.32 -52.56 12.50
CA THR B 345 11.47 -51.48 12.05
C THR B 345 11.09 -50.68 13.29
N GLY B 346 10.48 -49.53 13.08
CA GLY B 346 9.92 -48.73 14.17
C GLY B 346 8.89 -49.53 14.97
N ALA B 347 8.24 -50.46 14.28
CA ALA B 347 7.32 -51.39 14.93
C ALA B 347 8.05 -52.29 15.93
N SER B 348 9.31 -52.61 15.64
CA SER B 348 10.14 -53.43 16.53
C SER B 348 10.36 -52.74 17.89
N SER B 349 10.61 -53.56 18.93
CA SER B 349 10.65 -53.08 20.32
C SER B 349 11.87 -52.22 20.60
N GLN B 350 11.74 -51.35 21.59
CA GLN B 350 12.78 -50.38 21.95
C GLN B 350 14.03 -51.05 22.49
N LEU B 351 13.81 -52.03 23.35
CA LEU B 351 14.87 -52.74 24.04
C LEU B 351 15.68 -53.62 23.08
N ASP B 352 15.02 -54.16 22.05
CA ASP B 352 15.72 -54.94 21.02
C ASP B 352 16.66 -54.03 20.24
N LEU B 353 16.13 -52.88 19.83
CA LEU B 353 16.86 -51.90 19.02
C LEU B 353 18.12 -51.42 19.73
N ASN B 354 17.99 -51.15 21.03
CA ASN B 354 19.13 -50.75 21.87
C ASN B 354 20.20 -51.84 21.98
N ASN B 355 19.78 -53.06 22.25
CA ASN B 355 20.73 -54.18 22.35
C ASN B 355 21.46 -54.45 21.05
N ALA B 356 20.74 -54.32 19.94
CA ALA B 356 21.29 -54.55 18.60
C ALA B 356 22.32 -53.50 18.21
N ALA B 357 22.09 -52.28 18.67
CA ALA B 357 23.03 -51.19 18.45
C ALA B 357 24.38 -51.47 19.11
N LEU B 358 24.36 -52.15 20.25
CA LEU B 358 25.58 -52.51 20.95
C LEU B 358 26.38 -53.54 20.19
N ILE B 359 25.68 -54.43 19.51
CA ILE B 359 26.32 -55.46 18.70
C ILE B 359 26.99 -54.78 17.52
N VAL B 360 26.30 -53.80 16.95
CA VAL B 360 26.85 -52.99 15.87
C VAL B 360 28.07 -52.23 16.35
N GLN B 361 28.02 -51.73 17.59
CA GLN B 361 29.14 -50.96 18.13
C GLN B 361 30.39 -51.81 18.25
N GLU B 362 30.28 -53.04 18.74
CA GLU B 362 31.42 -53.96 18.81
C GLU B 362 32.08 -54.12 17.45
N ALA B 363 31.23 -54.33 16.45
CA ALA B 363 31.67 -54.56 15.08
C ALA B 363 32.41 -53.33 14.55
N ILE B 364 31.84 -52.15 14.81
CA ILE B 364 32.45 -50.88 14.41
C ILE B 364 33.86 -50.78 14.98
N GLU B 365 33.97 -50.92 16.30
CA GLU B 365 35.23 -50.68 17.00
C GLU B 365 36.34 -51.64 16.57
N LYS B 366 35.98 -52.88 16.26
CA LYS B 366 36.94 -53.90 15.79
C LYS B 366 37.50 -53.52 14.43
N LYS B 367 36.60 -53.04 13.56
CA LYS B 367 36.97 -52.51 12.26
C LYS B 367 37.92 -51.32 12.39
N ILE B 368 37.62 -50.42 13.33
CA ILE B 368 38.48 -49.25 13.58
C ILE B 368 39.87 -49.63 14.06
N SER B 369 39.94 -50.60 14.98
CA SER B 369 41.21 -51.14 15.45
C SER B 369 41.98 -51.83 14.32
N LEU B 370 41.27 -52.51 13.44
CA LEU B 370 41.87 -53.18 12.29
C LEU B 370 42.43 -52.16 11.28
N GLU B 371 41.60 -51.19 10.90
CA GLU B 371 41.97 -50.20 9.87
C GLU B 371 42.92 -49.10 10.34
N LYS B 372 43.01 -48.89 11.66
CA LYS B 372 43.73 -47.75 12.26
C LYS B 372 43.24 -46.42 11.71
N SER B 373 41.91 -46.27 11.67
CA SER B 373 41.27 -45.13 10.99
C SER B 373 39.77 -45.08 11.28
N THR B 374 39.17 -43.90 11.21
CA THR B 374 37.71 -43.75 11.27
C THR B 374 37.13 -43.08 10.04
N LYS B 375 37.94 -42.86 9.02
CA LYS B 375 37.43 -42.24 7.79
C LYS B 375 36.36 -43.12 7.12
N TRP B 376 36.62 -44.44 7.06
CA TRP B 376 35.66 -45.38 6.48
C TRP B 376 34.26 -45.23 7.09
N LEU B 377 34.23 -44.90 8.38
CA LEU B 377 32.99 -44.78 9.17
C LEU B 377 32.25 -43.48 8.86
N ASP B 378 33.01 -42.41 8.79
CA ASP B 378 32.53 -41.12 8.30
C ASP B 378 31.85 -41.32 6.93
N ASP B 379 32.52 -42.05 6.04
CA ASP B 379 31.99 -42.33 4.70
C ASP B 379 30.66 -43.07 4.79
N SER B 380 30.64 -44.14 5.56
CA SER B 380 29.43 -44.97 5.64
C SER B 380 28.29 -44.33 6.46
N ILE B 381 28.63 -43.43 7.38
CA ILE B 381 27.60 -42.70 8.13
C ILE B 381 26.96 -41.66 7.23
N LYS B 382 27.79 -40.94 6.49
CA LYS B 382 27.30 -39.97 5.54
C LYS B 382 26.39 -40.62 4.50
N SER B 383 26.86 -41.72 3.92
CA SER B 383 26.07 -42.38 2.88
C SER B 383 24.78 -43.02 3.43
N PHE B 384 24.80 -43.42 4.71
CA PHE B 384 23.56 -43.89 5.38
C PHE B 384 22.49 -42.81 5.39
N ILE B 385 22.91 -41.60 5.75
CA ILE B 385 21.99 -40.48 5.91
C ILE B 385 21.23 -40.19 4.61
N LYS B 386 21.95 -40.34 3.49
CA LYS B 386 21.36 -40.15 2.15
C LYS B 386 20.97 -41.48 1.49
N SER B 387 20.91 -42.55 2.26
CA SER B 387 20.55 -43.85 1.68
C SER B 387 19.08 -43.85 1.17
N LYS B 388 18.84 -44.68 0.15
CA LYS B 388 17.49 -44.89 -0.40
C LYS B 388 17.05 -46.32 -0.13
N ARG B 389 15.75 -46.56 -0.27
CA ARG B 389 15.21 -47.85 0.13
C ARG B 389 13.97 -48.25 -0.66
N LYS B 390 13.73 -49.57 -0.74
CA LYS B 390 12.51 -50.14 -1.32
C LYS B 390 11.27 -49.77 -0.49
N ASP B 391 10.15 -49.56 -1.16
CA ASP B 391 8.92 -49.21 -0.45
C ASP B 391 7.78 -50.14 -0.88
N ILE B 392 6.60 -49.94 -0.30
CA ILE B 392 5.42 -50.76 -0.59
C ILE B 392 5.06 -50.63 -2.07
N GLN B 393 5.10 -49.41 -2.59
CA GLN B 393 5.00 -49.20 -4.03
C GLN B 393 6.04 -50.06 -4.79
N GLY B 394 7.25 -50.15 -4.25
CA GLY B 394 8.36 -50.85 -4.92
C GLY B 394 9.33 -49.94 -5.68
N ASN B 395 9.05 -48.64 -5.67
CA ASN B 395 10.03 -47.63 -6.14
C ASN B 395 10.96 -47.11 -5.01
N LEU B 396 12.11 -46.56 -5.41
CA LEU B 396 13.06 -45.95 -4.46
C LEU B 396 12.58 -44.67 -3.72
N VAL B 397 12.46 -44.77 -2.40
CA VAL B 397 12.27 -43.57 -1.53
C VAL B 397 13.53 -43.32 -0.69
N ASP B 398 13.60 -42.12 -0.12
CA ASP B 398 14.67 -41.81 0.81
C ASP B 398 14.40 -42.50 2.15
N THR B 399 15.45 -43.09 2.71
CA THR B 399 15.37 -43.68 4.04
C THR B 399 15.20 -42.61 5.11
N ASN B 400 15.87 -41.46 4.93
CA ASN B 400 15.82 -40.38 5.91
C ASN B 400 15.41 -39.02 5.30
N PRO B 401 14.14 -38.90 4.85
CA PRO B 401 13.60 -37.70 4.17
C PRO B 401 13.92 -36.38 4.83
N GLY B 402 13.87 -36.37 6.17
CA GLY B 402 14.16 -35.16 6.93
C GLY B 402 15.62 -34.74 6.91
N TRP B 403 16.46 -35.58 6.32
CA TRP B 403 17.87 -35.30 6.15
C TRP B 403 18.28 -35.17 4.68
N THR B 404 17.31 -34.94 3.78
CA THR B 404 17.53 -34.78 2.32
C THR B 404 16.64 -33.71 1.71
N ILE B 405 16.89 -33.42 0.43
CA ILE B 405 16.09 -32.45 -0.34
C ILE B 405 14.59 -32.71 -0.25
N ASP B 406 14.20 -33.98 -0.21
CA ASP B 406 12.80 -34.39 -0.18
C ASP B 406 11.96 -33.55 0.78
N SER B 407 12.45 -33.36 2.00
CA SER B 407 11.73 -32.57 3.00
C SER B 407 11.77 -31.04 2.78
N GLU B 408 12.57 -30.56 1.84
CA GLU B 408 12.72 -29.11 1.60
C GLU B 408 11.78 -28.54 0.51
N THR B 409 10.51 -28.95 0.54
CA THR B 409 9.56 -28.60 -0.53
C THR B 409 8.98 -27.21 -0.39
N GLY B 410 8.76 -26.59 -1.53
CA GLY B 410 8.22 -25.25 -1.67
C GLY B 410 8.18 -24.93 -3.16
N SER B 411 8.22 -23.64 -3.49
CA SER B 411 8.21 -23.19 -4.87
C SER B 411 9.39 -23.70 -5.71
N THR B 412 9.14 -24.01 -6.99
CA THR B 412 10.19 -24.41 -7.92
C THR B 412 10.79 -23.24 -8.70
N ASN B 413 10.19 -22.05 -8.62
CA ASN B 413 10.63 -20.95 -9.45
C ASN B 413 11.93 -20.33 -8.96
N HIS B 414 13.00 -21.06 -9.25
CA HIS B 414 14.37 -20.65 -8.97
C HIS B 414 15.23 -21.63 -9.78
N LEU B 415 16.37 -21.17 -10.30
CA LEU B 415 17.12 -21.98 -11.27
C LEU B 415 17.56 -23.37 -10.77
N GLN B 416 17.65 -23.50 -9.45
CA GLN B 416 18.09 -24.73 -8.77
C GLN B 416 16.93 -25.36 -8.01
N ASN B 417 15.71 -25.00 -8.38
CA ASN B 417 14.47 -25.65 -7.90
C ASN B 417 14.03 -25.43 -6.44
N GLY B 418 14.48 -24.31 -5.86
CA GLY B 418 14.15 -23.96 -4.48
C GLY B 418 15.10 -22.95 -3.87
N ALA B 419 14.62 -22.24 -2.86
CA ALA B 419 15.40 -21.18 -2.25
C ALA B 419 15.03 -20.94 -0.80
N PHE B 420 15.96 -20.37 -0.04
CA PHE B 420 15.69 -19.92 1.32
C PHE B 420 15.93 -18.41 1.38
N ILE B 421 15.26 -17.75 2.30
CA ILE B 421 15.64 -16.39 2.71
C ILE B 421 16.14 -16.46 4.14
N PHE B 422 17.30 -15.89 4.42
CA PHE B 422 17.76 -15.82 5.81
C PHE B 422 17.02 -14.70 6.54
N THR B 423 16.53 -15.03 7.73
CA THR B 423 15.70 -14.14 8.55
C THR B 423 16.11 -14.26 10.01
N ASN B 424 16.12 -13.15 10.75
CA ASN B 424 16.64 -13.19 12.11
C ASN B 424 15.84 -14.06 13.03
N SER B 425 16.50 -14.53 14.08
CA SER B 425 15.87 -15.33 15.10
C SER B 425 16.71 -15.29 16.35
N PRO B 426 16.08 -15.19 17.52
CA PRO B 426 16.84 -15.18 18.76
C PRO B 426 17.70 -16.44 18.99
N LEU B 427 17.33 -17.57 18.39
CA LEU B 427 18.05 -18.82 18.60
C LEU B 427 19.45 -18.83 17.98
N VAL B 428 19.67 -17.97 17.00
CA VAL B 428 20.86 -17.97 16.17
C VAL B 428 21.43 -16.53 16.11
N PRO B 429 22.00 -16.05 17.23
CA PRO B 429 22.37 -14.64 17.39
C PRO B 429 23.39 -14.09 16.41
N GLU B 430 24.26 -14.92 15.84
CA GLU B 430 25.36 -14.38 15.04
C GLU B 430 25.15 -14.58 13.55
N ALA B 431 23.99 -15.11 13.19
CA ALA B 431 23.59 -15.17 11.78
C ALA B 431 22.58 -14.10 11.53
N ASN B 432 22.37 -13.25 12.52
CA ASN B 432 21.34 -12.25 12.40
C ASN B 432 21.93 -11.00 11.80
N ALA B 433 21.16 -10.42 10.89
CA ALA B 433 21.53 -9.20 10.20
C ALA B 433 21.03 -8.02 11.00
N ALA B 434 21.56 -6.85 10.70
CA ALA B 434 21.12 -5.63 11.35
C ALA B 434 19.72 -5.28 10.88
N GLU B 435 19.14 -4.25 11.48
CA GLU B 435 17.83 -3.76 11.05
C GLU B 435 17.94 -3.05 9.70
N GLY B 436 16.98 -3.32 8.82
CA GLY B 436 16.92 -2.63 7.52
C GLY B 436 18.09 -2.93 6.60
N ASN B 437 18.66 -4.13 6.76
CA ASN B 437 19.52 -4.76 5.77
C ASN B 437 18.69 -5.83 5.06
N ARG B 438 19.33 -6.69 4.28
CA ARG B 438 18.63 -7.72 3.53
C ARG B 438 17.44 -7.16 2.74
N LEU B 439 17.64 -5.98 2.15
CA LEU B 439 16.65 -5.40 1.24
C LEU B 439 16.74 -6.13 -0.09
N ILE B 440 15.79 -7.03 -0.30
CA ILE B 440 15.74 -7.79 -1.54
C ILE B 440 15.09 -6.99 -2.68
N ASN B 441 15.51 -7.30 -3.91
CA ASN B 441 14.85 -6.86 -5.16
C ASN B 441 15.02 -5.37 -5.47
N ARG B 442 16.15 -4.79 -5.07
CA ARG B 442 16.49 -3.41 -5.43
C ARG B 442 17.16 -3.35 -6.81
N THR B 443 16.40 -3.81 -7.80
CA THR B 443 16.80 -3.72 -9.18
C THR B 443 16.75 -2.25 -9.61
N PRO B 444 17.47 -1.87 -10.67
CA PRO B 444 17.45 -0.48 -11.11
C PRO B 444 16.05 0.11 -11.11
N SER B 445 15.06 -0.70 -11.52
CA SER B 445 13.67 -0.28 -11.53
C SER B 445 13.06 -0.07 -10.14
N GLN B 446 13.48 -0.90 -9.20
CA GLN B 446 12.88 -0.91 -7.87
C GLN B 446 13.86 -0.52 -6.77
N GLN B 447 14.89 0.25 -7.14
CA GLN B 447 15.97 0.63 -6.21
C GLN B 447 15.44 1.44 -5.03
N THR B 448 14.41 2.23 -5.31
CA THR B 448 13.77 3.08 -4.33
C THR B 448 12.91 2.31 -3.29
N GLY B 449 12.45 1.11 -3.64
CA GLY B 449 11.47 0.36 -2.84
C GLY B 449 10.21 0.09 -3.62
N ASN B 450 10.06 0.78 -4.75
CA ASN B 450 8.87 0.73 -5.60
C ASN B 450 9.28 0.79 -7.05
N HIS B 451 8.50 0.15 -7.92
CA HIS B 451 8.77 0.20 -9.37
C HIS B 451 8.64 1.65 -9.82
N ILE B 452 9.53 2.04 -10.72
CA ILE B 452 9.47 3.35 -11.36
C ILE B 452 9.83 3.17 -12.81
N SER B 453 8.88 3.40 -13.72
CA SER B 453 9.16 3.25 -15.13
C SER B 453 9.84 4.53 -15.56
N TYR B 454 11.03 4.40 -16.13
CA TYR B 454 11.78 5.55 -16.68
C TYR B 454 11.58 5.64 -18.18
N ALA B 455 10.79 4.73 -18.74
CA ALA B 455 10.65 4.58 -20.19
C ALA B 455 9.49 5.41 -20.76
N SER B 456 9.65 5.87 -22.01
CA SER B 456 8.61 6.55 -22.81
C SER B 456 7.70 5.57 -23.56
N GLN B 457 6.66 6.11 -24.20
CA GLN B 457 5.53 5.32 -24.71
C GLN B 457 5.90 4.26 -25.74
N PRO B 458 6.89 4.57 -26.65
CA PRO B 458 7.25 3.49 -27.59
C PRO B 458 7.96 2.33 -26.91
N TYR B 459 8.80 2.66 -25.93
CA TYR B 459 9.69 1.70 -25.25
C TYR B 459 9.06 1.13 -23.98
N SER B 460 9.50 -0.04 -23.57
CA SER B 460 8.95 -0.72 -22.39
C SER B 460 9.68 -0.30 -21.12
N GLY B 461 8.96 -0.28 -20.00
CA GLY B 461 9.56 0.00 -18.68
C GLY B 461 9.42 -1.15 -17.69
N ASP B 462 9.42 -2.38 -18.20
CA ASP B 462 9.28 -3.55 -17.38
C ASP B 462 10.60 -3.87 -16.71
N ASP B 463 10.49 -4.57 -15.58
CA ASP B 463 11.62 -5.04 -14.83
C ASP B 463 11.48 -6.54 -14.70
N TRP B 464 12.48 -7.29 -15.14
CA TRP B 464 12.46 -8.76 -15.04
C TRP B 464 13.41 -9.29 -13.97
N GLY B 465 13.96 -8.39 -13.16
CA GLY B 465 14.91 -8.78 -12.13
C GLY B 465 14.29 -9.58 -11.00
N TYR B 466 15.14 -10.10 -10.13
CA TYR B 466 14.74 -10.83 -8.93
C TYR B 466 16.02 -11.11 -8.14
N GLU B 467 15.94 -11.20 -6.82
CA GLU B 467 17.14 -11.12 -5.98
C GLU B 467 17.96 -12.39 -5.95
N LEU B 468 17.26 -13.52 -5.83
CA LEU B 468 17.85 -14.84 -5.66
C LEU B 468 18.00 -15.57 -6.99
N LEU B 469 19.23 -15.63 -7.47
CA LEU B 469 19.49 -16.12 -8.80
C LEU B 469 20.04 -17.51 -8.72
N LEU B 470 21.18 -17.62 -8.05
CA LEU B 470 21.99 -18.83 -8.00
C LEU B 470 22.80 -18.83 -6.71
N GLY B 471 23.16 -20.04 -6.25
CA GLY B 471 24.06 -20.22 -5.12
C GLY B 471 23.66 -19.51 -3.83
N ASN B 472 24.66 -18.91 -3.19
CA ASN B 472 24.46 -18.14 -1.95
C ASN B 472 24.40 -16.64 -2.26
N ASP B 473 23.23 -16.00 -2.08
CA ASP B 473 23.03 -14.63 -2.55
C ASP B 473 23.63 -13.60 -1.61
N VAL B 474 24.63 -12.87 -2.10
CA VAL B 474 25.26 -11.80 -1.31
C VAL B 474 24.29 -10.63 -1.15
N ASP B 475 24.27 -10.06 0.07
CA ASP B 475 23.40 -8.93 0.41
C ASP B 475 24.14 -7.61 0.16
N ASN B 476 23.87 -7.02 -0.99
CA ASN B 476 24.51 -5.77 -1.43
C ASN B 476 23.75 -4.50 -1.01
N SER B 477 22.77 -4.67 -0.12
CA SER B 477 22.12 -3.57 0.58
C SER B 477 22.77 -3.33 1.93
N ASN B 478 23.65 -4.21 2.36
CA ASN B 478 24.40 -4.03 3.58
C ASN B 478 25.59 -3.12 3.28
N PRO B 479 25.69 -1.96 3.98
CA PRO B 479 26.82 -1.05 3.71
C PRO B 479 28.21 -1.61 3.96
N ILE B 480 28.38 -2.57 4.87
CA ILE B 480 29.72 -3.15 5.07
C ILE B 480 30.07 -3.94 3.81
N VAL B 481 29.08 -4.65 3.26
CA VAL B 481 29.24 -5.40 2.01
C VAL B 481 29.58 -4.47 0.85
N GLN B 482 28.76 -3.43 0.68
CA GLN B 482 28.98 -2.44 -0.38
C GLN B 482 30.41 -1.91 -0.41
N ALA B 483 30.99 -1.69 0.77
CA ALA B 483 32.41 -1.31 0.92
C ALA B 483 33.35 -2.42 0.47
N GLU B 484 33.05 -3.65 0.89
CA GLU B 484 33.79 -4.81 0.40
C GLU B 484 33.72 -5.01 -1.13
N GLN B 485 32.61 -4.58 -1.74
CA GLN B 485 32.51 -4.61 -3.21
C GLN B 485 33.45 -3.57 -3.85
N LEU B 486 33.49 -2.38 -3.27
CA LEU B 486 34.46 -1.37 -3.68
C LEU B 486 35.90 -1.90 -3.57
N ASN B 487 36.20 -2.53 -2.45
CA ASN B 487 37.54 -3.04 -2.17
C ASN B 487 38.01 -3.93 -3.27
N TRP B 488 37.11 -4.83 -3.64
CA TRP B 488 37.36 -5.84 -4.68
C TRP B 488 37.67 -5.19 -6.04
N ILE B 489 36.88 -4.17 -6.38
CA ILE B 489 37.08 -3.41 -7.61
C ILE B 489 38.45 -2.75 -7.62
N HIS B 490 38.86 -2.19 -6.49
CA HIS B 490 40.18 -1.57 -6.36
C HIS B 490 41.29 -2.60 -6.57
N TYR B 491 41.09 -3.77 -5.99
CA TYR B 491 42.04 -4.86 -6.07
C TYR B 491 42.24 -5.29 -7.50
N LEU B 492 41.14 -5.49 -8.21
CA LEU B 492 41.20 -5.92 -9.61
C LEU B 492 41.91 -4.88 -10.45
N MET B 493 41.48 -3.62 -10.31
CA MET B 493 42.07 -2.51 -11.07
C MET B 493 43.54 -2.26 -10.74
N ASN B 494 44.04 -2.86 -9.65
CA ASN B 494 45.46 -2.83 -9.30
C ASN B 494 46.05 -4.23 -9.06
N PHE B 495 45.51 -5.20 -9.77
CA PHE B 495 45.87 -6.60 -9.57
C PHE B 495 47.36 -6.86 -9.74
N GLY B 496 47.95 -6.23 -10.74
CA GLY B 496 49.37 -6.43 -11.05
C GLY B 496 50.33 -5.91 -10.01
N THR B 497 50.15 -4.64 -9.65
CA THR B 497 50.96 -4.01 -8.61
C THR B 497 50.81 -4.75 -7.27
N ILE B 498 49.57 -5.15 -6.96
CA ILE B 498 49.28 -5.85 -5.70
C ILE B 498 49.96 -7.22 -5.59
N THR B 499 49.87 -8.00 -6.65
CA THR B 499 50.31 -9.41 -6.58
C THR B 499 51.77 -9.63 -6.96
N ALA B 500 52.39 -8.67 -7.63
CA ALA B 500 53.78 -8.82 -8.07
C ALA B 500 54.59 -7.55 -7.79
N PRO B 501 54.73 -7.18 -6.51
CA PRO B 501 55.41 -5.92 -6.16
C PRO B 501 56.88 -5.84 -6.62
N GLN B 502 57.63 -6.92 -6.40
CA GLN B 502 59.02 -7.03 -6.86
C GLN B 502 59.19 -6.79 -8.38
N ASP B 503 58.24 -7.26 -9.19
CA ASP B 503 58.30 -7.10 -10.64
C ASP B 503 58.20 -5.61 -10.99
N PRO B 504 59.22 -5.06 -11.69
CA PRO B 504 59.20 -3.63 -12.03
C PRO B 504 58.10 -3.22 -13.02
N ASP B 505 57.59 -4.19 -13.78
CA ASP B 505 56.46 -3.97 -14.70
C ASP B 505 55.08 -4.33 -14.10
N ALA B 506 55.00 -4.44 -12.77
CA ALA B 506 53.75 -4.80 -12.11
C ALA B 506 52.59 -3.88 -12.54
N HIS B 507 52.90 -2.60 -12.73
CA HIS B 507 51.91 -1.57 -13.07
C HIS B 507 51.27 -1.75 -14.45
N LEU B 508 51.92 -2.49 -15.34
CA LEU B 508 51.35 -2.78 -16.65
C LEU B 508 50.38 -4.01 -16.68
N ALA B 509 50.24 -4.72 -15.56
CA ALA B 509 49.37 -5.92 -15.47
C ALA B 509 48.07 -5.66 -14.68
N ASN B 510 47.59 -4.42 -14.71
CA ASN B 510 46.39 -4.06 -14.03
C ASN B 510 45.20 -4.04 -14.98
N PHE B 511 44.06 -4.48 -14.50
CA PHE B 511 42.80 -4.37 -15.26
C PHE B 511 42.47 -2.91 -15.47
N ASP B 512 41.52 -2.65 -16.37
CA ASP B 512 41.17 -1.27 -16.74
C ASP B 512 39.71 -0.93 -16.54
N SER B 513 38.84 -1.79 -17.02
CA SER B 513 37.42 -1.54 -16.96
C SER B 513 36.77 -2.71 -16.23
N ILE B 514 35.45 -2.63 -16.04
CA ILE B 514 34.66 -3.75 -15.47
C ILE B 514 33.35 -4.02 -16.24
N ARG B 515 32.89 -5.28 -16.17
CA ARG B 515 31.56 -5.67 -16.64
C ARG B 515 30.74 -5.97 -15.41
N ILE B 516 29.65 -5.26 -15.23
CA ILE B 516 28.79 -5.54 -14.10
C ILE B 516 27.87 -6.68 -14.51
N ASP B 517 27.85 -7.71 -13.67
CA ASP B 517 27.21 -8.98 -13.98
C ASP B 517 25.95 -9.14 -13.17
N ALA B 518 24.87 -9.56 -13.83
CA ALA B 518 23.59 -9.85 -13.17
C ALA B 518 23.04 -8.59 -12.49
N VAL B 519 23.01 -7.51 -13.25
CA VAL B 519 22.57 -6.21 -12.74
C VAL B 519 21.14 -6.27 -12.20
N ASP B 520 20.29 -7.09 -12.83
CA ASP B 520 18.90 -7.24 -12.40
C ASP B 520 18.72 -8.19 -11.19
N ASN B 521 19.81 -8.65 -10.60
CA ASN B 521 19.73 -9.55 -9.45
C ASN B 521 20.53 -9.09 -8.26
N VAL B 522 20.97 -7.83 -8.28
CA VAL B 522 21.70 -7.20 -7.17
C VAL B 522 21.22 -5.78 -6.92
N ASP B 523 21.60 -5.24 -5.77
CA ASP B 523 21.21 -3.88 -5.38
C ASP B 523 21.88 -2.87 -6.30
N ALA B 524 21.04 -2.04 -6.93
CA ALA B 524 21.52 -1.10 -7.95
C ALA B 524 22.48 -0.07 -7.38
N ASP B 525 22.48 0.11 -6.07
CA ASP B 525 23.44 1.01 -5.42
C ASP B 525 24.85 0.78 -5.94
N LEU B 526 25.18 -0.47 -6.27
CA LEU B 526 26.50 -0.84 -6.77
C LEU B 526 26.92 -0.12 -8.08
N LEU B 527 25.96 0.21 -8.92
CA LEU B 527 26.27 0.93 -10.16
C LEU B 527 26.89 2.30 -9.83
N GLN B 528 26.32 2.95 -8.82
CA GLN B 528 26.80 4.26 -8.40
C GLN B 528 28.14 4.12 -7.67
N ILE B 529 28.23 3.15 -6.75
CA ILE B 529 29.49 2.90 -6.03
C ILE B 529 30.63 2.84 -7.04
N ALA B 530 30.45 2.07 -8.10
CA ALA B 530 31.47 1.90 -9.12
C ALA B 530 31.73 3.19 -9.92
N GLY B 531 30.66 3.82 -10.39
CA GLY B 531 30.80 5.07 -11.16
C GLY B 531 31.67 6.06 -10.41
N ASP B 532 31.36 6.23 -9.12
CA ASP B 532 32.13 7.08 -8.18
C ASP B 532 33.60 6.72 -8.17
N TYR B 533 33.89 5.41 -8.12
CA TYR B 533 35.27 4.92 -8.08
C TYR B 533 36.09 5.42 -9.26
N PHE B 534 35.57 5.23 -10.47
CA PHE B 534 36.32 5.58 -11.68
C PHE B 534 36.41 7.08 -11.93
N LYS B 535 35.44 7.84 -11.43
CA LYS B 535 35.57 9.29 -11.40
C LYS B 535 36.69 9.67 -10.41
N ALA B 536 36.72 9.00 -9.26
CA ALA B 536 37.72 9.28 -8.24
C ALA B 536 39.14 8.89 -8.72
N ALA B 537 39.29 7.68 -9.26
CA ALA B 537 40.60 7.15 -9.64
C ALA B 537 41.13 7.68 -10.97
N TYR B 538 40.30 7.71 -12.01
CA TYR B 538 40.79 8.08 -13.37
C TYR B 538 40.13 9.33 -14.01
N GLN B 539 39.34 10.07 -13.22
CA GLN B 539 38.79 11.37 -13.65
C GLN B 539 38.03 11.21 -14.97
N VAL B 540 37.13 10.23 -14.98
CA VAL B 540 36.37 9.86 -16.17
C VAL B 540 35.25 10.84 -16.48
N GLY B 541 34.89 11.69 -15.53
CA GLY B 541 33.89 12.72 -15.75
C GLY B 541 34.43 13.92 -16.52
N GLU B 542 35.75 14.00 -16.63
CA GLU B 542 36.45 15.17 -17.19
C GLU B 542 36.12 15.44 -18.68
N ASN B 543 36.25 14.40 -19.49
CA ASN B 543 36.06 14.50 -20.94
C ASN B 543 35.92 13.13 -21.58
N ASP B 544 35.55 13.11 -22.86
CA ASP B 544 35.55 11.88 -23.66
C ASP B 544 36.86 11.10 -23.54
N LYS B 545 37.97 11.80 -23.62
CA LYS B 545 39.29 11.16 -23.62
C LYS B 545 39.50 10.27 -22.40
N ASN B 546 39.17 10.78 -21.23
CA ASN B 546 39.27 9.99 -19.99
C ASN B 546 38.16 8.94 -19.87
N ALA B 547 36.92 9.33 -20.16
CA ALA B 547 35.78 8.40 -20.11
C ALA B 547 36.03 7.16 -20.96
N ASN B 548 36.39 7.39 -22.22
CA ASN B 548 36.60 6.34 -23.21
C ASN B 548 37.83 5.46 -23.00
N GLN B 549 38.72 5.84 -22.09
CA GLN B 549 39.85 4.98 -21.69
C GLN B 549 39.48 3.92 -20.67
N HIS B 550 38.27 4.02 -20.12
CA HIS B 550 37.74 2.98 -19.25
C HIS B 550 36.27 2.73 -19.58
N ILE B 551 36.05 1.72 -20.42
CA ILE B 551 34.72 1.40 -20.94
C ILE B 551 34.12 0.20 -20.23
N HIS B 552 33.15 0.49 -19.35
CA HIS B 552 32.46 -0.49 -18.56
C HIS B 552 31.15 -0.89 -19.26
N ILE B 553 30.58 -2.02 -18.87
CA ILE B 553 29.34 -2.51 -19.49
C ILE B 553 28.43 -3.18 -18.47
N LEU B 554 27.14 -3.02 -18.68
CA LEU B 554 26.13 -3.59 -17.79
C LEU B 554 25.53 -4.80 -18.42
N GLU B 555 25.29 -5.83 -17.62
CA GLU B 555 24.44 -6.94 -18.05
C GLU B 555 23.00 -6.60 -17.64
N ASP B 556 22.42 -5.65 -18.34
CA ASP B 556 21.13 -5.07 -17.96
C ASP B 556 20.03 -5.54 -18.90
N TRP B 557 19.40 -6.64 -18.56
CA TRP B 557 18.47 -7.28 -19.48
C TRP B 557 17.09 -6.65 -19.52
N SER B 558 16.61 -6.09 -18.41
CA SER B 558 15.27 -5.49 -18.36
C SER B 558 15.21 -4.24 -19.26
N PRO B 559 14.10 -4.01 -20.00
CA PRO B 559 13.96 -2.84 -20.89
C PRO B 559 14.12 -1.52 -20.18
N ASN B 560 13.55 -1.43 -19.00
CA ASN B 560 13.61 -0.23 -18.20
C ASN B 560 15.04 0.20 -17.83
N ASP B 561 15.96 -0.77 -17.75
CA ASP B 561 17.30 -0.51 -17.26
C ASP B 561 18.06 0.49 -18.15
N VAL B 562 17.73 0.51 -19.44
CA VAL B 562 18.31 1.46 -20.40
C VAL B 562 18.11 2.91 -19.97
N TRP B 563 16.92 3.18 -19.44
CA TRP B 563 16.47 4.54 -19.14
C TRP B 563 16.78 4.88 -17.69
N TYR B 564 16.68 3.88 -16.81
CA TYR B 564 17.25 4.04 -15.48
C TYR B 564 18.71 4.46 -15.59
N ASN B 565 19.47 3.75 -16.43
CA ASN B 565 20.89 4.03 -16.57
C ASN B 565 21.10 5.47 -16.96
N GLN B 566 20.38 5.91 -17.99
CA GLN B 566 20.48 7.28 -18.49
C GLN B 566 20.07 8.36 -17.49
N GLN B 567 18.96 8.18 -16.80
CA GLN B 567 18.40 9.23 -15.91
C GLN B 567 18.98 9.23 -14.49
N VAL B 568 19.12 8.06 -13.89
CA VAL B 568 19.58 7.92 -12.52
C VAL B 568 21.11 7.76 -12.38
N ASN B 569 21.72 6.98 -13.28
CA ASN B 569 23.10 6.48 -13.11
C ASN B 569 24.19 7.13 -13.97
N GLY B 570 23.96 8.37 -14.37
CA GLY B 570 24.80 8.99 -15.40
C GLY B 570 24.67 8.08 -16.60
N ASN B 571 25.76 7.84 -17.28
CA ASN B 571 25.82 6.64 -18.09
C ASN B 571 27.12 6.01 -17.69
N SER B 572 27.31 5.91 -16.38
CA SER B 572 28.57 5.51 -15.78
C SER B 572 29.05 4.18 -16.32
N GLN B 573 28.10 3.31 -16.67
CA GLN B 573 28.37 2.07 -17.39
C GLN B 573 27.46 1.98 -18.62
N LEU B 574 27.95 1.32 -19.68
CA LEU B 574 27.21 1.25 -20.94
C LEU B 574 26.07 0.23 -20.92
N THR B 575 24.86 0.68 -21.25
CA THR B 575 23.72 -0.22 -21.39
C THR B 575 23.90 -1.09 -22.62
N MET B 576 23.25 -2.24 -22.63
CA MET B 576 23.18 -3.06 -23.81
C MET B 576 21.99 -2.59 -24.63
N ASP B 577 22.14 -2.60 -25.95
CA ASP B 577 20.99 -2.47 -26.82
C ASP B 577 20.44 -3.86 -27.11
N ALA B 578 19.33 -4.17 -26.44
CA ALA B 578 18.67 -5.46 -26.62
C ALA B 578 17.71 -5.43 -27.82
N THR B 579 17.28 -4.24 -28.23
CA THR B 579 16.36 -4.11 -29.36
C THR B 579 17.06 -4.46 -30.65
N MET B 580 18.36 -4.16 -30.70
CA MET B 580 19.21 -4.51 -31.84
C MET B 580 19.47 -6.01 -31.85
N GLN B 581 19.91 -6.55 -30.72
CA GLN B 581 20.13 -8.01 -30.63
C GLN B 581 18.89 -8.82 -31.06
N ASN B 582 17.73 -8.46 -30.55
CA ASN B 582 16.50 -9.21 -30.85
C ASN B 582 16.05 -9.08 -32.29
N GLN B 583 16.39 -7.96 -32.92
CA GLN B 583 16.01 -7.76 -34.30
C GLN B 583 16.92 -8.53 -35.25
N LEU B 584 18.22 -8.48 -34.97
CA LEU B 584 19.18 -9.25 -35.75
C LEU B 584 18.82 -10.73 -35.71
N LEU B 585 18.32 -11.23 -34.58
CA LEU B 585 17.95 -12.65 -34.43
C LEU B 585 16.67 -12.98 -35.18
N ALA B 586 15.64 -12.17 -34.93
CA ALA B 586 14.34 -12.39 -35.52
C ALA B 586 14.38 -12.28 -37.04
N SER B 587 15.02 -11.23 -37.54
CA SER B 587 15.06 -10.98 -39.00
C SER B 587 16.09 -11.81 -39.80
N LEU B 588 17.12 -12.36 -39.16
CA LEU B 588 18.18 -13.06 -39.90
C LEU B 588 18.45 -14.47 -39.41
N THR B 589 18.61 -14.64 -38.09
CA THR B 589 19.10 -15.93 -37.56
C THR B 589 18.07 -17.06 -37.54
N ARG B 590 16.78 -16.72 -37.47
CA ARG B 590 15.73 -17.72 -37.44
C ARG B 590 15.69 -18.51 -38.74
N PRO B 591 15.02 -19.67 -38.73
CA PRO B 591 14.69 -20.33 -39.99
C PRO B 591 13.63 -19.54 -40.74
N ILE B 592 13.33 -19.91 -41.97
CA ILE B 592 12.45 -19.07 -42.80
C ILE B 592 11.02 -19.02 -42.26
N THR B 593 10.59 -20.11 -41.63
CA THR B 593 9.26 -20.20 -41.02
C THR B 593 8.97 -19.07 -40.04
N SER B 594 9.94 -18.75 -39.20
CA SER B 594 9.75 -17.85 -38.07
C SER B 594 10.32 -16.44 -38.29
N ARG B 595 10.88 -16.20 -39.48
CA ARG B 595 11.73 -15.03 -39.70
C ARG B 595 10.95 -13.74 -39.99
N ASP B 596 11.39 -12.67 -39.32
CA ASP B 596 10.80 -11.33 -39.50
C ASP B 596 11.31 -10.68 -40.77
N SER B 597 10.55 -9.70 -41.25
CA SER B 597 10.89 -8.95 -42.45
C SER B 597 12.07 -8.02 -42.17
N MET B 598 12.87 -7.75 -43.19
CA MET B 598 13.96 -6.78 -43.05
C MET B 598 13.42 -5.38 -42.74
N LYS B 599 12.17 -5.10 -43.14
CA LYS B 599 11.50 -3.79 -42.85
C LYS B 599 11.53 -3.46 -41.36
N SER B 600 11.50 -4.49 -40.52
CA SER B 600 11.60 -4.31 -39.07
C SER B 600 12.84 -3.53 -38.59
N PHE B 601 13.88 -3.45 -39.41
CA PHE B 601 15.06 -2.66 -39.02
C PHE B 601 14.82 -1.14 -39.08
N THR B 602 13.72 -0.72 -39.71
CA THR B 602 13.31 0.69 -39.73
C THR B 602 12.21 1.00 -38.71
N LYS B 603 11.96 0.06 -37.81
CA LYS B 603 10.86 0.18 -36.85
C LYS B 603 11.14 1.29 -35.84
N ASP B 604 10.07 1.78 -35.22
CA ASP B 604 10.17 2.92 -34.33
C ASP B 604 10.65 2.53 -32.94
N ALA B 605 10.35 1.29 -32.53
CA ALA B 605 10.72 0.80 -31.18
C ALA B 605 12.24 0.63 -30.98
N LEU B 606 12.99 0.40 -32.05
CA LEU B 606 14.43 0.34 -31.94
C LEU B 606 14.97 1.53 -31.14
N LEU B 607 15.91 1.24 -30.25
CA LEU B 607 16.53 2.23 -29.37
C LEU B 607 17.18 3.41 -30.10
N VAL B 608 17.97 3.08 -31.13
CA VAL B 608 18.65 4.08 -31.93
C VAL B 608 18.11 3.99 -33.36
N HIS B 609 17.32 4.98 -33.75
CA HIS B 609 16.84 5.04 -35.14
C HIS B 609 17.99 5.34 -36.05
N ARG B 610 18.14 4.54 -37.08
CA ARG B 610 19.24 4.69 -38.01
C ARG B 610 18.75 4.94 -39.44
N THR B 611 17.45 5.24 -39.61
CA THR B 611 16.91 5.57 -40.93
C THR B 611 17.56 6.84 -41.47
N ALA B 612 17.84 7.78 -40.58
CA ALA B 612 18.56 9.01 -40.94
C ALA B 612 19.41 9.53 -39.77
N ASP B 613 20.33 8.70 -39.29
CA ASP B 613 21.24 9.04 -38.17
C ASP B 613 22.32 10.00 -38.66
N ASN B 614 22.10 11.29 -38.37
CA ASN B 614 22.87 12.39 -38.98
C ASN B 614 23.44 13.38 -37.97
N SER B 615 23.55 12.95 -36.71
CA SER B 615 24.05 13.81 -35.64
C SER B 615 25.03 13.04 -34.78
N TYR B 616 25.72 13.74 -33.89
CA TYR B 616 26.50 13.12 -32.82
C TYR B 616 25.96 13.59 -31.46
N ASN B 617 26.23 12.81 -30.42
CA ASN B 617 25.81 13.12 -29.04
C ASN B 617 24.30 13.21 -28.81
N GLN B 618 23.53 12.53 -29.65
CA GLN B 618 22.10 12.36 -29.41
C GLN B 618 21.78 10.96 -28.86
N ALA B 619 22.27 9.92 -29.54
CA ALA B 619 21.91 8.55 -29.21
C ALA B 619 22.31 8.22 -27.78
N VAL B 620 21.57 7.29 -27.14
CA VAL B 620 21.91 6.85 -25.79
C VAL B 620 23.11 5.92 -25.88
N PRO B 621 24.23 6.27 -25.22
CA PRO B 621 25.43 5.45 -25.38
C PRO B 621 25.17 3.97 -25.08
N ASN B 622 25.65 3.06 -25.94
CA ASN B 622 25.29 1.66 -25.79
C ASN B 622 26.28 0.71 -26.46
N TYR B 623 26.29 -0.55 -26.03
CA TYR B 623 27.00 -1.62 -26.73
C TYR B 623 26.00 -2.64 -27.24
N SER B 624 26.18 -3.05 -28.48
CA SER B 624 25.25 -3.98 -29.12
C SER B 624 26.00 -5.26 -29.49
N PHE B 625 25.28 -6.39 -29.43
CA PHE B 625 25.89 -7.70 -29.70
C PHE B 625 24.83 -8.70 -30.23
N ILE B 626 25.28 -9.87 -30.68
CA ILE B 626 24.39 -10.87 -31.30
C ILE B 626 24.29 -12.18 -30.48
N ARG B 627 25.45 -12.69 -30.07
CA ARG B 627 25.49 -13.81 -29.15
C ARG B 627 26.44 -13.47 -28.02
N ALA B 628 26.33 -14.22 -26.93
CA ALA B 628 27.31 -14.15 -25.85
C ALA B 628 27.52 -15.52 -25.19
N HIS B 629 28.46 -15.59 -24.27
CA HIS B 629 28.82 -16.87 -23.64
C HIS B 629 27.58 -17.64 -23.15
N ASP B 630 26.63 -16.90 -22.61
CA ASP B 630 25.33 -17.46 -22.20
C ASP B 630 24.29 -17.29 -23.32
N SER B 631 23.93 -16.05 -23.62
CA SER B 631 22.85 -15.75 -24.57
C SER B 631 23.07 -16.39 -25.93
N GLU B 632 22.09 -17.17 -26.36
CA GLU B 632 22.06 -17.79 -27.70
C GLU B 632 23.13 -18.83 -27.96
N VAL B 633 23.59 -19.47 -26.90
CA VAL B 633 24.56 -20.57 -27.01
C VAL B 633 24.13 -21.69 -26.07
N GLN B 634 24.30 -21.47 -24.77
CA GLN B 634 24.02 -22.52 -23.77
C GLN B 634 22.59 -23.10 -23.83
N THR B 635 21.66 -22.28 -24.33
CA THR B 635 20.25 -22.65 -24.51
C THR B 635 20.05 -23.50 -25.78
N ILE B 636 20.90 -23.29 -26.78
CA ILE B 636 20.89 -24.11 -28.01
C ILE B 636 21.46 -25.49 -27.72
N ILE B 637 22.46 -25.54 -26.83
CA ILE B 637 23.03 -26.83 -26.40
C ILE B 637 22.01 -27.60 -25.54
N ALA B 638 21.42 -26.90 -24.56
CA ALA B 638 20.47 -27.51 -23.62
C ALA B 638 19.23 -28.03 -24.35
N LYS B 639 18.83 -27.33 -25.40
CA LYS B 639 17.77 -27.83 -26.28
C LYS B 639 18.16 -29.18 -26.90
N ILE B 640 19.41 -29.30 -27.35
CA ILE B 640 19.87 -30.56 -27.98
C ILE B 640 19.90 -31.71 -26.94
N ILE B 641 20.50 -31.45 -25.80
CA ILE B 641 20.51 -32.42 -24.70
C ILE B 641 19.11 -32.93 -24.41
N SER B 642 18.16 -31.99 -24.35
CA SER B 642 16.75 -32.30 -24.06
C SER B 642 16.07 -33.09 -25.22
N ASP B 643 16.36 -32.74 -26.46
CA ASP B 643 15.77 -33.46 -27.60
C ASP B 643 16.39 -34.83 -27.84
N LYS B 644 17.41 -35.19 -27.07
CA LYS B 644 17.99 -36.54 -27.13
C LYS B 644 17.69 -37.37 -25.88
N HIS B 645 17.40 -36.69 -24.76
CA HIS B 645 17.15 -37.37 -23.48
C HIS B 645 16.02 -36.66 -22.70
N PRO B 646 14.83 -36.59 -23.34
CA PRO B 646 13.68 -35.85 -22.76
C PRO B 646 13.26 -36.43 -21.42
N ASP B 647 13.33 -37.75 -21.34
CA ASP B 647 13.05 -38.49 -20.12
C ASP B 647 13.97 -38.06 -18.96
N LEU B 648 15.28 -38.03 -19.22
CA LEU B 648 16.25 -37.59 -18.23
C LEU B 648 16.19 -36.05 -17.95
N TYR B 649 16.05 -35.27 -19.03
CA TYR B 649 15.86 -33.83 -18.95
C TYR B 649 14.77 -33.47 -19.94
N PRO B 650 13.62 -32.96 -19.45
CA PRO B 650 12.45 -32.61 -20.29
C PRO B 650 12.35 -31.14 -20.77
N THR B 651 13.07 -30.22 -20.13
CA THR B 651 13.09 -28.84 -20.61
C THR B 651 14.48 -28.25 -20.61
N VAL B 652 14.57 -27.12 -21.30
CA VAL B 652 15.82 -26.46 -21.56
C VAL B 652 16.33 -25.92 -20.22
N ASP B 653 15.41 -25.36 -19.43
CA ASP B 653 15.75 -24.83 -18.09
C ASP B 653 16.35 -25.94 -17.14
N LYS B 654 15.71 -27.11 -17.15
CA LYS B 654 16.22 -28.33 -16.51
C LYS B 654 17.55 -28.85 -17.07
N ALA B 655 17.69 -28.74 -18.40
CA ALA B 655 18.84 -29.28 -19.13
C ALA B 655 20.15 -28.62 -18.67
N LEU B 656 20.07 -27.34 -18.32
CA LEU B 656 21.24 -26.60 -17.84
C LEU B 656 21.88 -27.27 -16.62
N LEU B 657 21.06 -27.95 -15.82
CA LEU B 657 21.55 -28.69 -14.64
C LEU B 657 22.24 -30.03 -15.03
N ALA B 658 22.18 -30.39 -16.32
CA ALA B 658 22.95 -31.53 -16.80
C ALA B 658 24.41 -31.36 -16.40
N LYS B 659 25.01 -32.41 -15.84
CA LYS B 659 26.42 -32.35 -15.40
C LYS B 659 27.34 -33.37 -16.09
N ASP B 660 26.77 -34.36 -16.77
CA ASP B 660 27.57 -35.44 -17.37
C ASP B 660 28.26 -34.99 -18.66
N SER B 661 29.59 -34.97 -18.63
CA SER B 661 30.42 -34.60 -19.79
C SER B 661 30.01 -35.34 -21.09
N ALA B 662 29.58 -36.60 -20.94
CA ALA B 662 29.09 -37.41 -22.09
C ALA B 662 27.94 -36.72 -22.82
N LEU B 663 27.04 -36.15 -22.04
CA LEU B 663 25.87 -35.48 -22.61
C LEU B 663 26.21 -34.26 -23.46
N TYR B 664 27.22 -33.49 -23.02
CA TYR B 664 27.66 -32.31 -23.77
C TYR B 664 28.43 -32.73 -25.04
N ASP B 665 29.39 -33.64 -24.90
CA ASP B 665 30.17 -34.11 -26.05
C ASP B 665 29.24 -34.59 -27.17
N GLU B 666 28.22 -35.32 -26.74
CA GLU B 666 27.23 -35.83 -27.65
C GLU B 666 26.52 -34.68 -28.34
N ALA B 667 25.98 -33.78 -27.53
CA ALA B 667 25.23 -32.65 -28.04
C ALA B 667 26.05 -31.81 -28.99
N PHE B 668 27.33 -31.65 -28.67
CA PHE B 668 28.21 -30.81 -29.44
C PHE B 668 28.55 -31.39 -30.81
N THR B 669 28.74 -32.69 -30.91
CA THR B 669 28.95 -33.26 -32.23
C THR B 669 27.77 -32.93 -33.14
N GLU B 670 26.56 -32.92 -32.58
CA GLU B 670 25.36 -32.52 -33.33
C GLU B 670 25.43 -31.05 -33.72
N TYR B 671 25.62 -30.21 -32.70
CA TYR B 671 25.71 -28.75 -32.87
C TYR B 671 26.73 -28.39 -33.94
N ASN B 672 27.94 -28.93 -33.84
CA ASN B 672 29.00 -28.63 -34.81
C ASN B 672 28.62 -29.09 -36.18
N ALA B 673 27.99 -30.26 -36.26
CA ALA B 673 27.52 -30.77 -37.54
C ALA B 673 26.47 -29.86 -38.16
N ASP B 674 25.55 -29.39 -37.32
CA ASP B 674 24.46 -28.55 -37.79
C ASP B 674 24.99 -27.22 -38.33
N MET B 675 25.99 -26.67 -37.67
CA MET B 675 26.61 -25.40 -38.10
C MET B 675 27.26 -25.50 -39.50
N GLN B 676 27.72 -26.69 -39.88
CA GLN B 676 28.30 -26.94 -41.20
C GLN B 676 27.25 -27.08 -42.28
N LYS B 677 26.01 -27.36 -41.89
CA LYS B 677 24.94 -27.58 -42.86
C LYS B 677 24.48 -26.32 -43.56
N ILE B 678 23.80 -26.53 -44.67
CA ILE B 678 23.23 -25.45 -45.46
C ILE B 678 22.08 -24.77 -44.65
N SER B 679 21.80 -23.50 -44.94
CA SER B 679 20.80 -22.72 -44.17
C SER B 679 19.43 -23.39 -44.07
N SER B 680 18.98 -23.97 -45.18
CA SER B 680 17.69 -24.66 -45.24
C SER B 680 17.67 -25.93 -44.42
N GLN B 681 18.83 -26.49 -44.13
CA GLN B 681 18.91 -27.67 -43.26
C GLN B 681 19.56 -27.41 -41.90
N LYS B 682 19.50 -26.16 -41.43
CA LYS B 682 19.98 -25.80 -40.10
C LYS B 682 18.86 -25.99 -39.08
N GLN B 683 18.91 -27.12 -38.40
CA GLN B 683 17.84 -27.53 -37.50
C GLN B 683 17.97 -26.89 -36.11
N TYR B 684 19.16 -26.42 -35.77
CA TYR B 684 19.44 -25.94 -34.41
C TYR B 684 20.11 -24.57 -34.32
N THR B 685 20.90 -24.23 -35.32
CA THR B 685 21.86 -23.12 -35.21
C THR B 685 21.49 -21.94 -36.09
N HIS B 686 22.17 -20.82 -35.90
CA HIS B 686 21.75 -19.53 -36.48
C HIS B 686 22.09 -19.39 -37.98
N ASN B 687 21.10 -18.93 -38.74
CA ASN B 687 21.30 -18.62 -40.15
C ASN B 687 21.90 -17.22 -40.27
N ASN B 688 22.45 -16.93 -41.45
CA ASN B 688 22.82 -15.56 -41.80
C ASN B 688 23.77 -14.87 -40.82
N MET B 689 24.67 -15.62 -40.19
CA MET B 689 25.51 -15.02 -39.15
C MET B 689 26.40 -13.88 -39.65
N PRO B 690 27.02 -14.02 -40.83
CA PRO B 690 27.77 -12.92 -41.42
C PRO B 690 26.91 -11.74 -41.89
N SER B 691 25.70 -12.01 -42.38
CA SER B 691 24.76 -10.92 -42.69
C SER B 691 24.49 -10.04 -41.45
N ALA B 692 24.16 -10.67 -40.33
CA ALA B 692 23.97 -9.96 -39.05
C ALA B 692 25.20 -9.17 -38.61
N TYR B 693 26.35 -9.84 -38.49
CA TYR B 693 27.61 -9.17 -38.13
C TYR B 693 27.94 -7.99 -39.06
N ALA B 694 27.52 -8.06 -40.33
CA ALA B 694 27.74 -6.96 -41.28
C ALA B 694 26.94 -5.71 -40.88
N ILE B 695 25.68 -5.90 -40.52
CA ILE B 695 24.86 -4.81 -40.01
C ILE B 695 25.46 -4.25 -38.71
N LEU B 696 25.80 -5.14 -37.78
CA LEU B 696 26.30 -4.76 -36.45
C LEU B 696 27.60 -3.97 -36.45
N LEU B 697 28.53 -4.37 -37.31
CA LEU B 697 29.86 -3.72 -37.39
C LEU B 697 29.87 -2.44 -38.23
N THR B 698 28.83 -2.20 -39.02
CA THR B 698 28.72 -0.98 -39.81
C THR B 698 27.79 0.04 -39.21
N ASN B 699 27.10 -0.36 -38.15
CA ASN B 699 26.11 0.51 -37.55
C ASN B 699 26.75 1.69 -36.85
N LYS B 700 26.07 2.82 -36.93
CA LYS B 700 26.46 4.03 -36.22
C LYS B 700 25.88 4.05 -34.79
N ASP B 701 26.54 4.79 -33.91
CA ASP B 701 26.07 5.02 -32.54
C ASP B 701 25.88 3.71 -31.79
N THR B 702 26.96 2.93 -31.73
CA THR B 702 27.03 1.76 -30.86
C THR B 702 28.47 1.28 -30.73
N VAL B 703 28.76 0.61 -29.62
CA VAL B 703 30.04 -0.04 -29.41
C VAL B 703 29.82 -1.53 -29.62
N PRO B 704 30.28 -2.08 -30.75
CA PRO B 704 29.94 -3.47 -31.01
C PRO B 704 30.73 -4.42 -30.12
N ARG B 705 30.11 -5.55 -29.77
CA ARG B 705 30.82 -6.64 -29.12
C ARG B 705 30.75 -7.97 -29.88
N VAL B 706 31.95 -8.45 -30.22
CA VAL B 706 32.11 -9.67 -30.96
C VAL B 706 32.23 -10.84 -29.99
N TYR B 707 31.53 -11.93 -30.29
CA TYR B 707 31.60 -13.15 -29.48
C TYR B 707 32.65 -14.11 -30.04
N TYR B 708 33.57 -14.53 -29.18
CA TYR B 708 34.61 -15.50 -29.51
C TYR B 708 34.03 -16.64 -30.31
N GLY B 709 32.90 -17.17 -29.83
CA GLY B 709 32.26 -18.33 -30.45
C GLY B 709 31.63 -18.13 -31.82
N ASP B 710 31.77 -16.96 -32.40
CA ASP B 710 31.33 -16.75 -33.76
C ASP B 710 32.49 -16.78 -34.73
N LEU B 711 33.70 -16.53 -34.23
CA LEU B 711 34.95 -16.71 -35.00
C LEU B 711 35.46 -18.11 -34.84
N PHE B 712 35.47 -18.58 -33.60
CA PHE B 712 35.91 -19.92 -33.29
C PHE B 712 34.76 -20.81 -32.80
N THR B 713 35.01 -22.11 -32.73
CA THR B 713 34.02 -23.08 -32.30
C THR B 713 33.83 -22.98 -30.79
N ASP B 714 32.57 -23.07 -30.33
CA ASP B 714 32.23 -22.79 -28.94
C ASP B 714 32.86 -23.80 -27.98
N ASN B 715 33.19 -24.97 -28.53
CA ASN B 715 33.85 -26.03 -27.77
C ASN B 715 35.29 -26.24 -28.20
N GLY B 716 35.95 -27.20 -27.58
CA GLY B 716 37.29 -27.56 -27.97
C GLY B 716 38.31 -26.51 -27.55
N GLU B 717 39.54 -26.71 -27.99
CA GLU B 717 40.67 -25.87 -27.63
C GLU B 717 40.46 -24.41 -27.96
N TYR B 718 41.06 -23.55 -27.15
CA TYR B 718 40.87 -22.11 -27.28
C TYR B 718 41.56 -21.64 -28.57
N MET B 719 40.76 -21.07 -29.47
CA MET B 719 41.24 -20.57 -30.76
C MET B 719 41.76 -21.64 -31.72
N ALA B 720 41.46 -22.91 -31.45
CA ALA B 720 41.98 -24.00 -32.28
C ALA B 720 41.19 -24.30 -33.55
N ASN B 721 39.91 -23.97 -33.59
CA ASN B 721 39.08 -24.29 -34.76
C ASN B 721 38.14 -23.15 -35.11
N LYS B 722 38.11 -22.79 -36.38
CA LYS B 722 37.32 -21.66 -36.82
C LYS B 722 35.91 -22.06 -37.22
N THR B 723 34.98 -21.13 -37.11
CA THR B 723 33.64 -21.38 -37.56
C THR B 723 33.63 -21.14 -39.05
N PRO B 724 32.54 -21.53 -39.72
CA PRO B 724 32.31 -21.21 -41.12
C PRO B 724 32.31 -19.73 -41.43
N TYR B 725 32.23 -18.89 -40.40
CA TYR B 725 32.04 -17.46 -40.60
C TYR B 725 33.29 -16.62 -40.36
N TYR B 726 34.37 -17.24 -39.90
CA TYR B 726 35.61 -16.53 -39.55
C TYR B 726 36.09 -15.60 -40.65
N ASP B 727 36.06 -16.05 -41.90
CA ASP B 727 36.54 -15.21 -43.01
C ASP B 727 35.73 -13.94 -43.11
N ALA B 728 34.44 -14.11 -43.27
CA ALA B 728 33.52 -12.98 -43.38
C ALA B 728 33.69 -11.97 -42.24
N ILE B 729 33.70 -12.45 -41.00
CA ILE B 729 33.70 -11.56 -39.86
C ILE B 729 35.02 -10.83 -39.66
N THR B 730 36.15 -11.52 -39.78
CA THR B 730 37.46 -10.86 -39.63
C THR B 730 37.75 -9.90 -40.76
N SER B 731 37.11 -10.10 -41.92
CA SER B 731 37.17 -9.11 -43.01
C SER B 731 36.48 -7.83 -42.58
N LEU B 732 35.20 -7.94 -42.21
CA LEU B 732 34.44 -6.80 -41.70
C LEU B 732 35.22 -6.03 -40.64
N LEU B 733 35.81 -6.75 -39.69
CA LEU B 733 36.49 -6.15 -38.53
C LEU B 733 37.68 -5.24 -38.87
N THR B 734 38.51 -5.66 -39.82
CA THR B 734 39.59 -4.80 -40.30
C THR B 734 39.01 -3.71 -41.20
N ALA B 735 37.99 -4.07 -41.98
CA ALA B 735 37.33 -3.13 -42.89
C ALA B 735 36.74 -1.97 -42.09
N ARG B 736 36.15 -2.29 -40.94
CA ARG B 736 35.58 -1.27 -40.06
C ARG B 736 36.62 -0.20 -39.71
N THR B 737 37.80 -0.68 -39.34
CA THR B 737 38.97 0.14 -39.08
C THR B 737 39.30 1.13 -40.20
N LYS B 738 39.09 0.73 -41.44
CA LYS B 738 39.51 1.56 -42.56
C LYS B 738 38.41 2.44 -43.16
N PHE B 739 37.16 1.98 -43.16
CA PHE B 739 36.11 2.70 -43.88
C PHE B 739 34.96 3.21 -43.04
N VAL B 740 34.60 2.51 -41.98
CA VAL B 740 33.34 2.81 -41.31
C VAL B 740 33.40 4.12 -40.49
N SER B 741 32.74 5.16 -40.98
CA SER B 741 32.71 6.46 -40.32
C SER B 741 31.64 7.36 -40.93
N GLY B 742 31.31 8.47 -40.25
CA GLY B 742 30.33 9.44 -40.77
C GLY B 742 28.91 9.06 -40.41
N GLY B 743 27.95 9.74 -41.04
CA GLY B 743 26.53 9.52 -40.77
C GLY B 743 26.03 8.21 -41.35
N GLN B 744 24.79 7.85 -41.02
CA GLN B 744 24.19 6.59 -41.48
C GLN B 744 22.77 6.81 -42.00
N SER B 745 22.33 5.87 -42.84
CA SER B 745 20.92 5.73 -43.24
C SER B 745 20.56 4.29 -43.66
N LEU B 746 19.47 3.76 -43.07
CA LEU B 746 18.88 2.46 -43.43
C LEU B 746 17.66 2.61 -44.32
N SER B 747 17.46 1.63 -45.19
CA SER B 747 16.29 1.58 -46.09
C SER B 747 15.89 0.14 -46.33
N VAL B 748 14.71 -0.02 -46.93
CA VAL B 748 14.17 -1.32 -47.33
C VAL B 748 13.20 -1.14 -48.51
N ASP B 749 13.61 -1.57 -49.69
CA ASP B 749 12.79 -1.44 -50.90
C ASP B 749 11.57 -2.39 -50.88
N LYS B 750 10.67 -2.18 -51.85
CA LYS B 750 9.48 -3.03 -52.03
C LYS B 750 9.81 -4.53 -51.99
N ASN B 751 10.99 -4.91 -52.45
CA ASN B 751 11.46 -6.30 -52.36
C ASN B 751 12.02 -6.76 -50.98
N ASP B 752 12.09 -5.82 -50.02
CA ASP B 752 12.50 -6.12 -48.65
C ASP B 752 14.02 -6.37 -48.60
N VAL B 753 14.75 -5.52 -49.32
CA VAL B 753 16.21 -5.58 -49.32
C VAL B 753 16.74 -4.39 -48.55
N LEU B 754 17.48 -4.69 -47.49
CA LEU B 754 18.03 -3.67 -46.63
C LEU B 754 19.29 -3.14 -47.26
N THR B 755 19.38 -1.82 -47.30
CA THR B 755 20.60 -1.13 -47.74
C THR B 755 20.99 -0.13 -46.66
N SER B 756 22.11 -0.42 -45.96
CA SER B 756 22.69 0.46 -44.93
C SER B 756 23.88 1.19 -45.51
N VAL B 757 23.92 2.51 -45.35
CA VAL B 757 25.02 3.32 -45.88
C VAL B 757 25.70 4.09 -44.76
N ARG B 758 27.03 4.14 -44.82
CA ARG B 758 27.82 5.09 -44.05
C ARG B 758 28.47 6.06 -45.03
N TYR B 759 28.37 7.36 -44.73
CA TYR B 759 28.78 8.40 -45.67
C TYR B 759 30.26 8.73 -45.59
N GLY B 760 30.94 8.15 -44.62
CA GLY B 760 32.34 8.42 -44.40
C GLY B 760 32.54 9.64 -43.50
N LYS B 761 33.76 9.78 -42.99
CA LYS B 761 34.06 10.86 -42.07
C LYS B 761 33.81 12.23 -42.69
N GLY B 762 33.21 13.11 -41.90
CA GLY B 762 32.96 14.49 -42.30
C GLY B 762 31.65 14.69 -43.02
N ALA B 763 30.96 13.61 -43.37
CA ALA B 763 29.69 13.66 -44.07
C ALA B 763 28.64 12.96 -43.24
N LEU B 764 27.54 13.67 -42.94
CA LEU B 764 26.47 13.11 -42.08
C LEU B 764 25.14 12.80 -42.78
N SER B 765 25.00 13.18 -44.04
CA SER B 765 23.82 12.86 -44.84
C SER B 765 24.24 12.53 -46.28
N ALA B 766 23.27 12.13 -47.10
CA ALA B 766 23.48 11.96 -48.54
C ALA B 766 23.72 13.31 -49.29
N THR B 767 23.18 14.38 -48.71
CA THR B 767 23.27 15.72 -49.30
C THR B 767 24.50 16.49 -48.82
N ASP B 768 25.28 15.89 -47.94
CA ASP B 768 26.45 16.53 -47.37
C ASP B 768 27.67 16.34 -48.28
N ASN B 769 28.38 17.42 -48.56
CA ASN B 769 29.58 17.41 -49.42
C ASN B 769 30.88 17.02 -48.69
N GLY B 770 30.81 16.98 -47.36
CA GLY B 770 31.88 16.39 -46.56
C GLY B 770 33.17 17.20 -46.38
N SER B 771 34.20 16.50 -45.91
CA SER B 771 35.51 17.07 -45.64
C SER B 771 36.53 16.44 -46.58
N SER B 772 37.81 16.76 -46.40
CA SER B 772 38.88 16.06 -47.14
C SER B 772 38.90 14.55 -46.86
N ASP B 773 38.48 14.16 -45.66
CA ASP B 773 38.47 12.74 -45.24
C ASP B 773 37.37 11.87 -45.85
N THR B 774 36.32 12.49 -46.39
CA THR B 774 35.13 11.76 -46.83
C THR B 774 35.35 10.84 -48.02
N ARG B 775 36.08 11.33 -49.01
CA ARG B 775 36.09 10.66 -50.32
C ARG B 775 36.33 9.15 -50.24
N ASN B 776 37.44 8.75 -49.62
CA ASN B 776 37.86 7.34 -49.56
C ASN B 776 37.38 6.55 -48.34
N GLN B 777 36.44 7.11 -47.60
CA GLN B 777 35.81 6.42 -46.48
C GLN B 777 34.33 6.21 -46.76
N GLY B 778 33.65 5.52 -45.85
CA GLY B 778 32.21 5.33 -45.93
C GLY B 778 31.79 4.06 -46.64
N ILE B 779 31.41 3.06 -45.85
CA ILE B 779 30.97 1.74 -46.33
C ILE B 779 29.50 1.74 -46.85
N GLY B 780 29.12 0.65 -47.51
CA GLY B 780 27.73 0.40 -47.92
C GLY B 780 27.38 -1.08 -47.88
N VAL B 781 26.22 -1.41 -47.32
CA VAL B 781 25.82 -2.81 -47.05
C VAL B 781 24.47 -3.16 -47.67
N ILE B 782 24.36 -4.35 -48.22
CA ILE B 782 23.10 -4.87 -48.80
C ILE B 782 22.75 -6.20 -48.15
N VAL B 783 21.52 -6.34 -47.65
CA VAL B 783 21.10 -7.59 -47.00
C VAL B 783 19.67 -8.00 -47.39
N SER B 784 19.51 -9.26 -47.79
CA SER B 784 18.21 -9.89 -47.91
C SER B 784 18.19 -11.18 -47.09
N ASN B 785 17.00 -11.53 -46.65
CA ASN B 785 16.77 -12.75 -45.87
C ASN B 785 15.74 -13.68 -46.54
N ASN B 786 15.56 -13.51 -47.85
CA ASN B 786 14.67 -14.35 -48.65
C ASN B 786 15.50 -15.21 -49.60
N PRO B 787 15.56 -16.53 -49.36
CA PRO B 787 16.38 -17.42 -50.18
C PRO B 787 15.93 -17.56 -51.63
N ASN B 788 14.70 -17.13 -51.95
CA ASN B 788 14.18 -17.13 -53.33
C ASN B 788 13.96 -15.73 -53.88
N LEU B 789 14.79 -14.80 -53.48
CA LEU B 789 14.75 -13.44 -54.01
C LEU B 789 14.90 -13.53 -55.51
N ASP B 790 13.87 -13.09 -56.22
CA ASP B 790 13.94 -12.90 -57.68
C ASP B 790 13.54 -11.45 -58.03
N LEU B 791 14.55 -10.65 -58.34
CA LEU B 791 14.31 -9.23 -58.60
C LEU B 791 13.53 -8.99 -59.88
N ASN B 792 13.54 -9.98 -60.78
CA ASN B 792 12.94 -9.86 -62.11
C ASN B 792 13.53 -8.63 -62.83
N ASN B 793 12.73 -7.59 -63.10
CA ASN B 793 13.27 -6.40 -63.75
C ASN B 793 13.70 -5.35 -62.73
N ASP B 794 13.30 -5.52 -61.48
CA ASP B 794 13.58 -4.54 -60.41
C ASP B 794 15.08 -4.31 -60.17
N LYS B 795 15.38 -3.24 -59.44
CA LYS B 795 16.74 -2.83 -59.17
C LYS B 795 16.93 -2.53 -57.68
N VAL B 796 18.08 -2.93 -57.15
CA VAL B 796 18.48 -2.51 -55.81
C VAL B 796 19.42 -1.31 -55.91
N THR B 797 19.29 -0.36 -55.00
CA THR B 797 20.06 0.87 -55.02
C THR B 797 20.78 1.19 -53.72
N LEU B 798 22.10 1.33 -53.81
CA LEU B 798 22.90 1.86 -52.70
C LEU B 798 23.15 3.32 -52.97
N SER B 799 22.42 4.19 -52.28
CA SER B 799 22.62 5.63 -52.42
C SER B 799 23.70 6.10 -51.45
N MET B 800 24.95 6.04 -51.90
CA MET B 800 26.07 6.62 -51.16
C MET B 800 25.83 8.12 -51.24
N GLY B 801 26.69 8.90 -50.61
CA GLY B 801 26.50 10.36 -50.61
C GLY B 801 26.74 11.05 -51.95
N ILE B 802 26.29 12.29 -52.05
CA ILE B 802 26.72 13.13 -53.16
C ILE B 802 28.19 13.47 -52.96
N SER B 803 28.70 13.23 -51.77
CA SER B 803 30.14 13.20 -51.54
C SER B 803 30.86 12.04 -52.23
N HIS B 804 30.10 11.11 -52.79
CA HIS B 804 30.66 9.94 -53.47
C HIS B 804 30.14 9.76 -54.91
N ALA B 805 29.97 10.85 -55.64
CA ALA B 805 29.52 10.76 -57.02
C ALA B 805 30.72 10.60 -57.95
N HIS B 806 30.49 9.98 -59.09
CA HIS B 806 31.54 9.72 -60.08
C HIS B 806 32.76 9.08 -59.42
N GLN B 807 32.51 7.99 -58.70
CA GLN B 807 33.53 7.33 -57.89
C GLN B 807 33.53 5.82 -58.03
N ALA B 808 34.72 5.25 -58.24
CA ALA B 808 34.87 3.82 -58.39
C ALA B 808 34.75 3.11 -57.05
N TYR B 809 33.91 2.08 -57.02
CA TYR B 809 33.71 1.22 -55.86
C TYR B 809 34.09 -0.25 -56.17
N ARG B 810 34.42 -1.01 -55.13
CA ARG B 810 34.79 -2.42 -55.24
C ARG B 810 34.28 -3.22 -54.05
N PRO B 811 34.04 -4.52 -54.23
CA PRO B 811 33.41 -5.24 -53.14
C PRO B 811 34.39 -5.68 -52.06
N LEU B 812 33.92 -5.66 -50.82
CA LEU B 812 34.63 -6.30 -49.71
C LEU B 812 34.14 -7.72 -49.52
N LEU B 813 32.82 -7.90 -49.49
CA LEU B 813 32.15 -9.22 -49.35
C LEU B 813 31.06 -9.44 -50.41
N LEU B 814 31.02 -10.66 -50.95
CA LEU B 814 29.96 -11.07 -51.88
C LEU B 814 29.54 -12.51 -51.67
N THR B 815 28.31 -12.85 -52.05
CA THR B 815 27.81 -14.22 -51.86
C THR B 815 27.68 -15.01 -53.17
N ASN B 816 28.30 -16.19 -53.21
CA ASN B 816 28.12 -17.14 -54.31
C ASN B 816 27.26 -18.27 -53.81
N SER B 817 27.05 -19.24 -54.71
CA SER B 817 26.55 -20.54 -54.30
C SER B 817 27.60 -21.24 -53.40
N GLN B 818 28.87 -21.06 -53.75
CA GLN B 818 29.98 -21.68 -53.01
C GLN B 818 30.07 -21.18 -51.58
N GLY B 819 29.75 -19.91 -51.34
CA GLY B 819 29.88 -19.32 -49.99
C GLY B 819 29.88 -17.81 -50.02
N ILE B 820 30.77 -17.22 -49.23
CA ILE B 820 31.02 -15.78 -49.30
C ILE B 820 32.47 -15.51 -49.73
N VAL B 821 32.65 -14.59 -50.68
CA VAL B 821 33.98 -14.14 -51.10
C VAL B 821 34.40 -12.92 -50.32
N ALA B 822 35.65 -12.93 -49.86
CA ALA B 822 36.20 -11.79 -49.13
C ALA B 822 37.42 -11.27 -49.87
N TYR B 823 37.30 -10.06 -50.42
CA TYR B 823 38.42 -9.38 -51.05
C TYR B 823 39.03 -8.45 -50.00
N ALA B 824 40.34 -8.62 -49.78
CA ALA B 824 41.08 -7.93 -48.71
C ALA B 824 41.91 -6.72 -49.18
N THR B 825 42.04 -6.53 -50.49
CA THR B 825 42.63 -5.32 -51.08
C THR B 825 41.95 -4.98 -52.40
N ASP B 826 42.24 -3.80 -52.94
CA ASP B 826 41.73 -3.43 -54.26
C ASP B 826 42.20 -4.42 -55.33
N SER B 827 43.47 -4.79 -55.25
CA SER B 827 44.11 -5.61 -56.27
C SER B 827 43.60 -7.06 -56.37
N GLU B 828 42.93 -7.56 -55.32
CA GLU B 828 42.34 -8.92 -55.34
C GLU B 828 41.02 -8.98 -56.11
N VAL B 829 40.48 -7.84 -56.48
CA VAL B 829 39.22 -7.79 -57.17
C VAL B 829 39.47 -7.91 -58.66
N PRO B 830 38.63 -8.66 -59.38
CA PRO B 830 38.66 -8.60 -60.85
C PRO B 830 37.98 -7.36 -61.37
N GLN B 831 38.60 -6.66 -62.31
CA GLN B 831 37.91 -5.56 -62.98
C GLN B 831 36.71 -6.19 -63.68
N ASN B 832 35.61 -5.43 -63.75
CA ASN B 832 34.27 -5.93 -64.13
C ASN B 832 33.43 -6.24 -62.90
N LEU B 833 34.09 -6.35 -61.75
CA LEU B 833 33.40 -6.35 -60.49
C LEU B 833 33.46 -4.96 -59.94
N TYR B 834 34.38 -4.14 -60.47
CA TYR B 834 34.39 -2.71 -60.14
C TYR B 834 33.14 -2.10 -60.71
N LYS B 835 32.57 -1.14 -59.97
CA LYS B 835 31.48 -0.36 -60.51
C LYS B 835 31.43 1.05 -59.95
N THR B 836 31.12 1.99 -60.82
CA THR B 836 31.25 3.42 -60.56
C THR B 836 29.91 4.07 -60.29
N THR B 837 29.87 5.00 -59.36
CA THR B 837 28.64 5.74 -59.03
C THR B 837 28.27 6.71 -60.13
N ASN B 838 26.98 7.03 -60.20
CA ASN B 838 26.53 8.06 -61.13
C ASN B 838 26.74 9.47 -60.53
N ASP B 839 26.14 10.47 -61.16
CA ASP B 839 26.22 11.88 -60.72
C ASP B 839 25.60 12.19 -59.34
N LYS B 840 24.64 11.36 -58.91
CA LYS B 840 24.00 11.49 -57.58
C LYS B 840 24.71 10.67 -56.50
N GLY B 841 25.67 9.84 -56.91
CA GLY B 841 26.41 9.00 -56.00
C GLY B 841 25.70 7.68 -55.72
N GLU B 842 25.01 7.15 -56.73
CA GLU B 842 24.24 5.89 -56.59
C GLU B 842 24.90 4.69 -57.30
N LEU B 843 24.72 3.51 -56.70
CA LEU B 843 25.05 2.25 -57.33
C LEU B 843 23.76 1.47 -57.56
N THR B 844 23.69 0.76 -58.69
CA THR B 844 22.48 0.06 -59.10
C THR B 844 22.81 -1.39 -59.42
N PHE B 845 21.96 -2.30 -58.94
CA PHE B 845 22.20 -3.73 -59.07
C PHE B 845 21.08 -4.47 -59.82
N ASP B 846 21.47 -5.48 -60.61
CA ASP B 846 20.58 -6.29 -61.44
C ASP B 846 20.28 -7.64 -60.83
N ALA B 847 19.35 -8.38 -61.44
CA ALA B 847 19.12 -9.77 -61.07
C ALA B 847 20.34 -10.62 -61.43
N SER B 848 21.09 -10.17 -62.43
CA SER B 848 22.39 -10.76 -62.80
C SER B 848 23.41 -10.78 -61.66
N GLU B 849 23.26 -9.84 -60.73
CA GLU B 849 24.15 -9.70 -59.58
C GLU B 849 23.53 -10.18 -58.25
N ILE B 850 22.27 -9.83 -58.05
CA ILE B 850 21.60 -10.12 -56.80
C ILE B 850 20.42 -11.05 -57.01
N LYS B 851 20.58 -12.26 -56.51
CA LYS B 851 19.53 -13.28 -56.50
C LYS B 851 19.43 -13.90 -55.10
N GLY B 852 18.49 -14.84 -54.93
CA GLY B 852 18.36 -15.57 -53.67
C GLY B 852 19.37 -16.69 -53.58
N TYR B 853 19.90 -16.91 -52.38
CA TYR B 853 20.87 -17.97 -52.16
C TYR B 853 20.53 -18.76 -50.91
N ASP B 854 21.08 -19.97 -50.83
CA ASP B 854 20.95 -20.83 -49.68
C ASP B 854 22.25 -21.57 -49.51
N THR B 855 23.17 -20.97 -48.76
CA THR B 855 24.47 -21.58 -48.48
C THR B 855 24.52 -21.92 -47.00
N VAL B 856 25.70 -22.18 -46.47
CA VAL B 856 25.88 -22.33 -45.03
C VAL B 856 25.77 -20.97 -44.34
N GLN B 857 26.14 -19.93 -45.07
CA GLN B 857 26.43 -18.61 -44.49
C GLN B 857 25.42 -17.51 -44.84
N THR B 858 24.44 -17.86 -45.67
CA THR B 858 23.55 -16.86 -46.18
C THR B 858 22.31 -17.55 -46.75
N SER B 859 21.16 -17.30 -46.13
CA SER B 859 19.88 -17.49 -46.84
C SER B 859 19.40 -16.07 -47.18
N GLY B 860 19.22 -15.81 -48.48
CA GLY B 860 19.14 -14.43 -48.99
C GLY B 860 20.48 -13.99 -49.56
N TYR B 861 20.72 -12.67 -49.55
CA TYR B 861 21.93 -12.13 -50.14
C TYR B 861 22.68 -11.23 -49.17
N LEU B 862 24.00 -11.22 -49.29
CA LEU B 862 24.83 -10.28 -48.55
C LEU B 862 25.91 -9.65 -49.44
N ALA B 863 26.08 -8.33 -49.33
CA ALA B 863 27.11 -7.62 -50.07
C ALA B 863 27.62 -6.41 -49.32
N VAL B 864 28.92 -6.18 -49.39
CA VAL B 864 29.54 -5.04 -48.77
C VAL B 864 30.46 -4.37 -49.77
N TRP B 865 30.23 -3.08 -50.01
CA TRP B 865 31.00 -2.33 -50.98
C TRP B 865 31.73 -1.17 -50.33
N VAL B 866 32.98 -0.98 -50.74
CA VAL B 866 33.86 0.08 -50.19
C VAL B 866 34.47 0.91 -51.32
N PRO B 867 34.81 2.17 -51.06
CA PRO B 867 35.34 3.01 -52.11
C PRO B 867 36.78 2.68 -52.46
N VAL B 868 37.08 2.74 -53.76
CA VAL B 868 38.38 2.37 -54.29
C VAL B 868 39.40 3.45 -54.00
N GLY B 869 40.63 3.02 -53.74
CA GLY B 869 41.77 3.93 -53.65
C GLY B 869 42.21 4.29 -52.24
N ALA B 870 41.66 3.65 -51.22
CA ALA B 870 42.09 3.92 -49.86
C ALA B 870 43.57 3.61 -49.69
N SER B 871 44.22 4.33 -48.77
CA SER B 871 45.65 4.17 -48.51
C SER B 871 45.91 3.28 -47.29
N ASP B 872 47.18 2.94 -47.07
CA ASP B 872 47.56 2.17 -45.90
C ASP B 872 47.55 2.99 -44.62
N GLU B 873 47.80 4.29 -44.74
CA GLU B 873 47.70 5.23 -43.62
C GLU B 873 46.25 5.29 -43.11
N GLN B 874 45.30 5.25 -44.05
CA GLN B 874 43.88 5.50 -43.78
C GLN B 874 43.33 4.64 -42.64
N ASP B 875 42.80 5.35 -41.64
CA ASP B 875 42.11 4.80 -40.50
C ASP B 875 40.86 5.66 -40.28
N ALA B 876 39.70 5.03 -40.19
CA ALA B 876 38.43 5.74 -40.13
C ALA B 876 38.06 6.18 -38.72
N ARG B 877 38.85 5.79 -37.72
CA ARG B 877 38.48 6.05 -36.33
C ARG B 877 38.83 7.46 -35.91
N THR B 878 38.17 7.92 -34.84
CA THR B 878 38.28 9.31 -34.37
C THR B 878 38.87 9.36 -32.94
N ILE B 879 39.67 10.39 -32.68
CA ILE B 879 40.29 10.58 -31.37
C ILE B 879 39.28 11.25 -30.46
N ALA B 880 39.28 10.88 -29.19
CA ALA B 880 38.37 11.43 -28.20
C ALA B 880 38.70 12.89 -27.89
N SER B 881 37.67 13.70 -27.72
CA SER B 881 37.81 15.10 -27.38
C SER B 881 38.28 15.27 -25.94
N THR B 882 39.05 16.34 -25.69
CA THR B 882 39.47 16.69 -24.33
C THR B 882 38.65 17.85 -23.73
N GLU B 883 37.65 18.33 -24.47
CA GLU B 883 36.75 19.36 -23.94
C GLU B 883 35.97 18.82 -22.75
N LYS B 884 35.74 19.69 -21.76
CA LYS B 884 35.12 19.33 -20.48
C LYS B 884 33.67 18.95 -20.65
N ASN B 885 33.26 17.91 -19.93
CA ASN B 885 31.87 17.44 -20.00
C ASN B 885 30.90 18.33 -19.22
N ASN B 886 29.69 18.46 -19.74
CA ASN B 886 28.57 19.11 -19.02
C ASN B 886 28.23 18.32 -17.76
N GLY B 887 28.41 17.00 -17.84
CA GLY B 887 28.29 16.11 -16.70
C GLY B 887 26.96 15.39 -16.60
N ASN B 888 26.11 15.53 -17.61
CA ASN B 888 24.84 14.77 -17.60
C ASN B 888 25.11 13.23 -17.69
N SER B 889 26.01 12.83 -18.59
CA SER B 889 26.38 11.40 -18.73
C SER B 889 27.87 11.30 -19.04
N VAL B 890 28.50 10.22 -18.61
CA VAL B 890 29.94 10.13 -18.77
C VAL B 890 30.35 9.87 -20.22
N TYR B 891 29.69 8.92 -20.88
CA TYR B 891 29.94 8.62 -22.28
C TYR B 891 28.96 9.39 -23.15
N HIS B 892 29.34 9.63 -24.41
CA HIS B 892 28.47 10.31 -25.42
C HIS B 892 28.56 9.63 -26.77
N SER B 893 27.42 9.24 -27.33
CA SER B 893 27.44 8.48 -28.57
C SER B 893 27.89 9.35 -29.72
N ASN B 894 29.17 9.27 -30.05
CA ASN B 894 29.77 10.06 -31.11
C ASN B 894 30.81 9.25 -31.88
N ALA B 895 31.52 9.89 -32.82
CA ALA B 895 32.54 9.24 -33.66
C ALA B 895 33.62 8.52 -32.86
N ALA B 896 34.12 9.18 -31.82
CA ALA B 896 35.19 8.65 -30.96
C ALA B 896 34.76 7.36 -30.28
N LEU B 897 33.58 7.38 -29.67
CA LEU B 897 33.04 6.20 -28.98
C LEU B 897 32.72 5.03 -29.92
N ASP B 898 32.29 5.35 -31.14
CA ASP B 898 32.00 4.32 -32.15
C ASP B 898 33.27 3.73 -32.73
N SER B 899 34.39 4.43 -32.57
CA SER B 899 35.72 3.89 -32.84
C SER B 899 36.11 2.72 -31.92
N GLN B 900 35.39 2.57 -30.80
CA GLN B 900 35.65 1.49 -29.86
C GLN B 900 34.98 0.21 -30.30
N LEU B 901 35.54 -0.92 -29.86
CA LEU B 901 34.95 -2.22 -30.12
C LEU B 901 35.33 -3.15 -29.00
N ILE B 902 34.40 -3.98 -28.56
CA ILE B 902 34.64 -4.97 -27.52
C ILE B 902 34.71 -6.38 -28.10
N TYR B 903 35.59 -7.21 -27.57
CA TYR B 903 35.69 -8.61 -27.97
C TYR B 903 35.52 -9.48 -26.74
N GLU B 904 34.41 -10.20 -26.66
CA GLU B 904 34.17 -11.16 -25.60
C GLU B 904 35.06 -12.35 -25.88
N GLY B 905 36.13 -12.49 -25.09
CA GLY B 905 37.22 -13.40 -25.44
C GLY B 905 37.20 -14.76 -24.79
N PHE B 906 36.01 -15.36 -24.72
CA PHE B 906 35.87 -16.69 -24.13
C PHE B 906 34.55 -17.38 -24.45
N SER B 907 34.48 -18.66 -24.08
CA SER B 907 33.28 -19.47 -24.22
C SER B 907 33.07 -20.32 -22.97
N ASN B 908 31.82 -20.70 -22.74
CA ASN B 908 31.55 -21.58 -21.64
C ASN B 908 32.25 -22.89 -21.87
N PHE B 909 32.11 -23.41 -23.09
CA PHE B 909 32.45 -24.78 -23.43
C PHE B 909 33.84 -24.96 -24.04
N GLN B 910 34.71 -23.97 -23.88
CA GLN B 910 36.15 -24.16 -24.10
C GLN B 910 36.56 -25.35 -23.29
N THR B 911 37.36 -26.24 -23.87
CA THR B 911 37.81 -27.41 -23.13
C THR B 911 38.65 -26.98 -21.93
N VAL B 912 38.64 -27.80 -20.90
CA VAL B 912 39.30 -27.47 -19.63
C VAL B 912 40.65 -28.17 -19.55
N PRO B 913 41.75 -27.40 -19.65
CA PRO B 913 43.07 -28.04 -19.65
C PRO B 913 43.23 -29.07 -18.54
N SER B 914 43.54 -30.31 -18.89
CA SER B 914 43.62 -31.36 -17.88
C SER B 914 44.75 -31.11 -16.88
N LYS B 915 44.73 -31.84 -15.78
CA LYS B 915 45.68 -31.62 -14.68
C LYS B 915 47.09 -31.38 -15.19
N ASN B 916 47.56 -32.26 -16.06
CA ASN B 916 48.92 -32.16 -16.61
C ASN B 916 48.83 -31.67 -18.03
N ALA B 917 48.16 -30.55 -18.21
CA ALA B 917 48.08 -29.92 -19.53
C ALA B 917 49.39 -29.24 -19.78
N SER B 918 49.74 -29.16 -21.06
CA SER B 918 50.93 -28.44 -21.47
C SER B 918 50.65 -26.96 -21.26
N ALA B 919 51.70 -26.20 -21.05
CA ALA B 919 51.57 -24.80 -20.70
C ALA B 919 50.78 -24.00 -21.78
N ASP B 920 50.84 -24.44 -23.03
CA ASP B 920 50.27 -23.65 -24.13
C ASP B 920 48.82 -24.02 -24.51
N GLU B 921 48.19 -24.87 -23.71
CA GLU B 921 46.74 -25.09 -23.83
C GLU B 921 45.93 -23.99 -23.13
N TYR B 922 46.49 -23.42 -22.08
CA TYR B 922 45.77 -22.49 -21.23
C TYR B 922 45.48 -21.19 -21.98
N ALA B 923 44.21 -20.78 -21.97
CA ALA B 923 43.72 -19.70 -22.83
C ALA B 923 44.44 -18.38 -22.61
N ASN B 924 44.88 -18.09 -21.39
CA ASN B 924 45.61 -16.85 -21.12
C ASN B 924 47.02 -16.80 -21.72
N VAL B 925 47.58 -17.96 -22.08
CA VAL B 925 48.86 -18.01 -22.78
C VAL B 925 48.60 -17.76 -24.26
N ILE B 926 47.57 -18.42 -24.77
CA ILE B 926 47.15 -18.28 -26.17
C ILE B 926 46.73 -16.85 -26.46
N ILE B 927 46.16 -16.16 -25.47
CA ILE B 927 45.79 -14.77 -25.61
C ILE B 927 47.01 -13.90 -25.88
N ALA B 928 48.07 -14.13 -25.10
CA ALA B 928 49.31 -13.35 -25.18
C ALA B 928 50.02 -13.51 -26.52
N LYS B 929 50.12 -14.74 -27.00
CA LYS B 929 50.59 -15.02 -28.37
C LYS B 929 49.83 -14.16 -29.36
N HIS B 930 48.51 -14.35 -29.42
CA HIS B 930 47.67 -13.75 -30.46
C HIS B 930 47.28 -12.30 -30.20
N ALA B 931 47.97 -11.61 -29.29
CA ALA B 931 47.62 -10.23 -28.96
C ALA B 931 47.42 -9.31 -30.17
N ALA B 932 48.35 -9.38 -31.13
CA ALA B 932 48.27 -8.55 -32.34
C ALA B 932 47.03 -8.84 -33.18
N ASP B 933 46.60 -10.09 -33.21
CA ASP B 933 45.38 -10.45 -33.93
C ASP B 933 44.24 -9.54 -33.56
N PHE B 934 44.08 -9.34 -32.26
CA PHE B 934 42.94 -8.58 -31.75
C PHE B 934 43.06 -7.10 -32.10
N ASN B 935 44.28 -6.58 -32.05
CA ASN B 935 44.55 -5.22 -32.47
C ASN B 935 44.27 -5.07 -33.98
N LYS B 936 44.59 -6.12 -34.73
CA LYS B 936 44.28 -6.17 -36.15
C LYS B 936 42.78 -6.07 -36.38
N TRP B 937 42.00 -6.68 -35.50
CA TRP B 937 40.54 -6.66 -35.61
C TRP B 937 39.84 -5.36 -35.13
N GLY B 938 40.61 -4.46 -34.53
CA GLY B 938 40.09 -3.17 -34.08
C GLY B 938 39.65 -3.20 -32.63
N VAL B 939 40.06 -4.25 -31.92
CA VAL B 939 39.67 -4.39 -30.52
C VAL B 939 40.34 -3.30 -29.71
N THR B 940 39.53 -2.64 -28.89
CA THR B 940 39.98 -1.63 -27.94
C THR B 940 39.73 -2.04 -26.47
N SER B 941 38.69 -2.86 -26.25
CA SER B 941 38.40 -3.42 -24.92
C SER B 941 38.27 -4.93 -25.04
N PHE B 942 39.21 -5.64 -24.42
CA PHE B 942 39.21 -7.11 -24.39
C PHE B 942 38.47 -7.60 -23.14
N GLN B 943 37.23 -8.05 -23.31
CA GLN B 943 36.44 -8.55 -22.18
C GLN B 943 36.83 -9.97 -21.87
N MET B 944 37.69 -10.13 -20.87
CA MET B 944 38.10 -11.46 -20.43
C MET B 944 36.99 -12.12 -19.63
N ALA B 945 37.19 -13.42 -19.42
CA ALA B 945 36.29 -14.22 -18.62
C ALA B 945 36.47 -13.84 -17.15
N PRO B 946 35.55 -14.30 -16.32
CA PRO B 946 35.85 -14.22 -14.92
C PRO B 946 37.04 -15.10 -14.59
N GLN B 947 37.97 -14.58 -13.80
CA GLN B 947 39.22 -15.29 -13.52
C GLN B 947 39.27 -15.96 -12.13
N TYR B 948 38.10 -16.18 -11.53
CA TYR B 948 38.05 -16.62 -10.14
C TYR B 948 38.04 -18.13 -10.14
N ARG B 949 38.89 -18.72 -9.30
CA ARG B 949 38.98 -20.18 -9.21
C ARG B 949 37.58 -20.81 -9.00
N SER B 950 37.17 -21.69 -9.92
CA SER B 950 35.81 -22.19 -9.96
C SER B 950 35.54 -23.35 -9.03
N SER B 951 34.26 -23.48 -8.67
CA SER B 951 33.73 -24.67 -8.02
C SER B 951 33.60 -25.77 -9.06
N THR B 952 33.65 -27.02 -8.60
CA THR B 952 33.54 -28.18 -9.48
C THR B 952 32.41 -29.06 -9.00
N ASP B 953 31.48 -28.50 -8.24
CA ASP B 953 30.43 -29.29 -7.56
C ASP B 953 29.17 -29.57 -8.40
N GLY B 954 29.14 -29.07 -9.63
CA GLY B 954 28.05 -29.38 -10.54
C GLY B 954 26.68 -28.88 -10.12
N SER B 955 26.62 -27.97 -9.14
CA SER B 955 25.33 -27.42 -8.68
C SER B 955 24.59 -26.65 -9.78
N PHE B 956 25.33 -26.15 -10.76
CA PHE B 956 24.79 -25.49 -11.94
C PHE B 956 25.79 -25.61 -13.07
N LEU B 957 25.33 -25.43 -14.30
CA LEU B 957 26.22 -25.45 -15.47
C LEU B 957 27.63 -24.88 -15.20
N ASP B 958 27.70 -23.61 -14.80
CA ASP B 958 28.96 -22.86 -14.64
C ASP B 958 29.95 -23.50 -13.66
N ALA B 959 29.43 -24.42 -12.85
CA ALA B 959 30.19 -25.12 -11.82
C ALA B 959 30.50 -26.58 -12.16
N VAL B 960 30.05 -27.08 -13.31
CA VAL B 960 30.43 -28.44 -13.69
C VAL B 960 31.89 -28.40 -14.05
N ASP B 961 32.58 -29.49 -13.73
CA ASP B 961 34.03 -29.62 -13.94
C ASP B 961 34.51 -29.57 -15.42
N THR B 962 33.61 -29.82 -16.39
CA THR B 962 33.97 -29.72 -17.81
C THR B 962 33.72 -28.32 -18.40
N VAL B 963 33.17 -27.39 -17.62
CA VAL B 963 33.10 -25.97 -18.02
C VAL B 963 33.29 -25.00 -16.86
N GLN B 964 34.41 -25.06 -16.17
CA GLN B 964 34.64 -24.19 -15.01
C GLN B 964 34.89 -22.76 -15.43
N ASN B 965 33.88 -22.12 -15.97
CA ASN B 965 34.06 -20.87 -16.69
C ASN B 965 34.43 -19.73 -15.81
N GLY B 966 34.18 -19.86 -14.50
CA GLY B 966 34.62 -18.84 -13.54
C GLY B 966 33.54 -17.96 -12.95
N TYR B 967 32.27 -18.27 -13.23
CA TYR B 967 31.14 -17.57 -12.64
C TYR B 967 30.70 -18.24 -11.32
N ALA B 968 31.23 -19.44 -11.06
CA ALA B 968 30.95 -20.14 -9.82
C ALA B 968 32.21 -20.29 -8.98
N PHE B 969 32.33 -19.50 -7.91
CA PHE B 969 33.57 -19.42 -7.12
C PHE B 969 33.29 -19.30 -5.63
N THR B 970 34.29 -19.65 -4.82
CA THR B 970 34.21 -19.49 -3.37
C THR B 970 35.06 -18.33 -2.85
N ASP B 971 36.13 -18.01 -3.58
CA ASP B 971 37.12 -17.05 -3.10
C ASP B 971 37.36 -15.99 -4.19
N ARG B 972 36.58 -14.93 -4.10
CA ARG B 972 36.58 -13.85 -5.07
C ARG B 972 37.92 -13.15 -5.33
N TYR B 973 38.93 -13.37 -4.47
CA TYR B 973 40.26 -12.75 -4.66
C TYR B 973 41.31 -13.69 -5.26
N ASP B 974 40.91 -14.92 -5.53
CA ASP B 974 41.83 -15.94 -6.04
C ASP B 974 41.75 -16.13 -7.56
N LEU B 975 42.64 -15.46 -8.29
CA LEU B 975 42.67 -15.53 -9.75
C LEU B 975 43.78 -16.46 -10.25
N GLY B 976 44.05 -17.51 -9.48
CA GLY B 976 44.92 -18.58 -9.94
C GLY B 976 46.27 -18.63 -9.30
N PHE B 977 46.32 -18.40 -7.99
CA PHE B 977 47.58 -18.36 -7.27
C PHE B 977 48.16 -19.76 -7.14
N ASN B 978 49.46 -19.84 -6.86
CA ASN B 978 50.12 -21.12 -6.64
C ASN B 978 49.69 -21.67 -5.29
N ALA B 979 49.69 -22.99 -5.17
CA ALA B 979 49.36 -23.64 -3.90
C ALA B 979 50.39 -23.27 -2.80
N ALA B 980 50.12 -23.72 -1.57
CA ALA B 980 50.97 -23.42 -0.40
C ALA B 980 52.40 -23.98 -0.53
N ASP B 981 52.52 -25.18 -1.08
CA ASP B 981 53.85 -25.77 -1.38
C ASP B 981 54.56 -25.08 -2.56
N GLY B 982 53.88 -24.13 -3.19
CA GLY B 982 54.45 -23.34 -4.26
C GLY B 982 54.30 -24.03 -5.61
N SER B 983 53.50 -25.09 -5.68
CA SER B 983 53.25 -25.75 -6.96
C SER B 983 52.29 -24.89 -7.78
N LYS B 984 52.55 -24.79 -9.08
CA LYS B 984 51.62 -24.11 -9.99
C LYS B 984 50.27 -24.80 -9.80
N ASN B 985 49.26 -23.99 -9.54
CA ASN B 985 47.89 -24.46 -9.43
C ASN B 985 47.03 -23.41 -10.13
N PRO B 986 46.60 -23.68 -11.38
CA PRO B 986 45.99 -22.61 -12.17
C PRO B 986 44.48 -22.64 -12.12
N THR B 987 43.84 -21.63 -12.71
CA THR B 987 42.41 -21.67 -13.03
C THR B 987 42.28 -22.39 -14.36
N LYS B 988 41.09 -22.35 -14.95
CA LYS B 988 40.87 -22.89 -16.30
C LYS B 988 41.70 -22.17 -17.34
N TYR B 989 41.93 -20.87 -17.11
CA TYR B 989 42.59 -20.02 -18.10
C TYR B 989 44.11 -19.88 -17.86
N GLY B 990 44.60 -20.20 -16.65
CA GLY B 990 46.03 -20.18 -16.36
C GLY B 990 46.35 -19.74 -14.95
N THR B 991 47.64 -19.65 -14.63
CA THR B 991 48.10 -19.12 -13.34
C THR B 991 47.92 -17.61 -13.24
N ASP B 992 48.15 -17.07 -12.04
CA ASP B 992 48.17 -15.62 -11.81
C ASP B 992 49.24 -15.00 -12.71
N GLU B 993 50.41 -15.62 -12.72
CA GLU B 993 51.47 -15.29 -13.66
C GLU B 993 50.92 -15.15 -15.08
N ASP B 994 50.28 -16.22 -15.54
CA ASP B 994 49.77 -16.31 -16.91
C ASP B 994 48.74 -15.22 -17.17
N LEU B 995 47.93 -14.91 -16.16
CA LEU B 995 46.99 -13.82 -16.27
C LEU B 995 47.69 -12.47 -16.39
N ARG B 996 48.61 -12.20 -15.46
CA ARG B 996 49.40 -10.96 -15.48
C ARG B 996 50.05 -10.76 -16.85
N ASN B 997 50.54 -11.84 -17.46
CA ASN B 997 51.17 -11.74 -18.79
C ASN B 997 50.21 -11.50 -19.95
N ALA B 998 49.00 -12.04 -19.84
CA ALA B 998 47.95 -11.75 -20.82
C ALA B 998 47.63 -10.26 -20.86
N ILE B 999 47.56 -9.65 -19.68
CA ILE B 999 47.21 -8.24 -19.53
C ILE B 999 48.32 -7.34 -20.05
N LYS B 1000 49.56 -7.75 -19.85
CA LYS B 1000 50.71 -7.01 -20.36
C LYS B 1000 50.78 -7.02 -21.89
N SER B 1001 50.49 -8.18 -22.50
CA SER B 1001 50.55 -8.31 -23.96
C SER B 1001 49.47 -7.50 -24.65
N LEU B 1002 48.32 -7.43 -24.01
CA LEU B 1002 47.22 -6.63 -24.51
C LEU B 1002 47.52 -5.17 -24.28
N HIS B 1003 48.11 -4.85 -23.14
CA HIS B 1003 48.50 -3.47 -22.84
C HIS B 1003 49.60 -2.98 -23.79
N ALA B 1004 50.49 -3.89 -24.18
CA ALA B 1004 51.59 -3.58 -25.11
C ALA B 1004 51.12 -3.27 -26.54
N GLN B 1005 49.98 -3.83 -26.93
CA GLN B 1005 49.30 -3.44 -28.16
C GLN B 1005 48.69 -2.05 -28.03
N LYS B 1006 48.81 -1.27 -29.09
CA LYS B 1006 48.37 0.12 -29.11
C LYS B 1006 47.38 0.37 -30.24
N THR B 1007 46.31 1.09 -29.96
CA THR B 1007 45.27 1.32 -30.98
C THR B 1007 45.51 2.66 -31.68
N TYR B 1008 44.60 3.00 -32.59
CA TYR B 1008 44.71 4.19 -33.44
C TYR B 1008 45.03 5.51 -32.72
N ASP B 1009 44.59 5.65 -31.47
CA ASP B 1009 44.86 6.85 -30.68
C ASP B 1009 46.08 6.71 -29.74
N GLY B 1010 46.95 5.73 -30.02
CA GLY B 1010 48.17 5.54 -29.26
C GLY B 1010 47.99 4.88 -27.91
N SER B 1011 46.76 4.57 -27.55
CA SER B 1011 46.49 4.01 -26.22
C SER B 1011 46.42 2.49 -26.25
N SER B 1012 46.58 1.89 -25.08
CA SER B 1012 46.62 0.45 -24.96
C SER B 1012 45.27 -0.17 -25.17
N ILE B 1013 45.26 -1.47 -25.41
CA ILE B 1013 44.02 -2.21 -25.46
C ILE B 1013 43.59 -2.42 -24.03
N GLN B 1014 42.38 -2.00 -23.69
CA GLN B 1014 41.85 -2.19 -22.34
C GLN B 1014 41.52 -3.62 -22.05
N VAL B 1015 41.68 -4.00 -20.78
CA VAL B 1015 41.37 -5.34 -20.30
C VAL B 1015 40.27 -5.25 -19.26
N MET B 1016 39.22 -6.04 -19.43
CA MET B 1016 38.01 -5.92 -18.64
C MET B 1016 37.87 -7.05 -17.63
N ALA B 1017 37.63 -6.66 -16.39
CA ALA B 1017 37.36 -7.60 -15.31
C ALA B 1017 35.87 -7.87 -15.26
N ASP B 1018 35.49 -9.15 -15.17
CA ASP B 1018 34.09 -9.50 -14.97
C ASP B 1018 33.81 -9.34 -13.48
N PHE B 1019 33.04 -8.32 -13.14
CA PHE B 1019 32.68 -8.00 -11.74
C PHE B 1019 31.39 -8.72 -11.38
N VAL B 1020 31.50 -9.69 -10.46
CA VAL B 1020 30.41 -10.61 -10.15
C VAL B 1020 30.03 -10.51 -8.68
N PRO B 1021 29.21 -9.52 -8.35
CA PRO B 1021 28.86 -9.31 -6.95
C PRO B 1021 27.68 -10.14 -6.46
N ASP B 1022 26.95 -10.81 -7.35
CA ASP B 1022 25.68 -11.41 -6.97
C ASP B 1022 25.79 -12.54 -5.96
N GLN B 1023 26.68 -13.51 -6.17
CA GLN B 1023 26.71 -14.69 -5.30
C GLN B 1023 28.10 -15.28 -5.04
N LEU B 1024 28.10 -16.31 -4.19
CA LEU B 1024 29.22 -17.23 -3.99
C LEU B 1024 28.71 -18.67 -4.00
N TYR B 1025 29.54 -19.60 -4.48
CA TYR B 1025 29.18 -21.03 -4.48
C TYR B 1025 30.00 -21.80 -3.47
N ASN B 1026 29.43 -22.90 -3.02
CA ASN B 1026 30.22 -24.02 -2.55
C ASN B 1026 31.17 -23.64 -1.42
N MET B 1027 30.60 -23.08 -0.35
CA MET B 1027 31.42 -22.59 0.76
C MET B 1027 31.72 -23.71 1.76
N PRO B 1028 32.91 -23.68 2.40
CA PRO B 1028 33.45 -24.82 3.13
C PRO B 1028 32.81 -25.07 4.48
N LEU B 1029 32.51 -24.02 5.24
CA LEU B 1029 32.01 -24.19 6.62
C LEU B 1029 30.50 -23.97 6.72
N GLU B 1030 29.90 -24.70 7.66
CA GLU B 1030 28.49 -24.58 8.00
C GLU B 1030 28.27 -23.54 9.10
N GLN B 1031 27.08 -22.96 9.09
CA GLN B 1031 26.65 -22.02 10.11
C GLN B 1031 25.17 -22.27 10.34
N ALA B 1032 24.71 -22.10 11.56
CA ALA B 1032 23.28 -22.17 11.84
C ALA B 1032 22.64 -20.89 11.37
N VAL B 1033 21.53 -20.99 10.64
CA VAL B 1033 20.74 -19.81 10.19
C VAL B 1033 19.26 -20.06 10.25
N SER B 1034 18.49 -18.98 10.39
CA SER B 1034 17.04 -19.11 10.35
C SER B 1034 16.57 -18.93 8.92
N VAL B 1035 15.77 -19.89 8.44
CA VAL B 1035 15.36 -19.90 7.05
C VAL B 1035 13.84 -19.92 6.88
N ILE B 1036 13.40 -19.35 5.77
CA ILE B 1036 12.06 -19.48 5.30
C ILE B 1036 12.16 -20.01 3.90
N ARG B 1037 11.32 -21.00 3.56
CA ARG B 1037 11.28 -21.53 2.20
C ARG B 1037 10.58 -20.51 1.30
N THR B 1038 11.19 -20.22 0.14
CA THR B 1038 10.72 -19.21 -0.81
C THR B 1038 11.04 -19.53 -2.27
N ASP B 1039 10.52 -18.69 -3.15
CA ASP B 1039 10.93 -18.68 -4.54
C ASP B 1039 12.05 -17.65 -4.77
N LYS B 1040 12.44 -17.46 -6.04
CA LYS B 1040 13.52 -16.55 -6.39
C LYS B 1040 13.28 -15.06 -6.11
N TYR B 1041 12.02 -14.65 -6.04
CA TYR B 1041 11.66 -13.25 -5.72
C TYR B 1041 11.74 -12.98 -4.22
N GLY B 1042 11.77 -14.05 -3.43
CA GLY B 1042 11.82 -13.92 -1.97
C GLY B 1042 10.47 -14.19 -1.32
N VAL B 1043 9.49 -14.58 -2.14
CA VAL B 1043 8.11 -14.80 -1.67
C VAL B 1043 7.96 -16.15 -0.95
N ASN B 1044 7.56 -16.02 0.31
CA ASN B 1044 7.28 -17.16 1.19
C ASN B 1044 6.40 -18.20 0.51
N SER B 1045 6.98 -19.36 0.21
CA SER B 1045 6.22 -20.48 -0.36
C SER B 1045 5.28 -21.10 0.65
N GLU B 1046 5.25 -20.52 1.84
CA GLU B 1046 4.41 -20.94 2.96
C GLU B 1046 4.28 -22.45 3.10
N ASN B 1047 5.44 -23.08 3.29
CA ASN B 1047 5.51 -24.39 3.92
C ASN B 1047 5.56 -24.16 5.42
N PRO B 1048 4.55 -24.65 6.16
CA PRO B 1048 4.48 -24.57 7.61
C PRO B 1048 5.74 -25.02 8.33
N ASP B 1049 6.34 -26.12 7.89
CA ASP B 1049 7.49 -26.66 8.60
C ASP B 1049 8.80 -25.96 8.31
N ILE B 1050 8.79 -25.01 7.38
CA ILE B 1050 9.96 -24.20 7.09
C ILE B 1050 9.64 -22.72 7.35
N GLN B 1051 9.26 -22.42 8.59
CA GLN B 1051 9.02 -21.04 9.01
C GLN B 1051 9.99 -20.65 10.10
N ASN B 1052 11.04 -19.94 9.71
CA ASN B 1052 12.12 -19.54 10.60
C ASN B 1052 12.76 -20.70 11.35
N ILE B 1053 12.83 -21.86 10.73
CA ILE B 1053 13.50 -23.01 11.35
C ILE B 1053 15.01 -22.87 11.24
N ILE B 1054 15.72 -23.78 11.88
CA ILE B 1054 17.16 -23.71 11.91
C ILE B 1054 17.82 -24.73 10.97
N TYR B 1055 18.68 -24.19 10.11
CA TYR B 1055 19.28 -24.92 8.99
C TYR B 1055 20.78 -24.81 9.09
N ALA B 1056 21.48 -25.91 8.85
CA ALA B 1056 22.94 -25.89 8.85
C ALA B 1056 23.38 -25.59 7.44
N ALA B 1057 23.55 -24.32 7.13
CA ALA B 1057 23.86 -23.91 5.76
C ALA B 1057 25.36 -23.82 5.55
N ASN B 1058 25.80 -24.29 4.40
CA ASN B 1058 27.15 -24.03 3.93
C ASN B 1058 27.24 -22.59 3.46
N ILE B 1059 27.57 -21.72 4.42
CA ILE B 1059 27.47 -20.27 4.19
C ILE B 1059 28.65 -19.48 4.80
N LYS B 1060 29.71 -20.15 5.26
CA LYS B 1060 30.81 -19.47 5.90
C LYS B 1060 32.10 -19.81 5.17
N SER B 1061 32.88 -18.79 4.82
CA SER B 1061 34.16 -19.00 4.14
C SER B 1061 35.25 -19.48 5.14
N SER B 1062 36.35 -20.03 4.61
CA SER B 1062 37.36 -20.70 5.44
C SER B 1062 38.08 -19.78 6.41
N GLY B 1063 38.17 -18.50 6.08
CA GLY B 1063 38.94 -17.56 6.89
C GLY B 1063 40.45 -17.77 6.78
N THR B 1064 40.89 -18.68 5.92
CA THR B 1064 42.31 -18.82 5.59
C THR B 1064 42.54 -18.65 4.08
N ASP B 1065 41.51 -18.19 3.37
CA ASP B 1065 41.55 -18.05 1.92
C ASP B 1065 42.08 -16.67 1.58
N TYR B 1066 42.09 -16.31 0.30
CA TYR B 1066 42.56 -14.99 -0.09
C TYR B 1066 41.59 -13.88 0.30
N GLN B 1067 40.31 -14.21 0.47
CA GLN B 1067 39.34 -13.25 1.02
C GLN B 1067 39.78 -12.76 2.36
N SER B 1068 40.34 -13.66 3.15
CA SER B 1068 40.82 -13.33 4.50
C SER B 1068 42.09 -12.48 4.49
N ILE B 1069 42.87 -12.54 3.42
CA ILE B 1069 44.04 -11.70 3.28
C ILE B 1069 43.68 -10.31 2.75
N TYR B 1070 42.96 -10.26 1.65
CA TYR B 1070 42.71 -9.00 0.93
C TYR B 1070 41.40 -8.32 1.23
N GLY B 1071 40.48 -9.03 1.86
CA GLY B 1071 39.14 -8.50 2.16
C GLY B 1071 39.17 -7.19 2.95
N GLY B 1072 38.54 -6.16 2.40
CA GLY B 1072 38.54 -4.82 3.02
C GLY B 1072 39.89 -4.16 3.28
N LYS B 1073 40.96 -4.71 2.70
CA LYS B 1073 42.34 -4.29 3.03
C LYS B 1073 42.70 -2.85 2.63
N TYR B 1074 42.05 -2.32 1.61
CA TYR B 1074 42.44 -1.03 1.04
C TYR B 1074 41.48 0.07 1.44
N LEU B 1075 40.48 -0.27 2.24
CA LEU B 1075 39.41 0.67 2.59
C LEU B 1075 39.89 1.82 3.49
N ALA B 1076 40.80 1.51 4.42
CA ALA B 1076 41.40 2.52 5.28
C ALA B 1076 42.26 3.48 4.46
N GLU B 1077 43.14 2.92 3.64
CA GLU B 1077 43.90 3.68 2.64
C GLU B 1077 43.01 4.61 1.78
N LEU B 1078 41.98 4.05 1.17
CA LEU B 1078 41.11 4.82 0.25
C LEU B 1078 40.35 5.97 0.94
N GLN B 1079 39.80 5.73 2.13
CA GLN B 1079 39.14 6.81 2.90
C GLN B 1079 40.04 8.05 3.02
N LYS B 1080 41.30 7.81 3.35
CA LYS B 1080 42.29 8.87 3.52
C LYS B 1080 42.43 9.74 2.27
N ASN B 1081 42.37 9.11 1.10
CA ASN B 1081 42.50 9.86 -0.15
C ASN B 1081 41.41 10.93 -0.34
N PRO B 1082 41.81 12.18 -0.64
CA PRO B 1082 40.88 13.28 -0.92
C PRO B 1082 39.95 13.02 -2.10
N LEU B 1083 40.51 12.42 -3.15
CA LEU B 1083 39.75 12.18 -4.37
C LEU B 1083 38.55 11.26 -4.17
N PHE B 1084 38.54 10.46 -3.11
CA PHE B 1084 37.47 9.49 -2.86
C PHE B 1084 36.40 9.99 -1.90
N LYS B 1085 36.53 11.23 -1.46
CA LYS B 1085 35.61 11.78 -0.49
C LYS B 1085 34.16 11.68 -0.92
N SER B 1086 33.87 12.08 -2.16
CA SER B 1086 32.51 12.02 -2.72
C SER B 1086 31.90 10.64 -2.57
N LEU B 1087 32.71 9.65 -2.90
CA LEU B 1087 32.29 8.24 -2.90
C LEU B 1087 31.79 7.80 -1.53
N PHE B 1088 32.61 8.10 -0.53
CA PHE B 1088 32.37 7.69 0.85
C PHE B 1088 31.27 8.48 1.52
N ASP B 1089 31.10 9.74 1.14
CA ASP B 1089 30.01 10.60 1.69
C ASP B 1089 28.66 10.35 0.99
N ARG B 1090 28.71 9.80 -0.22
CA ARG B 1090 27.51 9.62 -1.03
C ARG B 1090 26.44 8.83 -0.31
N ILE B 1091 25.21 9.35 -0.32
CA ILE B 1091 24.06 8.63 0.22
C ILE B 1091 23.51 7.67 -0.82
N GLN B 1092 23.53 6.37 -0.52
CA GLN B 1092 23.06 5.38 -1.48
C GLN B 1092 21.54 5.34 -1.48
N ILE B 1093 20.97 5.14 -2.68
CA ILE B 1093 19.53 5.28 -2.88
C ILE B 1093 18.73 4.29 -2.04
N SER B 1094 19.04 3.01 -2.14
CA SER B 1094 18.23 2.00 -1.47
C SER B 1094 18.44 1.98 0.05
N THR B 1095 19.67 2.11 0.51
CA THR B 1095 19.96 2.05 1.95
C THR B 1095 19.57 3.34 2.65
N LYS B 1096 19.61 4.43 1.87
CA LYS B 1096 19.45 5.79 2.39
C LYS B 1096 20.59 6.16 3.32
N LYS B 1097 21.53 5.22 3.52
CA LYS B 1097 22.72 5.47 4.30
C LYS B 1097 23.91 5.48 3.38
N THR B 1098 25.01 6.01 3.89
CA THR B 1098 26.26 5.95 3.17
C THR B 1098 26.93 4.59 3.33
N ILE B 1099 27.85 4.33 2.42
CA ILE B 1099 28.76 3.16 2.47
C ILE B 1099 29.56 3.13 3.79
N ASP B 1100 29.87 1.92 4.26
CA ASP B 1100 30.50 1.70 5.59
C ASP B 1100 31.85 0.95 5.55
N PRO B 1101 32.94 1.68 5.33
CA PRO B 1101 34.27 1.09 5.13
C PRO B 1101 35.03 0.73 6.40
N ASN B 1102 34.39 0.86 7.55
CA ASN B 1102 35.09 0.70 8.83
C ASN B 1102 35.23 -0.75 9.27
N THR B 1103 34.33 -1.62 8.83
CA THR B 1103 34.48 -3.04 9.07
C THR B 1103 35.01 -3.72 7.82
N ARG B 1104 35.96 -4.63 8.05
CA ARG B 1104 36.53 -5.45 6.99
C ARG B 1104 35.82 -6.81 6.93
N ILE B 1105 35.58 -7.31 5.72
CA ILE B 1105 35.04 -8.65 5.58
C ILE B 1105 36.18 -9.58 5.19
N THR B 1106 36.61 -10.43 6.13
CA THR B 1106 37.66 -11.43 5.90
C THR B 1106 37.13 -12.88 5.92
N GLN B 1107 36.01 -13.03 6.59
CA GLN B 1107 35.26 -14.25 6.54
C GLN B 1107 33.85 -13.93 6.16
N TRP B 1108 33.37 -14.49 5.06
CA TRP B 1108 31.96 -14.40 4.77
C TRP B 1108 31.17 -15.18 5.82
N SER B 1109 30.05 -14.62 6.23
CA SER B 1109 29.17 -15.23 7.22
C SER B 1109 27.75 -15.09 6.73
N ALA B 1110 26.84 -15.85 7.31
CA ALA B 1110 25.40 -15.81 6.96
C ALA B 1110 24.73 -14.42 7.07
N LYS B 1111 25.22 -13.61 8.01
CA LYS B 1111 24.69 -12.26 8.22
C LYS B 1111 24.92 -11.31 7.04
N TYR B 1112 25.87 -11.61 6.18
CA TYR B 1112 26.09 -10.81 4.98
C TYR B 1112 25.34 -11.33 3.74
N PHE B 1113 24.45 -12.31 3.92
CA PHE B 1113 23.70 -12.89 2.79
C PHE B 1113 22.20 -12.69 2.89
N ASN B 1114 21.56 -12.52 1.74
CA ASN B 1114 20.10 -12.35 1.66
C ASN B 1114 19.43 -13.68 1.85
N GLY B 1115 19.98 -14.68 1.21
CA GLY B 1115 19.48 -16.01 1.30
C GLY B 1115 20.36 -16.97 0.53
N SER B 1116 19.77 -18.07 0.09
CA SER B 1116 20.51 -19.11 -0.62
C SER B 1116 19.56 -19.99 -1.37
N ASN B 1117 20.10 -20.76 -2.30
CA ASN B 1117 19.37 -21.86 -2.92
C ASN B 1117 19.29 -23.02 -1.94
N ILE B 1118 18.32 -23.91 -2.13
CA ILE B 1118 18.14 -25.00 -1.18
C ILE B 1118 19.26 -26.01 -1.30
N GLN B 1119 19.86 -26.37 -0.18
CA GLN B 1119 21.11 -27.14 -0.17
C GLN B 1119 20.91 -28.62 0.11
N GLY B 1120 19.68 -29.03 0.36
CA GLY B 1120 19.37 -30.45 0.56
C GLY B 1120 19.91 -31.14 1.81
N LYS B 1121 20.24 -30.34 2.83
CA LYS B 1121 20.68 -30.89 4.12
C LYS B 1121 19.54 -31.63 4.79
N GLY B 1122 18.32 -31.13 4.58
CA GLY B 1122 17.11 -31.68 5.16
C GLY B 1122 16.67 -30.79 6.30
N ILE B 1123 15.36 -30.67 6.49
CA ILE B 1123 14.77 -29.81 7.56
C ILE B 1123 15.31 -30.18 8.91
N ASN B 1124 15.26 -31.48 9.20
CA ASN B 1124 15.63 -32.01 10.51
C ASN B 1124 17.09 -32.40 10.65
N TYR B 1125 17.95 -31.83 9.81
CA TYR B 1125 19.38 -32.07 9.88
C TYR B 1125 19.95 -31.54 11.16
N VAL B 1126 19.49 -30.37 11.58
CA VAL B 1126 19.81 -29.88 12.90
C VAL B 1126 18.95 -30.67 13.87
N LEU B 1127 19.60 -31.26 14.87
CA LEU B 1127 18.96 -32.19 15.78
C LEU B 1127 18.27 -31.47 16.91
N LYS B 1128 17.28 -32.14 17.47
CA LYS B 1128 16.24 -31.51 18.24
C LYS B 1128 15.41 -32.54 19.00
N ASP B 1129 15.13 -32.25 20.27
CA ASP B 1129 14.26 -33.14 21.07
C ASP B 1129 12.78 -32.82 20.86
N TRP B 1130 12.01 -33.84 20.51
CA TRP B 1130 10.64 -33.65 20.05
C TRP B 1130 9.65 -33.46 21.18
N ALA B 1131 9.95 -33.93 22.38
CA ALA B 1131 9.07 -33.68 23.53
C ALA B 1131 9.16 -32.22 23.96
N SER B 1132 10.36 -31.75 24.25
CA SER B 1132 10.57 -30.33 24.60
C SER B 1132 10.39 -29.41 23.40
N ASN B 1133 10.64 -29.97 22.22
CA ASN B 1133 10.58 -29.21 20.98
C ASN B 1133 11.61 -28.09 20.91
N LYS B 1134 12.74 -28.30 21.60
CA LYS B 1134 13.87 -27.38 21.55
C LYS B 1134 15.06 -28.05 20.87
N TYR B 1135 15.95 -27.24 20.33
CA TYR B 1135 17.14 -27.76 19.66
C TYR B 1135 18.23 -28.06 20.70
N PHE B 1136 19.04 -29.08 20.43
CA PHE B 1136 20.22 -29.34 21.25
C PHE B 1136 21.21 -28.23 20.96
N ASN B 1137 21.89 -27.77 22.01
CA ASN B 1137 23.00 -26.86 21.83
C ASN B 1137 24.07 -26.95 22.91
N VAL B 1138 25.29 -27.19 22.47
CA VAL B 1138 26.40 -27.54 23.32
C VAL B 1138 27.29 -26.33 23.67
N SER B 1139 27.10 -25.21 22.99
CA SER B 1139 27.87 -23.97 23.24
C SER B 1139 27.13 -23.01 24.17
N SER B 1140 25.91 -23.38 24.56
CA SER B 1140 25.12 -22.57 25.46
C SER B 1140 24.46 -23.42 26.54
N ASN B 1141 24.25 -22.78 27.68
CA ASN B 1141 23.44 -23.36 28.75
C ASN B 1141 22.27 -22.46 29.03
N ASP B 1142 21.65 -21.98 27.95
CA ASP B 1142 20.41 -21.21 28.03
C ASP B 1142 19.19 -22.14 27.90
N ASP B 1143 18.04 -21.68 28.38
CA ASP B 1143 16.84 -22.50 28.43
C ASP B 1143 16.07 -22.51 27.12
N MET B 1144 16.47 -21.69 26.16
CA MET B 1144 15.86 -21.74 24.83
C MET B 1144 16.31 -22.98 24.04
N TYR B 1145 17.43 -23.59 24.44
CA TYR B 1145 17.90 -24.87 23.87
C TYR B 1145 17.70 -26.00 24.88
N SER B 1146 17.53 -27.22 24.38
CA SER B 1146 17.40 -28.43 25.23
C SER B 1146 18.77 -28.98 25.63
N ARG B 1147 18.87 -29.51 26.85
CA ARG B 1147 20.09 -30.19 27.28
C ARG B 1147 20.24 -31.50 26.52
N LEU B 1148 21.45 -32.03 26.50
CA LEU B 1148 21.74 -33.28 25.82
C LEU B 1148 20.79 -34.38 26.27
N PRO B 1149 20.56 -35.39 25.42
CA PRO B 1149 19.78 -36.55 25.84
C PRO B 1149 20.27 -37.07 27.18
N LYS B 1150 19.33 -37.41 28.05
CA LYS B 1150 19.66 -37.75 29.43
C LYS B 1150 20.62 -38.96 29.55
N GLN B 1151 20.62 -39.85 28.56
CA GLN B 1151 21.53 -41.00 28.64
C GLN B 1151 22.93 -40.56 28.30
N LEU B 1152 23.04 -39.71 27.29
CA LEU B 1152 24.34 -39.22 26.87
C LEU B 1152 25.01 -38.38 27.94
N MET B 1153 24.34 -38.14 29.07
CA MET B 1153 25.02 -37.63 30.25
C MET B 1153 24.79 -38.49 31.50
N ASN B 1154 24.77 -39.79 31.29
CA ASN B 1154 24.70 -40.78 32.35
C ASN B 1154 23.69 -40.48 33.46
N GLN B 1155 22.52 -39.99 33.06
CA GLN B 1155 21.41 -39.83 33.98
C GLN B 1155 20.35 -40.83 33.63
N GLU B 1156 19.40 -41.00 34.55
CA GLU B 1156 18.30 -41.92 34.32
C GLU B 1156 17.44 -41.36 33.21
N SER B 1157 16.97 -42.24 32.34
CA SER B 1157 16.27 -41.84 31.14
C SER B 1157 15.35 -42.96 30.69
N ASN B 1158 14.08 -42.64 30.54
CA ASN B 1158 13.06 -43.58 30.06
C ASN B 1158 12.28 -42.96 28.94
N THR B 1159 11.64 -43.81 28.15
CA THR B 1159 10.90 -43.37 26.99
C THR B 1159 9.63 -44.20 26.78
N GLY B 1160 8.56 -43.51 26.39
CA GLY B 1160 7.30 -44.17 26.09
C GLY B 1160 6.12 -43.48 26.73
N PHE B 1161 4.98 -44.15 26.68
CA PHE B 1161 3.76 -43.64 27.28
C PHE B 1161 3.59 -44.24 28.66
N ILE B 1162 3.10 -43.43 29.60
CA ILE B 1162 2.83 -43.93 30.95
C ILE B 1162 1.49 -43.39 31.50
N VAL B 1163 0.57 -44.32 31.78
CA VAL B 1163 -0.75 -43.95 32.31
C VAL B 1163 -0.70 -43.84 33.84
N ASP B 1164 -1.44 -42.85 34.31
CA ASP B 1164 -1.36 -42.39 35.66
C ASP B 1164 -2.82 -42.20 36.13
N ASP B 1165 -3.02 -42.09 37.43
CA ASP B 1165 -4.36 -41.86 38.00
C ASP B 1165 -4.95 -40.53 37.54
N ILE B 1166 -4.05 -39.57 37.29
CA ILE B 1166 -4.40 -38.23 36.79
C ILE B 1166 -4.57 -38.25 35.27
N GLY B 1167 -3.58 -38.78 34.57
CA GLY B 1167 -3.62 -38.76 33.13
C GLY B 1167 -2.45 -39.47 32.49
N VAL B 1168 -2.13 -39.07 31.25
CA VAL B 1168 -1.12 -39.76 30.48
C VAL B 1168 0.05 -38.83 30.14
N LYS B 1169 1.27 -39.30 30.44
CA LYS B 1169 2.49 -38.55 30.13
C LYS B 1169 3.28 -39.32 29.08
N TYR B 1170 4.13 -38.60 28.35
CA TYR B 1170 4.99 -39.22 27.32
C TYR B 1170 6.41 -38.68 27.41
N TYR B 1171 7.36 -39.61 27.35
CA TYR B 1171 8.78 -39.28 27.37
C TYR B 1171 9.41 -39.67 26.04
N SER B 1172 10.25 -38.78 25.49
CA SER B 1172 10.93 -39.04 24.21
C SER B 1172 12.09 -39.99 24.37
N ILE B 1173 12.62 -40.43 23.25
CA ILE B 1173 13.80 -41.28 23.24
C ILE B 1173 15.01 -40.67 24.00
N SER B 1174 15.09 -39.35 24.05
CA SER B 1174 16.11 -38.62 24.79
C SER B 1174 15.79 -38.53 26.29
N GLY B 1175 14.58 -38.88 26.68
CA GLY B 1175 14.21 -38.97 28.10
C GLY B 1175 13.44 -37.80 28.68
N TYR B 1176 13.17 -36.78 27.88
CA TYR B 1176 12.43 -35.60 28.34
C TYR B 1176 10.91 -35.77 28.20
N GLN B 1177 10.16 -34.91 28.90
CA GLN B 1177 8.70 -35.04 28.98
C GLN B 1177 7.99 -34.12 27.98
N ALA B 1178 6.87 -34.60 27.42
CA ALA B 1178 6.16 -33.86 26.40
C ALA B 1178 5.28 -32.86 27.05
N LYS B 1179 5.58 -31.58 26.78
CA LYS B 1179 4.82 -30.41 27.25
C LYS B 1179 4.62 -29.44 26.08
N ASN B 1180 3.38 -29.01 25.88
CA ASN B 1180 3.05 -28.03 24.85
C ASN B 1180 3.59 -28.41 23.45
N THR B 1181 3.29 -29.63 23.02
CA THR B 1181 3.59 -30.09 21.64
C THR B 1181 2.68 -31.21 21.18
N PHE B 1182 2.65 -31.38 19.87
CA PHE B 1182 2.02 -32.53 19.25
C PHE B 1182 3.05 -33.60 19.20
N VAL B 1183 2.61 -34.86 19.21
CA VAL B 1183 3.51 -35.99 19.16
C VAL B 1183 2.89 -37.14 18.37
N GLU B 1184 3.60 -37.59 17.33
CA GLU B 1184 3.17 -38.70 16.47
C GLU B 1184 3.75 -40.02 16.98
N ASP B 1185 2.92 -41.05 17.11
CA ASP B 1185 3.34 -42.33 17.67
C ASP B 1185 3.40 -43.47 16.64
N GLY B 1186 4.58 -44.04 16.47
CA GLY B 1186 4.77 -45.17 15.57
C GLY B 1186 4.27 -44.94 14.16
N ASN B 1187 4.52 -43.73 13.62
CA ASN B 1187 4.04 -43.34 12.27
C ASN B 1187 2.51 -43.47 12.12
N GLY B 1188 1.81 -43.41 13.27
CA GLY B 1188 0.37 -43.56 13.29
C GLY B 1188 -0.24 -42.32 13.89
N GLU B 1189 -0.86 -42.50 15.04
CA GLU B 1189 -1.70 -41.48 15.60
C GLU B 1189 -0.91 -40.34 16.18
N TRP B 1190 -1.49 -39.14 16.08
CA TRP B 1190 -0.96 -37.95 16.74
C TRP B 1190 -1.67 -37.75 18.08
N TYR B 1191 -0.98 -37.08 19.00
CA TYR B 1191 -1.51 -36.76 20.33
C TYR B 1191 -1.03 -35.36 20.68
N TYR B 1192 -1.68 -34.69 21.64
CA TYR B 1192 -1.18 -33.39 22.16
C TYR B 1192 -0.98 -33.40 23.67
N PHE B 1193 0.09 -32.72 24.11
CA PHE B 1193 0.39 -32.60 25.54
C PHE B 1193 0.42 -31.15 25.98
N ASP B 1194 -0.30 -30.88 27.07
CA ASP B 1194 -0.55 -29.51 27.55
C ASP B 1194 0.60 -28.99 28.42
N ASN B 1195 0.43 -27.79 28.98
CA ASN B 1195 1.46 -27.18 29.80
C ASN B 1195 1.79 -28.00 31.04
N ASP B 1196 0.80 -28.72 31.58
CA ASP B 1196 1.01 -29.59 32.75
C ASP B 1196 1.75 -30.90 32.43
N GLY B 1197 2.09 -31.13 31.17
CA GLY B 1197 2.80 -32.36 30.78
C GLY B 1197 1.90 -33.56 30.62
N TYR B 1198 0.60 -33.29 30.49
CA TYR B 1198 -0.42 -34.33 30.36
C TYR B 1198 -1.10 -34.34 29.01
N MET B 1199 -1.40 -35.55 28.54
CA MET B 1199 -2.13 -35.76 27.30
C MET B 1199 -3.47 -35.04 27.38
N VAL B 1200 -3.92 -34.53 26.23
CA VAL B 1200 -5.27 -33.99 26.12
C VAL B 1200 -6.18 -35.09 25.59
N LYS B 1201 -7.26 -35.31 26.33
CA LYS B 1201 -8.28 -36.28 25.96
C LYS B 1201 -9.66 -35.66 26.22
N SER B 1202 -10.51 -35.69 25.20
CA SER B 1202 -11.87 -35.17 25.34
C SER B 1202 -12.64 -36.04 26.31
N THR B 1203 -13.59 -35.42 27.00
CA THR B 1203 -14.39 -36.11 28.00
C THR B 1203 -15.84 -35.82 27.69
N GLU B 1204 -16.76 -36.46 28.41
CA GLU B 1204 -18.19 -36.23 28.17
C GLU B 1204 -18.67 -34.79 28.31
N GLU B 1205 -18.25 -34.13 29.38
CA GLU B 1205 -18.57 -32.71 29.62
C GLU B 1205 -17.75 -31.68 28.81
N SER B 1206 -16.57 -32.08 28.37
CA SER B 1206 -15.78 -31.28 27.41
C SER B 1206 -15.51 -32.05 26.13
N GLY B 1207 -16.25 -31.68 25.08
CA GLY B 1207 -16.33 -32.46 23.87
C GLY B 1207 -15.02 -32.55 23.11
N PRO B 1208 -15.08 -33.16 21.92
CA PRO B 1208 -13.89 -33.47 21.13
C PRO B 1208 -13.25 -32.27 20.44
N LEU B 1209 -14.05 -31.25 20.17
CA LEU B 1209 -13.63 -30.09 19.38
C LEU B 1209 -13.02 -29.05 20.31
N ARG B 1210 -11.72 -28.77 20.16
CA ARG B 1210 -10.92 -28.09 21.21
C ARG B 1210 -9.78 -27.18 20.73
N THR B 1211 -9.76 -25.91 21.16
CA THR B 1211 -8.53 -25.12 21.04
C THR B 1211 -7.62 -25.60 22.15
N VAL B 1212 -6.33 -25.50 21.90
CA VAL B 1212 -5.37 -26.15 22.75
C VAL B 1212 -4.17 -25.25 23.10
N ASN B 1213 -3.97 -24.14 22.38
CA ASN B 1213 -2.72 -23.39 22.48
C ASN B 1213 -2.82 -21.88 22.24
N ALA B 1214 -3.99 -21.28 22.50
CA ALA B 1214 -4.13 -19.82 22.32
C ALA B 1214 -3.73 -19.35 20.90
N SER B 1215 -4.13 -20.12 19.91
CA SER B 1215 -3.75 -19.89 18.53
C SER B 1215 -4.95 -19.62 17.63
N SER B 1216 -6.17 -19.66 18.18
CA SER B 1216 -7.38 -19.59 17.36
C SER B 1216 -7.55 -20.82 16.42
N LYS B 1217 -6.86 -21.91 16.72
CA LYS B 1217 -6.84 -23.09 15.87
C LYS B 1217 -7.50 -24.23 16.63
N LYS B 1218 -8.45 -24.92 15.98
CA LYS B 1218 -9.27 -25.92 16.67
C LYS B 1218 -8.95 -27.30 16.14
N TYR B 1219 -8.86 -28.24 17.06
CA TYR B 1219 -8.51 -29.62 16.72
C TYR B 1219 -9.65 -30.52 17.15
N TYR B 1220 -9.58 -31.78 16.73
CA TYR B 1220 -10.57 -32.78 17.14
C TYR B 1220 -9.84 -33.91 17.82
N ILE B 1221 -9.98 -33.98 19.13
CA ILE B 1221 -9.27 -34.97 19.94
C ILE B 1221 -10.30 -35.93 20.53
N LEU B 1222 -10.05 -37.22 20.34
CA LEU B 1222 -10.93 -38.28 20.85
C LEU B 1222 -10.67 -38.49 22.33
N PRO B 1223 -11.48 -39.34 22.98
CA PRO B 1223 -11.16 -39.70 24.37
C PRO B 1223 -9.86 -40.52 24.52
N ASN B 1224 -9.37 -41.15 23.45
CA ASN B 1224 -8.04 -41.80 23.44
C ASN B 1224 -6.89 -40.86 23.64
N GLY B 1225 -7.13 -39.59 23.29
CA GLY B 1225 -6.09 -38.58 23.14
C GLY B 1225 -5.68 -38.42 21.68
N VAL B 1226 -6.26 -39.24 20.79
CA VAL B 1226 -5.90 -39.28 19.38
C VAL B 1226 -6.39 -38.02 18.69
N GLU B 1227 -5.48 -37.31 18.04
CA GLU B 1227 -5.80 -36.07 17.38
C GLU B 1227 -5.94 -36.46 15.92
N ILE B 1228 -7.18 -36.50 15.44
CA ILE B 1228 -7.42 -37.05 14.11
C ILE B 1228 -7.06 -36.07 13.01
N ARG B 1229 -6.67 -36.64 11.87
CA ARG B 1229 -6.13 -35.90 10.76
C ARG B 1229 -6.57 -36.52 9.44
N ASN B 1230 -6.73 -35.64 8.47
CA ASN B 1230 -7.36 -35.98 7.20
C ASN B 1230 -8.62 -36.76 7.46
N SER B 1231 -9.57 -36.13 8.12
CA SER B 1231 -10.69 -36.85 8.68
C SER B 1231 -11.84 -35.94 9.06
N PHE B 1232 -13.07 -36.44 8.94
CA PHE B 1232 -14.27 -35.71 9.36
C PHE B 1232 -14.59 -36.04 10.81
N GLY B 1233 -15.24 -35.09 11.50
CA GLY B 1233 -15.60 -35.22 12.93
C GLY B 1233 -16.94 -34.60 13.32
N GLN B 1234 -17.51 -35.11 14.41
CA GLN B 1234 -18.85 -34.72 14.86
C GLN B 1234 -18.97 -34.23 16.30
N ASP B 1235 -19.81 -33.21 16.37
CA ASP B 1235 -20.47 -32.73 17.58
C ASP B 1235 -21.40 -33.79 18.12
N ILE B 1236 -21.70 -33.67 19.39
CA ILE B 1236 -22.80 -34.40 19.99
C ILE B 1236 -24.14 -33.82 19.52
N GLN B 1237 -24.14 -32.54 19.16
CA GLN B 1237 -25.33 -31.85 18.60
C GLN B 1237 -25.68 -32.29 17.17
N GLY B 1238 -24.71 -32.77 16.41
CA GLY B 1238 -24.96 -33.31 15.06
C GLY B 1238 -24.16 -32.68 13.92
N ASN B 1239 -23.46 -31.58 14.19
CA ASN B 1239 -22.71 -30.91 13.15
C ASN B 1239 -21.49 -31.72 12.75
N THR B 1240 -21.03 -31.55 11.52
CA THR B 1240 -19.82 -32.20 11.02
C THR B 1240 -18.71 -31.17 10.70
N TYR B 1241 -17.47 -31.52 11.04
CA TYR B 1241 -16.30 -30.71 10.70
C TYR B 1241 -15.29 -31.57 9.98
N TYR B 1242 -14.39 -30.93 9.22
CA TYR B 1242 -13.28 -31.66 8.57
C TYR B 1242 -11.95 -31.10 9.07
N PHE B 1243 -10.95 -31.97 9.21
CA PHE B 1243 -9.65 -31.56 9.73
C PHE B 1243 -8.50 -31.96 8.80
N ASP B 1244 -7.75 -30.94 8.36
CA ASP B 1244 -6.77 -31.10 7.31
C ASP B 1244 -5.58 -31.92 7.79
N ALA B 1245 -4.60 -32.09 6.93
CA ALA B 1245 -3.49 -32.99 7.18
C ALA B 1245 -2.73 -32.64 8.43
N ARG B 1246 -2.67 -31.36 8.75
CA ARG B 1246 -2.04 -30.94 10.00
C ARG B 1246 -2.90 -31.26 11.23
N GLY B 1247 -4.21 -31.39 11.00
CA GLY B 1247 -5.18 -31.65 12.06
C GLY B 1247 -6.15 -30.54 12.36
N GLU B 1248 -5.91 -29.34 11.82
CA GLU B 1248 -6.71 -28.15 12.19
C GLU B 1248 -8.02 -28.07 11.42
N MET B 1249 -9.02 -27.56 12.11
CA MET B 1249 -10.36 -27.43 11.55
C MET B 1249 -10.33 -26.56 10.33
N VAL B 1250 -11.19 -26.90 9.39
CA VAL B 1250 -11.29 -26.19 8.12
C VAL B 1250 -12.49 -25.26 8.10
N THR B 1251 -12.32 -24.07 7.53
CA THR B 1251 -13.35 -23.01 7.53
C THR B 1251 -13.47 -22.28 6.19
N SER B 1252 -14.70 -21.84 5.88
CA SER B 1252 -15.04 -21.20 4.61
C SER B 1252 -14.32 -21.89 3.48
N GLN B 1253 -14.71 -23.14 3.24
CA GLN B 1253 -13.96 -24.02 2.34
C GLN B 1253 -14.72 -25.26 1.79
N TYR B 1254 -14.52 -25.54 0.50
CA TYR B 1254 -14.97 -26.78 -0.14
C TYR B 1254 -13.90 -27.87 0.06
N ILE B 1255 -14.35 -29.09 0.33
CA ILE B 1255 -13.46 -30.25 0.50
C ILE B 1255 -13.87 -31.34 -0.45
N SER B 1256 -12.88 -31.88 -1.16
CA SER B 1256 -13.11 -32.94 -2.12
C SER B 1256 -12.82 -34.28 -1.49
N ASP B 1257 -13.70 -35.23 -1.78
CA ASP B 1257 -13.61 -36.55 -1.21
C ASP B 1257 -13.02 -37.49 -2.25
N ASP B 1258 -12.20 -38.41 -1.80
CA ASP B 1258 -11.65 -39.48 -2.66
C ASP B 1258 -12.57 -39.94 -3.81
N THR B 1259 -13.86 -40.12 -3.49
CA THR B 1259 -14.82 -40.59 -4.46
C THR B 1259 -15.48 -39.45 -5.24
N GLN B 1260 -14.89 -38.25 -5.22
CA GLN B 1260 -15.41 -37.07 -5.95
C GLN B 1260 -16.65 -36.43 -5.35
N ASN B 1261 -16.95 -36.73 -4.09
CA ASN B 1261 -17.96 -36.01 -3.34
C ASN B 1261 -17.46 -34.64 -2.91
N ILE B 1262 -18.36 -33.67 -2.79
CA ILE B 1262 -17.99 -32.31 -2.40
C ILE B 1262 -18.72 -31.89 -1.12
N TYR B 1263 -18.02 -31.26 -0.20
CA TYR B 1263 -18.64 -30.77 1.02
C TYR B 1263 -18.17 -29.36 1.29
N TYR B 1264 -19.10 -28.44 1.58
CA TYR B 1264 -18.74 -27.08 1.95
C TYR B 1264 -18.76 -26.93 3.45
N PHE B 1265 -17.73 -26.28 3.98
CA PHE B 1265 -17.63 -25.99 5.40
C PHE B 1265 -17.66 -24.49 5.62
N ASN B 1266 -18.56 -24.06 6.51
CA ASN B 1266 -18.85 -22.63 6.74
C ASN B 1266 -17.76 -21.99 7.55
N ASN B 1267 -17.72 -20.65 7.55
CA ASN B 1267 -16.72 -19.93 8.33
C ASN B 1267 -16.74 -20.45 9.77
N ASP B 1268 -17.95 -20.63 10.24
CA ASP B 1268 -18.29 -21.40 11.42
C ASP B 1268 -17.42 -22.64 11.67
N GLY B 1269 -17.13 -23.36 10.60
CA GLY B 1269 -16.37 -24.61 10.66
C GLY B 1269 -17.28 -25.79 10.42
N THR B 1270 -18.55 -25.60 10.74
CA THR B 1270 -19.60 -26.60 10.52
C THR B 1270 -19.82 -26.91 9.05
N MET B 1271 -20.30 -28.11 8.77
CA MET B 1271 -20.62 -28.48 7.41
C MET B 1271 -21.99 -27.95 7.07
N ALA B 1272 -22.18 -27.68 5.79
CA ALA B 1272 -23.50 -27.38 5.26
C ALA B 1272 -24.15 -28.70 4.84
N LYS B 1273 -25.32 -28.99 5.37
CA LYS B 1273 -26.00 -30.26 5.11
C LYS B 1273 -26.53 -30.34 3.70
N LYS B 1274 -26.63 -31.55 3.18
CA LYS B 1274 -27.13 -31.74 1.83
C LYS B 1274 -28.60 -32.19 1.80
N GLY B 1275 -28.81 -33.50 1.92
CA GLY B 1275 -30.12 -34.11 1.69
C GLY B 1275 -30.53 -34.21 0.23
N GLY B 1276 -29.62 -34.66 -0.66
CA GLY B 1276 -29.87 -34.65 -2.11
C GLY B 1276 -28.59 -34.73 -2.93
#